data_2XLN
#
_entry.id   2XLN
#
_cell.length_a   102.994
_cell.length_b   91.258
_cell.length_c   106.878
_cell.angle_alpha   90.00
_cell.angle_beta   94.46
_cell.angle_gamma   90.00
#
_symmetry.space_group_name_H-M   'P 1 21 1'
#
loop_
_entity.id
_entity.type
_entity.pdbx_description
1 polymer 'D-ALANYL-D-ALANINE CARBOXYPEPTIDASE,'
2 non-polymer '[(1S)-1-{[(2,6-DIMETHOXYPHENYL)CARBONYL]AMINO}ETHYL]BORONIC ACID'
3 non-polymer 'SULFATE ION'
4 non-polymer 'COBALT (II) ION'
5 water water
#
_entity_poly.entity_id   1
_entity_poly.type   'polypeptide(L)'
_entity_poly.pdbx_seq_one_letter_code
;RLTELREDIDAILEDPALEGAVSGVVVVDTATGEELYSRDGGEQLLPASNMKLFTAAAALEVLGADHSFGTEVAAESAPG
RRGEVQDLYLVGRGDPTLSAEDLDAMAAEVAASGVRTVRGDLYADDTWFDSERLVDDWWPEDEPYAYSAQISALTVAHGE
RFDTGVTEVSVTPAAEGEPADVDLGAAEGYAELDNRAVTGAAGSANTLVIDRPVGTNTIAVTGSLPADAAPVTALRTVDE
PAALAGHLFEEALESNGVTVKGDVGLGGVPADWQDAEVLADHTSAELSEILVPFMKFSNNGHAEMLVKSIGQETAGAGTW
DAGLVGVEEALSGLGVDTAGLVLNDGSGLSRGNLVTADTVVDLLGQAGSAPWAQTWSASLPVAGESDPFVGGTLANRMRG
TAAEGVVEAKTGTMSGVSALSGYVPGPEGELAFSIVNNGHSGPAPLAVQDAIAVRLAEYAGHQAPEGARMMRGPVQGSGE
LECSWVQAC
;
_entity_poly.pdbx_strand_id   A,B,C,D
#
# COMPACT_ATOMS: atom_id res chain seq x y z
N ARG A 1 17.29 -91.31 -11.37
CA ARG A 1 17.46 -90.30 -12.47
C ARG A 1 17.54 -88.89 -11.90
N LEU A 2 17.59 -88.79 -10.57
CA LEU A 2 17.75 -87.52 -9.88
C LEU A 2 19.23 -87.14 -9.81
N THR A 3 20.09 -88.13 -9.57
CA THR A 3 21.55 -87.93 -9.47
C THR A 3 22.12 -87.27 -10.72
N GLU A 4 21.63 -87.71 -11.88
CA GLU A 4 22.04 -87.17 -13.18
C GLU A 4 21.62 -85.72 -13.34
N LEU A 5 20.47 -85.36 -12.77
CA LEU A 5 19.99 -83.98 -12.78
C LEU A 5 20.84 -83.07 -11.91
N ARG A 6 21.20 -83.56 -10.72
CA ARG A 6 21.98 -82.77 -9.77
C ARG A 6 23.39 -82.47 -10.31
N GLU A 7 24.01 -83.47 -10.94
CA GLU A 7 25.32 -83.30 -11.56
C GLU A 7 25.30 -82.31 -12.71
N ASP A 8 24.23 -82.36 -13.51
CA ASP A 8 24.04 -81.46 -14.65
C ASP A 8 23.88 -80.00 -14.21
N ILE A 9 23.10 -79.77 -13.15
CA ILE A 9 22.90 -78.43 -12.59
C ILE A 9 24.19 -77.93 -11.89
N ASP A 10 24.84 -78.83 -11.14
CA ASP A 10 26.16 -78.55 -10.55
C ASP A 10 27.14 -77.99 -11.59
N ALA A 11 27.18 -78.65 -12.75
CA ALA A 11 28.09 -78.27 -13.85
C ALA A 11 27.68 -76.97 -14.55
N ILE A 12 26.37 -76.70 -14.63
CA ILE A 12 25.86 -75.46 -15.21
C ILE A 12 26.30 -74.28 -14.36
N LEU A 13 26.24 -74.46 -13.03
CA LEU A 13 26.65 -73.44 -12.07
C LEU A 13 28.18 -73.20 -11.98
N GLU A 14 28.95 -73.99 -12.72
CA GLU A 14 30.42 -73.82 -12.77
C GLU A 14 30.83 -72.77 -13.81
N ASP A 15 29.86 -71.99 -14.29
CA ASP A 15 30.07 -70.99 -15.32
C ASP A 15 31.00 -69.86 -14.84
N PRO A 16 31.96 -69.46 -15.70
CA PRO A 16 32.83 -68.30 -15.44
C PRO A 16 32.06 -66.97 -15.28
N ALA A 17 30.83 -66.93 -15.77
CA ALA A 17 29.96 -65.76 -15.57
C ALA A 17 29.38 -65.70 -14.16
N LEU A 18 29.60 -66.77 -13.39
CA LEU A 18 29.19 -66.84 -11.98
C LEU A 18 30.37 -66.76 -11.00
N GLU A 19 31.56 -66.45 -11.52
CA GLU A 19 32.75 -66.28 -10.69
C GLU A 19 32.57 -65.07 -9.77
N GLY A 20 32.72 -65.27 -8.47
CA GLY A 20 32.53 -64.20 -7.49
C GLY A 20 31.09 -64.01 -7.04
N ALA A 21 30.15 -64.53 -7.83
CA ALA A 21 28.73 -64.44 -7.52
C ALA A 21 28.28 -65.41 -6.44
N VAL A 22 27.18 -65.06 -5.78
CA VAL A 22 26.47 -65.98 -4.90
C VAL A 22 25.14 -66.31 -5.56
N SER A 23 24.79 -67.59 -5.57
CA SER A 23 23.59 -68.05 -6.25
C SER A 23 22.77 -69.01 -5.40
N GLY A 24 21.51 -68.69 -5.22
CA GLY A 24 20.55 -69.57 -4.54
C GLY A 24 19.70 -70.33 -5.54
N VAL A 25 19.81 -71.65 -5.53
CA VAL A 25 19.10 -72.48 -6.50
C VAL A 25 18.31 -73.58 -5.79
N VAL A 26 16.99 -73.51 -5.90
CA VAL A 26 16.10 -74.47 -5.25
C VAL A 26 15.07 -75.01 -6.24
N VAL A 27 15.00 -76.33 -6.34
CA VAL A 27 13.98 -77.00 -7.14
C VAL A 27 13.20 -77.98 -6.27
N VAL A 28 11.88 -77.84 -6.27
CA VAL A 28 11.00 -78.66 -5.45
C VAL A 28 9.86 -79.22 -6.31
N ASP A 29 9.50 -80.48 -6.07
CA ASP A 29 8.32 -81.08 -6.68
C ASP A 29 7.10 -80.66 -5.87
N THR A 30 6.25 -79.83 -6.46
CA THR A 30 5.05 -79.29 -5.80
C THR A 30 3.98 -80.37 -5.55
N ALA A 31 4.00 -81.41 -6.38
CA ALA A 31 3.04 -82.52 -6.26
C ALA A 31 3.31 -83.39 -5.03
N THR A 32 4.57 -83.78 -4.86
CA THR A 32 4.96 -84.70 -3.80
C THR A 32 6.05 -84.16 -2.86
N GLY A 33 6.06 -82.84 -2.67
CA GLY A 33 6.94 -82.17 -1.70
C GLY A 33 8.45 -82.34 -1.85
N GLU A 34 8.89 -83.23 -2.73
CA GLU A 34 10.30 -83.61 -2.80
C GLU A 34 11.21 -82.49 -3.29
N GLU A 35 12.14 -82.11 -2.41
CA GLU A 35 13.18 -81.15 -2.73
C GLU A 35 14.22 -81.84 -3.63
N LEU A 36 14.24 -81.44 -4.89
CA LEU A 36 15.06 -82.09 -5.91
C LEU A 36 16.47 -81.50 -6.00
N TYR A 37 16.58 -80.21 -5.74
CA TYR A 37 17.86 -79.53 -5.72
C TYR A 37 17.85 -78.39 -4.72
N SER A 38 18.93 -78.27 -3.96
CA SER A 38 19.10 -77.19 -2.99
C SER A 38 20.55 -76.75 -2.85
N ARG A 39 20.80 -75.47 -3.16
CA ARG A 39 22.11 -74.85 -3.00
C ARG A 39 21.96 -73.43 -2.47
N ASP A 40 22.45 -73.21 -1.24
CA ASP A 40 22.31 -71.93 -0.54
C ASP A 40 20.85 -71.45 -0.54
N GLY A 41 19.96 -72.36 -0.14
CA GLY A 41 18.52 -72.10 -0.15
C GLY A 41 18.06 -71.04 0.83
N GLY A 42 18.74 -70.95 1.96
CA GLY A 42 18.43 -69.96 3.00
C GLY A 42 19.32 -68.73 2.97
N GLU A 43 20.05 -68.55 1.87
CA GLU A 43 20.93 -67.39 1.71
C GLU A 43 20.14 -66.15 1.29
N GLN A 44 20.27 -65.09 2.07
CA GLN A 44 19.57 -63.83 1.79
C GLN A 44 20.20 -63.09 0.62
N LEU A 45 19.39 -62.83 -0.40
CA LEU A 45 19.87 -62.19 -1.63
C LEU A 45 18.89 -61.15 -2.16
N LEU A 46 19.43 -60.22 -2.95
CA LEU A 46 18.63 -59.25 -3.69
C LEU A 46 17.77 -60.01 -4.71
N PRO A 47 16.45 -59.78 -4.71
CA PRO A 47 15.56 -60.46 -5.67
C PRO A 47 15.39 -59.71 -7.00
N ALA A 48 15.73 -58.42 -7.00
CA ALA A 48 15.26 -57.47 -8.03
C ALA A 48 13.76 -57.69 -8.26
N SER A 49 13.34 -57.88 -9.51
CA SER A 49 11.93 -57.99 -9.85
C SER A 49 11.20 -59.26 -9.41
N ASN A 50 11.93 -60.26 -8.92
CA ASN A 50 11.31 -61.39 -8.20
C ASN A 50 10.52 -60.97 -6.94
N MET A 51 10.78 -59.77 -6.44
CA MET A 51 9.98 -59.18 -5.35
C MET A 51 8.50 -58.96 -5.74
N LYS A 52 8.23 -58.85 -7.05
CA LYS A 52 6.87 -58.73 -7.57
C LYS A 52 6.05 -59.99 -7.35
N LEU A 53 6.71 -61.15 -7.27
CA LEU A 53 6.01 -62.40 -6.94
C LEU A 53 5.29 -62.22 -5.61
N PHE A 54 6.00 -61.73 -4.60
CA PHE A 54 5.45 -61.49 -3.28
C PHE A 54 4.37 -60.42 -3.29
N THR A 55 4.66 -59.28 -3.94
CA THR A 55 3.73 -58.16 -4.11
C THR A 55 2.40 -58.57 -4.76
N ALA A 56 2.49 -59.32 -5.86
CA ALA A 56 1.32 -59.75 -6.63
C ALA A 56 0.45 -60.75 -5.86
N ALA A 57 1.08 -61.70 -5.16
CA ALA A 57 0.36 -62.67 -4.31
C ALA A 57 -0.43 -61.97 -3.20
N ALA A 58 0.22 -60.99 -2.55
CA ALA A 58 -0.40 -60.20 -1.48
C ALA A 58 -1.55 -59.33 -2.00
N ALA A 59 -1.39 -58.78 -3.20
CA ALA A 59 -2.43 -57.98 -3.85
C ALA A 59 -3.69 -58.81 -4.12
N LEU A 60 -3.49 -60.04 -4.60
CA LEU A 60 -4.60 -60.95 -4.82
C LEU A 60 -5.26 -61.35 -3.49
N GLU A 61 -4.45 -61.53 -2.45
CA GLU A 61 -4.99 -61.91 -1.14
C GLU A 61 -5.79 -60.78 -0.53
N VAL A 62 -5.19 -59.59 -0.47
CA VAL A 62 -5.79 -58.40 0.13
C VAL A 62 -6.91 -57.83 -0.73
N LEU A 63 -6.62 -57.52 -1.98
CA LEU A 63 -7.56 -56.81 -2.86
C LEU A 63 -8.57 -57.73 -3.56
N GLY A 64 -8.13 -58.94 -3.91
CA GLY A 64 -8.99 -59.89 -4.59
C GLY A 64 -8.77 -59.78 -6.09
N ALA A 65 -9.01 -60.89 -6.80
CA ALA A 65 -8.83 -60.92 -8.25
C ALA A 65 -9.83 -60.02 -8.99
N ASP A 66 -10.96 -59.77 -8.33
CA ASP A 66 -12.06 -59.00 -8.92
C ASP A 66 -12.00 -57.50 -8.64
N HIS A 67 -10.99 -57.08 -7.87
CA HIS A 67 -10.79 -55.68 -7.49
C HIS A 67 -10.53 -54.79 -8.70
N SER A 68 -11.18 -53.63 -8.71
CA SER A 68 -10.96 -52.62 -9.74
C SER A 68 -10.66 -51.27 -9.11
N PHE A 69 -10.17 -50.32 -9.90
CA PHE A 69 -9.79 -48.99 -9.40
C PHE A 69 -10.62 -47.86 -10.00
N GLY A 70 -10.88 -46.83 -9.20
CA GLY A 70 -11.76 -45.73 -9.60
C GLY A 70 -11.07 -44.39 -9.79
N THR A 71 -11.57 -43.62 -10.74
CA THR A 71 -11.20 -42.22 -10.95
C THR A 71 -12.50 -41.47 -11.16
N GLU A 72 -12.60 -40.26 -10.62
CA GLU A 72 -13.82 -39.46 -10.78
C GLU A 72 -13.54 -37.97 -10.94
N VAL A 73 -14.54 -37.26 -11.44
CA VAL A 73 -14.49 -35.81 -11.62
C VAL A 73 -15.58 -35.17 -10.76
N ALA A 74 -15.19 -34.23 -9.91
CA ALA A 74 -16.12 -33.66 -8.92
C ALA A 74 -16.16 -32.12 -8.92
N ALA A 75 -17.38 -31.58 -8.83
CA ALA A 75 -17.60 -30.16 -8.55
C ALA A 75 -18.43 -30.03 -7.26
N GLU A 76 -18.48 -28.82 -6.70
CA GLU A 76 -19.13 -28.60 -5.40
C GLU A 76 -20.65 -28.69 -5.51
N SER A 77 -21.16 -28.37 -6.69
CA SER A 77 -22.56 -28.58 -7.03
C SER A 77 -22.66 -28.90 -8.52
N ALA A 78 -23.84 -29.37 -8.92
CA ALA A 78 -24.11 -29.65 -10.32
C ALA A 78 -24.13 -28.34 -11.11
N PRO A 79 -23.89 -28.40 -12.44
CA PRO A 79 -24.12 -27.21 -13.27
C PRO A 79 -25.61 -26.83 -13.32
N GLY A 80 -25.89 -25.55 -13.55
CA GLY A 80 -27.27 -25.08 -13.68
C GLY A 80 -27.65 -24.84 -15.14
N ARG A 81 -28.53 -23.85 -15.35
CA ARG A 81 -28.93 -23.43 -16.70
C ARG A 81 -27.75 -22.91 -17.51
N ARG A 82 -26.86 -22.16 -16.84
CA ARG A 82 -25.69 -21.52 -17.45
C ARG A 82 -24.60 -22.52 -17.81
N GLY A 83 -24.69 -23.71 -17.22
CA GLY A 83 -23.65 -24.73 -17.39
C GLY A 83 -22.36 -24.38 -16.65
N GLU A 84 -22.50 -23.80 -15.46
CA GLU A 84 -21.35 -23.28 -14.73
C GLU A 84 -21.02 -24.01 -13.43
N VAL A 85 -19.74 -24.33 -13.29
CA VAL A 85 -19.16 -24.78 -12.03
C VAL A 85 -17.98 -23.85 -11.74
N GLN A 86 -17.56 -23.79 -10.49
CA GLN A 86 -16.41 -23.00 -10.12
C GLN A 86 -15.15 -23.88 -10.24
N ASP A 87 -14.56 -24.32 -9.12
CA ASP A 87 -13.43 -25.25 -9.18
C ASP A 87 -13.88 -26.66 -9.56
N LEU A 88 -12.94 -27.46 -10.06
CA LEU A 88 -13.22 -28.80 -10.54
C LEU A 88 -12.10 -29.73 -10.12
N TYR A 89 -12.45 -30.92 -9.63
CA TYR A 89 -11.43 -31.87 -9.17
C TYR A 89 -11.42 -33.15 -9.98
N LEU A 90 -10.22 -33.54 -10.40
CA LEU A 90 -9.96 -34.87 -10.92
C LEU A 90 -9.38 -35.70 -9.77
N VAL A 91 -10.14 -36.70 -9.32
CA VAL A 91 -9.77 -37.49 -8.15
C VAL A 91 -9.35 -38.89 -8.57
N GLY A 92 -8.09 -39.24 -8.32
CA GLY A 92 -7.58 -40.55 -8.64
C GLY A 92 -7.55 -41.44 -7.40
N ARG A 93 -7.96 -42.70 -7.57
CA ARG A 93 -7.85 -43.68 -6.48
C ARG A 93 -7.07 -44.92 -6.89
N GLY A 94 -5.86 -44.68 -7.39
CA GLY A 94 -4.84 -45.71 -7.56
C GLY A 94 -4.94 -46.59 -8.77
N ASP A 95 -5.59 -46.10 -9.83
CA ASP A 95 -5.69 -46.85 -11.10
C ASP A 95 -4.32 -46.86 -11.81
N PRO A 96 -3.74 -48.07 -11.97
CA PRO A 96 -2.45 -48.17 -12.64
C PRO A 96 -2.54 -48.27 -14.18
N THR A 97 -3.72 -48.04 -14.74
CA THR A 97 -3.97 -48.27 -16.18
C THR A 97 -4.82 -47.17 -16.81
N LEU A 98 -4.73 -45.97 -16.24
CA LEU A 98 -5.59 -44.85 -16.59
C LEU A 98 -5.02 -44.12 -17.81
N SER A 99 -5.72 -44.22 -18.93
CA SER A 99 -5.21 -43.72 -20.22
C SER A 99 -5.70 -42.32 -20.56
N ALA A 100 -5.07 -41.72 -21.56
CA ALA A 100 -5.43 -40.40 -22.06
C ALA A 100 -6.83 -40.44 -22.67
N GLU A 101 -7.17 -41.58 -23.25
CA GLU A 101 -8.50 -41.77 -23.82
C GLU A 101 -9.55 -41.89 -22.74
N ASP A 102 -9.20 -42.51 -21.61
CA ASP A 102 -10.06 -42.54 -20.43
C ASP A 102 -10.34 -41.13 -19.89
N LEU A 103 -9.31 -40.27 -19.92
CA LEU A 103 -9.50 -38.86 -19.59
C LEU A 103 -10.46 -38.15 -20.55
N ASP A 104 -10.41 -38.50 -21.83
CA ASP A 104 -11.31 -37.92 -22.85
C ASP A 104 -12.77 -38.34 -22.65
N ALA A 105 -13.00 -39.60 -22.30
CA ALA A 105 -14.36 -40.11 -22.08
C ALA A 105 -15.01 -39.43 -20.86
N MET A 106 -14.22 -39.24 -19.81
CA MET A 106 -14.63 -38.50 -18.61
C MET A 106 -14.87 -37.02 -18.91
N ALA A 107 -14.07 -36.47 -19.81
CA ALA A 107 -14.23 -35.08 -20.25
C ALA A 107 -15.52 -34.91 -21.06
N ALA A 108 -15.87 -35.95 -21.82
CA ALA A 108 -17.11 -35.99 -22.58
C ALA A 108 -18.31 -36.11 -21.62
N GLU A 109 -18.16 -36.94 -20.58
CA GLU A 109 -19.17 -37.07 -19.52
C GLU A 109 -19.44 -35.74 -18.81
N VAL A 110 -18.36 -34.99 -18.55
CA VAL A 110 -18.47 -33.67 -17.92
C VAL A 110 -19.25 -32.71 -18.82
N ALA A 111 -19.01 -32.78 -20.12
CA ALA A 111 -19.78 -32.03 -21.11
C ALA A 111 -21.25 -32.46 -21.11
N ALA A 112 -21.48 -33.77 -21.20
CA ALA A 112 -22.84 -34.33 -21.25
C ALA A 112 -23.67 -34.07 -19.98
N SER A 113 -23.00 -33.87 -18.85
CA SER A 113 -23.66 -33.54 -17.59
C SER A 113 -24.20 -32.10 -17.60
N GLY A 114 -23.67 -31.28 -18.50
CA GLY A 114 -24.17 -29.92 -18.69
C GLY A 114 -23.13 -28.84 -18.47
N VAL A 115 -21.92 -29.24 -18.10
CA VAL A 115 -20.85 -28.26 -17.86
C VAL A 115 -20.34 -27.68 -19.19
N ARG A 116 -20.25 -26.36 -19.24
CA ARG A 116 -19.77 -25.65 -20.41
C ARG A 116 -18.55 -24.79 -20.04
N THR A 117 -18.60 -24.17 -18.87
CA THR A 117 -17.48 -23.38 -18.37
C THR A 117 -17.08 -23.83 -16.97
N VAL A 118 -15.84 -24.27 -16.83
CA VAL A 118 -15.21 -24.39 -15.52
C VAL A 118 -14.68 -22.98 -15.23
N ARG A 119 -15.39 -22.26 -14.37
CA ARG A 119 -15.11 -20.86 -14.06
C ARG A 119 -13.87 -20.70 -13.19
N GLY A 120 -13.63 -21.69 -12.33
CA GLY A 120 -12.47 -21.66 -11.43
C GLY A 120 -11.25 -22.41 -11.94
N ASP A 121 -10.57 -23.07 -11.02
CA ASP A 121 -9.34 -23.81 -11.32
C ASP A 121 -9.62 -25.31 -11.34
N LEU A 122 -8.85 -26.03 -12.15
CA LEU A 122 -8.92 -27.49 -12.18
C LEU A 122 -7.86 -28.07 -11.29
N TYR A 123 -8.28 -28.89 -10.33
CA TYR A 123 -7.34 -29.51 -9.40
C TYR A 123 -7.14 -30.99 -9.64
N ALA A 124 -5.88 -31.42 -9.49
CA ALA A 124 -5.51 -32.81 -9.58
C ALA A 124 -5.34 -33.37 -8.18
N ASP A 125 -6.30 -34.22 -7.79
CA ASP A 125 -6.36 -34.80 -6.45
C ASP A 125 -5.82 -36.24 -6.43
N ASP A 126 -4.68 -36.43 -5.78
CA ASP A 126 -4.06 -37.76 -5.63
C ASP A 126 -3.83 -38.14 -4.16
N THR A 127 -4.67 -37.58 -3.27
CA THR A 127 -4.46 -37.65 -1.82
C THR A 127 -4.83 -39.00 -1.20
N TRP A 128 -5.38 -39.89 -2.02
CA TRP A 128 -5.68 -41.29 -1.71
C TRP A 128 -4.42 -42.10 -1.35
N PHE A 129 -3.31 -41.75 -1.99
CA PHE A 129 -1.99 -42.23 -1.56
C PHE A 129 -1.33 -41.01 -0.93
N ASP A 130 -0.20 -41.21 -0.24
CA ASP A 130 0.58 -40.07 0.24
C ASP A 130 1.36 -39.43 -0.91
N SER A 131 2.03 -38.31 -0.64
CA SER A 131 2.81 -37.64 -1.66
C SER A 131 4.30 -38.07 -1.67
N GLU A 132 4.59 -39.25 -1.13
CA GLU A 132 5.96 -39.76 -1.14
C GLU A 132 6.20 -40.44 -2.47
N ARG A 133 6.91 -39.74 -3.35
CA ARG A 133 7.02 -40.09 -4.76
C ARG A 133 7.96 -41.24 -5.02
N LEU A 134 9.04 -41.31 -4.26
CA LEU A 134 10.11 -42.29 -4.50
C LEU A 134 10.46 -43.00 -3.21
N VAL A 135 10.88 -44.25 -3.31
CA VAL A 135 11.39 -44.98 -2.14
C VAL A 135 12.74 -44.40 -1.72
N ASP A 136 12.95 -44.34 -0.42
CA ASP A 136 14.17 -43.85 0.20
C ASP A 136 15.45 -44.18 -0.56
N ASP A 137 15.73 -45.48 -0.70
CA ASP A 137 17.04 -45.92 -1.18
C ASP A 137 17.12 -46.13 -2.70
N TRP A 138 16.10 -45.68 -3.44
CA TRP A 138 16.14 -45.63 -4.90
C TRP A 138 17.15 -44.57 -5.34
N TRP A 139 17.66 -44.69 -6.56
CA TRP A 139 18.76 -43.84 -7.01
C TRP A 139 18.30 -42.62 -7.83
N PRO A 140 18.64 -41.41 -7.36
CA PRO A 140 18.36 -40.15 -8.10
C PRO A 140 18.69 -40.21 -9.60
N GLU A 141 19.77 -40.88 -9.96
CA GLU A 141 20.17 -41.01 -11.36
C GLU A 141 19.26 -41.91 -12.22
N ASP A 142 18.48 -42.76 -11.56
CA ASP A 142 17.43 -43.58 -12.20
C ASP A 142 16.18 -42.78 -12.57
N GLU A 143 15.98 -41.65 -11.90
CA GLU A 143 14.75 -40.85 -12.02
C GLU A 143 14.20 -40.54 -13.44
N PRO A 144 15.09 -40.19 -14.41
CA PRO A 144 14.51 -39.90 -15.73
C PRO A 144 13.80 -41.07 -16.40
N TYR A 145 14.04 -42.30 -15.92
CA TYR A 145 13.66 -43.53 -16.64
C TYR A 145 12.41 -44.18 -16.10
N ALA A 146 11.61 -44.72 -17.02
CA ALA A 146 10.25 -45.24 -16.77
C ALA A 146 10.14 -46.15 -15.56
N TYR A 147 11.20 -46.90 -15.27
CA TYR A 147 11.19 -47.85 -14.15
C TYR A 147 11.37 -47.17 -12.80
N SER A 148 11.64 -45.86 -12.82
CA SER A 148 11.76 -45.04 -11.60
C SER A 148 10.76 -43.87 -11.62
N ALA A 149 9.60 -44.08 -12.22
CA ALA A 149 8.55 -43.06 -12.27
C ALA A 149 7.97 -42.81 -10.88
N GLN A 150 7.65 -41.55 -10.60
CA GLN A 150 7.08 -41.15 -9.32
C GLN A 150 5.75 -41.86 -9.06
N ILE A 151 5.48 -42.14 -7.80
CA ILE A 151 4.30 -42.90 -7.41
C ILE A 151 3.19 -41.95 -6.98
N SER A 152 2.01 -42.13 -7.59
CA SER A 152 0.83 -41.31 -7.29
C SER A 152 -0.47 -42.11 -7.42
N ALA A 153 -1.49 -41.67 -6.71
CA ALA A 153 -2.83 -42.26 -6.83
C ALA A 153 -3.48 -41.82 -8.14
N LEU A 154 -3.03 -40.67 -8.66
CA LEU A 154 -3.49 -40.14 -9.92
C LEU A 154 -2.34 -40.09 -10.91
N THR A 155 -2.31 -41.06 -11.81
CA THR A 155 -1.28 -41.09 -12.83
C THR A 155 -1.81 -41.58 -14.18
N VAL A 156 -1.30 -40.99 -15.24
CA VAL A 156 -1.62 -41.41 -16.61
C VAL A 156 -0.64 -42.47 -17.10
N ALA A 157 -1.18 -43.59 -17.55
CA ALA A 157 -0.44 -44.74 -18.05
C ALA A 157 -0.35 -44.68 -19.59
N HIS A 158 0.85 -44.87 -20.11
CA HIS A 158 1.10 -44.80 -21.55
C HIS A 158 1.06 -46.17 -22.23
N GLY A 159 0.37 -46.23 -23.36
CA GLY A 159 0.34 -47.41 -24.25
C GLY A 159 -0.34 -48.66 -23.71
N GLU A 160 -0.33 -49.71 -24.53
CA GLU A 160 -0.83 -51.06 -24.19
C GLU A 160 -0.30 -51.60 -22.87
N ARG A 161 0.94 -51.23 -22.54
CA ARG A 161 1.66 -51.81 -21.41
C ARG A 161 1.44 -51.06 -20.10
N PHE A 162 0.81 -49.88 -20.21
CA PHE A 162 0.46 -49.02 -19.06
C PHE A 162 1.69 -48.61 -18.24
N ASP A 163 2.63 -47.96 -18.92
CA ASP A 163 3.77 -47.34 -18.27
C ASP A 163 3.32 -46.00 -17.69
N THR A 164 3.34 -45.90 -16.36
CA THR A 164 2.78 -44.76 -15.65
C THR A 164 3.81 -43.64 -15.41
N GLY A 165 3.30 -42.43 -15.18
CA GLY A 165 4.13 -41.28 -14.81
C GLY A 165 5.20 -40.91 -15.81
N VAL A 166 4.98 -41.27 -17.08
CA VAL A 166 5.93 -40.99 -18.15
C VAL A 166 5.27 -40.29 -19.35
N THR A 167 6.09 -39.61 -20.13
CA THR A 167 5.71 -39.13 -21.44
C THR A 167 6.61 -39.78 -22.50
N GLU A 168 6.11 -39.87 -23.71
CA GLU A 168 6.91 -40.37 -24.82
C GLU A 168 7.55 -39.23 -25.61
N VAL A 169 8.88 -39.18 -25.56
CA VAL A 169 9.64 -38.17 -26.28
C VAL A 169 10.04 -38.74 -27.64
N SER A 170 9.76 -37.99 -28.71
CA SER A 170 10.18 -38.39 -30.05
C SER A 170 11.14 -37.36 -30.63
N VAL A 171 12.33 -37.82 -31.03
CA VAL A 171 13.34 -36.96 -31.60
C VAL A 171 13.59 -37.29 -33.08
N THR A 172 13.45 -36.28 -33.93
CA THR A 172 13.39 -36.44 -35.38
C THR A 172 14.45 -35.55 -36.01
N PRO A 173 15.21 -36.10 -36.97
CA PRO A 173 16.23 -35.23 -37.57
C PRO A 173 15.60 -34.20 -38.51
N ALA A 174 16.31 -33.10 -38.73
CA ALA A 174 15.91 -32.09 -39.71
C ALA A 174 16.95 -32.10 -40.82
N ALA A 175 17.31 -30.93 -41.34
CA ALA A 175 18.45 -30.83 -42.23
C ALA A 175 19.74 -30.80 -41.40
N GLU A 176 20.83 -31.32 -41.96
CA GLU A 176 22.10 -31.28 -41.28
C GLU A 176 22.41 -29.85 -40.84
N GLY A 177 22.72 -29.69 -39.55
CA GLY A 177 23.09 -28.40 -39.00
C GLY A 177 21.93 -27.69 -38.31
N GLU A 178 20.71 -28.00 -38.73
CA GLU A 178 19.51 -27.53 -38.07
C GLU A 178 19.32 -28.35 -36.80
N PRO A 179 18.66 -27.76 -35.78
CA PRO A 179 18.27 -28.50 -34.58
C PRO A 179 17.41 -29.71 -34.94
N ALA A 180 17.54 -30.78 -34.19
CA ALA A 180 16.62 -31.90 -34.29
C ALA A 180 15.27 -31.47 -33.69
N ASP A 181 14.18 -31.99 -34.26
CA ASP A 181 12.85 -31.76 -33.70
C ASP A 181 12.63 -32.67 -32.51
N VAL A 182 12.28 -32.06 -31.38
CA VAL A 182 11.88 -32.82 -30.19
C VAL A 182 10.37 -32.65 -29.95
N ASP A 183 9.70 -33.79 -29.84
CA ASP A 183 8.28 -33.86 -29.55
C ASP A 183 8.19 -34.48 -28.17
N LEU A 184 7.69 -33.72 -27.19
CA LEU A 184 7.63 -34.16 -25.78
C LEU A 184 6.45 -35.08 -25.41
N GLY A 185 5.65 -35.49 -26.40
CA GLY A 185 4.46 -36.31 -26.15
C GLY A 185 3.42 -35.61 -25.30
N ALA A 186 2.69 -36.40 -24.50
CA ALA A 186 1.68 -35.91 -23.56
C ALA A 186 2.13 -34.74 -22.66
N ALA A 187 3.41 -34.69 -22.32
CA ALA A 187 3.95 -33.63 -21.45
C ALA A 187 4.19 -32.28 -22.13
N GLU A 188 3.90 -32.17 -23.44
CA GLU A 188 3.90 -30.88 -24.13
C GLU A 188 3.08 -29.87 -23.34
N GLY A 189 3.63 -28.67 -23.15
CA GLY A 189 2.97 -27.63 -22.35
C GLY A 189 2.92 -27.91 -20.85
N TYR A 190 3.54 -28.99 -20.43
CA TYR A 190 3.65 -29.35 -19.02
C TYR A 190 5.12 -29.33 -18.59
N ALA A 191 5.92 -30.24 -19.14
CA ALA A 191 7.35 -30.29 -18.88
C ALA A 191 8.05 -29.21 -19.68
N GLU A 192 9.20 -28.76 -19.18
CA GLU A 192 10.04 -27.81 -19.91
C GLU A 192 10.93 -28.53 -20.93
N LEU A 193 11.26 -27.83 -22.02
CA LEU A 193 12.15 -28.37 -23.04
C LEU A 193 13.47 -27.63 -23.09
N ASP A 194 14.57 -28.37 -22.95
CA ASP A 194 15.90 -27.85 -23.22
C ASP A 194 16.55 -28.62 -24.38
N ASN A 195 16.25 -28.19 -25.61
CA ASN A 195 16.78 -28.84 -26.80
C ASN A 195 18.12 -28.24 -27.24
N ARG A 196 19.18 -29.00 -27.04
CA ARG A 196 20.52 -28.63 -27.51
C ARG A 196 20.98 -29.58 -28.61
N ALA A 197 20.09 -30.50 -28.99
CA ALA A 197 20.39 -31.51 -30.02
C ALA A 197 20.37 -30.93 -31.44
N VAL A 198 21.29 -31.43 -32.26
CA VAL A 198 21.46 -30.98 -33.63
C VAL A 198 21.30 -32.18 -34.57
N THR A 199 21.05 -31.91 -35.84
CA THR A 199 21.01 -32.97 -36.83
C THR A 199 22.39 -33.06 -37.43
N GLY A 200 22.99 -34.24 -37.32
CA GLY A 200 24.29 -34.48 -37.92
C GLY A 200 24.15 -34.92 -39.36
N ALA A 201 25.29 -34.95 -40.06
CA ALA A 201 25.34 -35.40 -41.45
C ALA A 201 24.77 -36.79 -41.60
N ALA A 202 24.11 -37.04 -42.74
CA ALA A 202 23.74 -38.40 -43.16
C ALA A 202 24.92 -39.34 -42.93
N GLY A 203 24.65 -40.44 -42.22
CA GLY A 203 25.68 -41.44 -41.93
C GLY A 203 26.50 -41.21 -40.68
N SER A 204 26.46 -40.00 -40.12
CA SER A 204 27.19 -39.68 -38.90
C SER A 204 26.69 -40.51 -37.71
N ALA A 205 27.43 -40.48 -36.61
CA ALA A 205 27.12 -41.30 -35.45
C ALA A 205 26.01 -40.68 -34.60
N ASN A 206 25.06 -41.53 -34.21
CA ASN A 206 23.98 -41.16 -33.30
C ASN A 206 24.50 -41.08 -31.87
N THR A 207 24.47 -39.88 -31.30
CA THR A 207 25.05 -39.60 -29.98
C THR A 207 24.02 -38.90 -29.10
N LEU A 208 22.76 -39.13 -29.44
CA LEU A 208 21.66 -38.41 -28.83
C LEU A 208 21.35 -38.92 -27.43
N VAL A 209 21.26 -38.00 -26.49
CA VAL A 209 20.93 -38.33 -25.11
C VAL A 209 19.69 -37.53 -24.71
N ILE A 210 18.73 -38.23 -24.11
CA ILE A 210 17.54 -37.60 -23.55
C ILE A 210 17.56 -37.82 -22.03
N ASP A 211 17.40 -36.75 -21.27
CA ASP A 211 17.54 -36.78 -19.81
C ASP A 211 16.51 -35.84 -19.18
N ARG A 212 16.17 -36.10 -17.92
CA ARG A 212 15.44 -35.14 -17.09
C ARG A 212 16.33 -34.82 -15.87
N PRO A 213 17.04 -33.67 -15.90
CA PRO A 213 17.98 -33.39 -14.81
C PRO A 213 17.30 -33.46 -13.45
N VAL A 214 18.05 -33.95 -12.44
CA VAL A 214 17.49 -34.22 -11.12
C VAL A 214 16.91 -32.97 -10.47
N GLY A 215 15.70 -33.11 -9.93
CA GLY A 215 15.04 -32.00 -9.24
C GLY A 215 14.41 -31.00 -10.19
N THR A 216 14.37 -31.33 -11.48
CA THR A 216 13.71 -30.48 -12.48
C THR A 216 12.59 -31.25 -13.19
N ASN A 217 11.69 -30.49 -13.81
CA ASN A 217 10.71 -31.02 -14.76
C ASN A 217 11.08 -30.59 -16.18
N THR A 218 12.38 -30.60 -16.46
CA THR A 218 12.91 -30.21 -17.77
C THR A 218 13.43 -31.44 -18.51
N ILE A 219 13.02 -31.61 -19.77
CA ILE A 219 13.58 -32.65 -20.63
C ILE A 219 14.72 -32.04 -21.43
N ALA A 220 15.93 -32.53 -21.17
CA ALA A 220 17.12 -31.99 -21.80
C ALA A 220 17.62 -32.93 -22.88
N VAL A 221 17.62 -32.44 -24.11
CA VAL A 221 18.11 -33.23 -25.23
C VAL A 221 19.46 -32.69 -25.70
N THR A 222 20.46 -33.56 -25.66
CA THR A 222 21.79 -33.21 -26.15
C THR A 222 22.23 -34.20 -27.22
N GLY A 223 23.35 -33.91 -27.87
CA GLY A 223 23.93 -34.80 -28.88
C GLY A 223 23.48 -34.56 -30.30
N SER A 224 23.74 -35.56 -31.15
CA SER A 224 23.48 -35.47 -32.59
C SER A 224 22.67 -36.64 -33.08
N LEU A 225 21.67 -36.34 -33.91
CA LEU A 225 20.97 -37.34 -34.69
C LEU A 225 21.37 -37.15 -36.15
N PRO A 226 21.87 -38.22 -36.81
CA PRO A 226 22.17 -38.07 -38.25
C PRO A 226 20.92 -37.82 -39.09
N ALA A 227 21.09 -37.14 -40.23
CA ALA A 227 19.98 -36.76 -41.09
C ALA A 227 19.18 -37.96 -41.60
N ASP A 228 19.86 -39.09 -41.81
CA ASP A 228 19.21 -40.32 -42.29
C ASP A 228 18.79 -41.28 -41.19
N ALA A 229 18.88 -40.85 -39.94
CA ALA A 229 18.48 -41.70 -38.81
C ALA A 229 16.97 -41.76 -38.70
N ALA A 230 16.48 -42.92 -38.25
CA ALA A 230 15.07 -43.09 -37.93
C ALA A 230 14.74 -42.28 -36.68
N PRO A 231 13.48 -41.83 -36.52
CA PRO A 231 13.10 -41.15 -35.27
C PRO A 231 13.43 -41.98 -34.03
N VAL A 232 13.88 -41.30 -32.99
CA VAL A 232 14.22 -41.92 -31.72
C VAL A 232 13.09 -41.64 -30.74
N THR A 233 12.54 -42.70 -30.14
CA THR A 233 11.55 -42.53 -29.07
C THR A 233 11.99 -43.17 -27.77
N ALA A 234 11.84 -42.40 -26.69
CA ALA A 234 12.17 -42.87 -25.35
C ALA A 234 11.08 -42.46 -24.38
N LEU A 235 10.73 -43.36 -23.48
CA LEU A 235 9.84 -43.02 -22.38
C LEU A 235 10.66 -42.32 -21.29
N ARG A 236 10.19 -41.15 -20.88
CA ARG A 236 10.87 -40.38 -19.83
C ARG A 236 9.83 -39.91 -18.82
N THR A 237 10.16 -40.04 -17.54
CA THR A 237 9.25 -39.66 -16.46
C THR A 237 9.05 -38.15 -16.44
N VAL A 238 7.97 -37.71 -15.80
CA VAL A 238 7.75 -36.30 -15.49
C VAL A 238 7.70 -36.09 -13.97
N ASP A 239 7.99 -34.87 -13.52
CA ASP A 239 7.73 -34.51 -12.14
C ASP A 239 6.21 -34.33 -11.93
N GLU A 240 5.73 -34.80 -10.78
CA GLU A 240 4.31 -34.72 -10.40
C GLU A 240 3.34 -35.34 -11.43
N PRO A 241 3.26 -36.68 -11.44
CA PRO A 241 2.37 -37.40 -12.36
C PRO A 241 0.92 -36.90 -12.36
N ALA A 242 0.40 -36.51 -11.20
CA ALA A 242 -1.01 -36.09 -11.11
C ALA A 242 -1.25 -34.75 -11.81
N ALA A 243 -0.24 -33.88 -11.77
CA ALA A 243 -0.29 -32.57 -12.41
C ALA A 243 -0.26 -32.66 -13.94
N LEU A 244 0.46 -33.64 -14.49
CA LEU A 244 0.37 -33.97 -15.91
C LEU A 244 -1.03 -34.50 -16.26
N ALA A 245 -1.57 -35.38 -15.40
CA ALA A 245 -2.94 -35.88 -15.54
C ALA A 245 -3.95 -34.73 -15.53
N GLY A 246 -3.76 -33.78 -14.63
CA GLY A 246 -4.54 -32.55 -14.60
C GLY A 246 -4.38 -31.72 -15.86
N HIS A 247 -3.14 -31.53 -16.29
CA HIS A 247 -2.80 -30.87 -17.56
C HIS A 247 -3.50 -31.52 -18.78
N LEU A 248 -3.38 -32.84 -18.90
CA LEU A 248 -4.01 -33.60 -19.98
C LEU A 248 -5.55 -33.60 -19.93
N PHE A 249 -6.11 -33.46 -18.73
CA PHE A 249 -7.56 -33.41 -18.56
C PHE A 249 -8.15 -32.05 -18.98
N GLU A 250 -7.42 -30.97 -18.69
CA GLU A 250 -7.78 -29.63 -19.11
C GLU A 250 -7.89 -29.58 -20.64
N GLU A 251 -6.97 -30.29 -21.31
CA GLU A 251 -6.99 -30.43 -22.75
C GLU A 251 -8.17 -31.29 -23.20
N ALA A 252 -8.38 -32.42 -22.51
CA ALA A 252 -9.52 -33.30 -22.80
C ALA A 252 -10.85 -32.54 -22.72
N LEU A 253 -11.02 -31.74 -21.65
CA LEU A 253 -12.19 -30.87 -21.44
C LEU A 253 -12.37 -29.82 -22.53
N GLU A 254 -11.28 -29.17 -22.92
CA GLU A 254 -11.28 -28.16 -23.97
C GLU A 254 -11.67 -28.77 -25.31
N SER A 255 -11.12 -29.96 -25.59
CA SER A 255 -11.42 -30.73 -26.79
C SER A 255 -12.87 -31.27 -26.78
N ASN A 256 -13.52 -31.19 -25.62
CA ASN A 256 -14.91 -31.63 -25.47
C ASN A 256 -15.88 -30.49 -25.16
N GLY A 257 -15.49 -29.28 -25.56
CA GLY A 257 -16.36 -28.10 -25.53
C GLY A 257 -16.50 -27.41 -24.19
N VAL A 258 -15.65 -27.78 -23.23
CA VAL A 258 -15.66 -27.22 -21.87
C VAL A 258 -14.48 -26.26 -21.70
N THR A 259 -14.79 -25.00 -21.40
CA THR A 259 -13.76 -23.96 -21.27
C THR A 259 -13.26 -23.91 -19.81
N VAL A 260 -11.95 -23.87 -19.64
CA VAL A 260 -11.35 -23.76 -18.31
C VAL A 260 -10.67 -22.42 -18.19
N LYS A 261 -11.23 -21.56 -17.34
CA LYS A 261 -10.81 -20.16 -17.22
C LYS A 261 -9.57 -19.98 -16.32
N GLY A 262 -9.43 -20.86 -15.34
CA GLY A 262 -8.38 -20.72 -14.33
C GLY A 262 -7.14 -21.56 -14.55
N ASP A 263 -6.46 -21.87 -13.44
CA ASP A 263 -5.18 -22.57 -13.48
C ASP A 263 -5.32 -24.06 -13.20
N VAL A 264 -4.27 -24.81 -13.52
CA VAL A 264 -4.20 -26.24 -13.19
C VAL A 264 -3.11 -26.47 -12.15
N GLY A 265 -3.42 -27.27 -11.13
CA GLY A 265 -2.45 -27.66 -10.11
C GLY A 265 -2.91 -28.82 -9.26
N LEU A 266 -2.13 -29.12 -8.22
CA LEU A 266 -2.51 -30.14 -7.24
C LEU A 266 -3.38 -29.53 -6.15
N GLY A 267 -4.30 -30.34 -5.64
CA GLY A 267 -5.16 -29.96 -4.53
C GLY A 267 -6.12 -31.10 -4.26
N GLY A 268 -6.47 -31.29 -2.99
CA GLY A 268 -7.46 -32.28 -2.60
C GLY A 268 -8.84 -31.66 -2.47
N VAL A 269 -9.88 -32.46 -2.69
CA VAL A 269 -11.26 -32.01 -2.51
C VAL A 269 -11.39 -31.43 -1.10
N PRO A 270 -11.82 -30.15 -1.00
CA PRO A 270 -11.87 -29.50 0.31
C PRO A 270 -12.81 -30.23 1.28
N ALA A 271 -12.38 -30.33 2.53
CA ALA A 271 -13.23 -30.81 3.63
C ALA A 271 -14.55 -30.03 3.70
N ASP A 272 -14.50 -28.77 3.28
CA ASP A 272 -15.66 -27.87 3.17
C ASP A 272 -16.83 -28.42 2.37
N TRP A 273 -16.51 -29.18 1.32
CA TRP A 273 -17.50 -29.63 0.35
C TRP A 273 -18.50 -30.57 1.01
N GLN A 274 -19.75 -30.12 1.06
CA GLN A 274 -20.78 -30.84 1.80
C GLN A 274 -21.29 -32.07 1.05
N ASP A 275 -21.45 -31.93 -0.27
CA ASP A 275 -21.96 -33.01 -1.12
C ASP A 275 -21.38 -32.87 -2.52
N ALA A 276 -20.11 -33.25 -2.68
CA ALA A 276 -19.45 -33.20 -3.98
C ALA A 276 -20.34 -33.84 -5.06
N GLU A 277 -20.53 -33.13 -6.16
CA GLU A 277 -21.28 -33.66 -7.28
C GLU A 277 -20.30 -34.36 -8.23
N VAL A 278 -20.45 -35.68 -8.36
CA VAL A 278 -19.59 -36.45 -9.24
C VAL A 278 -20.17 -36.33 -10.65
N LEU A 279 -19.39 -35.72 -11.55
CA LEU A 279 -19.84 -35.41 -12.90
C LEU A 279 -19.27 -36.37 -13.94
N ALA A 280 -18.32 -37.20 -13.52
CA ALA A 280 -17.72 -38.23 -14.37
C ALA A 280 -16.93 -39.23 -13.53
N ASP A 281 -16.90 -40.48 -14.00
CA ASP A 281 -16.08 -41.53 -13.39
C ASP A 281 -15.53 -42.51 -14.43
N HIS A 282 -14.52 -43.27 -14.03
CA HIS A 282 -13.99 -44.37 -14.81
C HIS A 282 -13.64 -45.53 -13.89
N THR A 283 -13.85 -46.74 -14.38
CA THR A 283 -13.49 -47.96 -13.67
C THR A 283 -12.50 -48.75 -14.52
N SER A 284 -11.43 -49.21 -13.88
CA SER A 284 -10.44 -50.03 -14.54
C SER A 284 -10.93 -51.47 -14.74
N ALA A 285 -10.19 -52.22 -15.55
CA ALA A 285 -10.29 -53.68 -15.55
C ALA A 285 -9.99 -54.22 -14.15
N GLU A 286 -10.36 -55.46 -13.92
CA GLU A 286 -10.14 -56.06 -12.63
C GLU A 286 -8.67 -56.47 -12.49
N LEU A 287 -8.22 -56.59 -11.25
CA LEU A 287 -6.80 -56.85 -10.95
C LEU A 287 -6.23 -58.09 -11.66
N SER A 288 -7.04 -59.14 -11.78
CA SER A 288 -6.69 -60.35 -12.54
C SER A 288 -6.15 -60.04 -13.94
N GLU A 289 -6.80 -59.11 -14.62
CA GLU A 289 -6.35 -58.69 -15.95
C GLU A 289 -5.20 -57.70 -15.90
N ILE A 290 -5.23 -56.81 -14.89
CA ILE A 290 -4.16 -55.84 -14.66
C ILE A 290 -2.81 -56.53 -14.35
N LEU A 291 -2.87 -57.73 -13.78
CA LEU A 291 -1.66 -58.52 -13.48
C LEU A 291 -0.79 -58.85 -14.70
N VAL A 292 -1.43 -59.07 -15.85
CA VAL A 292 -0.70 -59.40 -17.09
C VAL A 292 0.38 -58.37 -17.47
N PRO A 293 -0.01 -57.14 -17.86
CA PRO A 293 1.05 -56.17 -18.24
C PRO A 293 2.01 -55.86 -17.09
N PHE A 294 1.50 -55.98 -15.87
CA PHE A 294 2.30 -55.81 -14.66
C PHE A 294 3.42 -56.86 -14.55
N MET A 295 3.06 -58.14 -14.60
CA MET A 295 4.04 -59.22 -14.39
C MET A 295 4.80 -59.64 -15.63
N LYS A 296 4.18 -59.53 -16.80
CA LYS A 296 4.83 -59.95 -18.05
C LYS A 296 6.02 -59.07 -18.39
N PHE A 297 5.82 -57.76 -18.23
CA PHE A 297 6.82 -56.75 -18.57
C PHE A 297 7.51 -56.16 -17.34
N SER A 298 7.10 -56.62 -16.16
CA SER A 298 7.77 -56.25 -14.92
C SER A 298 7.61 -54.74 -14.64
N ASN A 299 6.36 -54.32 -14.46
CA ASN A 299 6.01 -52.91 -14.24
C ASN A 299 6.20 -52.46 -12.79
N ASN A 300 7.18 -51.60 -12.57
CA ASN A 300 7.54 -51.12 -11.23
C ASN A 300 6.45 -50.24 -10.63
N GLY A 301 5.92 -49.32 -11.44
CA GLY A 301 4.85 -48.44 -11.01
C GLY A 301 3.65 -49.21 -10.50
N HIS A 302 3.24 -50.23 -11.24
CA HIS A 302 2.09 -51.07 -10.86
C HIS A 302 2.31 -51.68 -9.48
N ALA A 303 3.50 -52.22 -9.26
CA ALA A 303 3.87 -52.83 -7.99
C ALA A 303 3.71 -51.90 -6.78
N GLU A 304 4.32 -50.72 -6.87
CA GLU A 304 4.29 -49.73 -5.78
C GLU A 304 2.91 -49.16 -5.51
N MET A 305 2.15 -48.92 -6.59
CA MET A 305 0.75 -48.52 -6.50
C MET A 305 -0.09 -49.59 -5.81
N LEU A 306 0.10 -50.85 -6.22
CA LEU A 306 -0.58 -51.99 -5.58
C LEU A 306 -0.21 -52.10 -4.11
N VAL A 307 1.06 -51.82 -3.78
CA VAL A 307 1.51 -51.81 -2.39
C VAL A 307 0.72 -50.81 -1.54
N LYS A 308 0.65 -49.57 -2.02
CA LYS A 308 -0.08 -48.49 -1.37
C LYS A 308 -1.60 -48.69 -1.41
N SER A 309 -2.10 -49.36 -2.46
CA SER A 309 -3.49 -49.79 -2.48
C SER A 309 -3.77 -50.79 -1.35
N ILE A 310 -2.84 -51.72 -1.13
CA ILE A 310 -2.94 -52.67 0.00
C ILE A 310 -3.01 -51.92 1.34
N GLY A 311 -2.18 -50.89 1.48
CA GLY A 311 -2.15 -50.04 2.67
C GLY A 311 -3.46 -49.32 2.89
N GLN A 312 -4.11 -48.93 1.80
CA GLN A 312 -5.47 -48.37 1.87
C GLN A 312 -6.48 -49.42 2.32
N GLU A 313 -6.47 -50.58 1.68
CA GLU A 313 -7.39 -51.66 2.04
C GLU A 313 -7.27 -52.09 3.49
N THR A 314 -6.05 -52.37 3.94
CA THR A 314 -5.85 -52.92 5.29
C THR A 314 -5.98 -51.87 6.41
N ALA A 315 -5.70 -50.60 6.08
CA ALA A 315 -5.40 -49.57 7.07
C ALA A 315 -5.87 -48.14 6.73
N GLY A 316 -6.44 -47.96 5.54
CA GLY A 316 -6.87 -46.62 5.12
C GLY A 316 -5.71 -45.65 4.99
N ALA A 317 -4.55 -46.15 4.56
CA ALA A 317 -3.34 -45.34 4.44
C ALA A 317 -2.53 -45.74 3.20
N GLY A 318 -2.61 -44.91 2.15
CA GLY A 318 -1.90 -45.14 0.89
C GLY A 318 -0.41 -44.87 1.03
N THR A 319 0.27 -45.80 1.67
CA THR A 319 1.57 -45.57 2.27
C THR A 319 2.45 -46.81 2.05
N TRP A 320 3.76 -46.61 1.90
CA TRP A 320 4.70 -47.73 1.79
C TRP A 320 4.83 -48.51 3.10
N ASP A 321 4.91 -47.80 4.23
CA ASP A 321 5.07 -48.42 5.55
C ASP A 321 3.91 -49.38 5.86
N ALA A 322 2.70 -48.89 5.64
CA ALA A 322 1.48 -49.67 5.84
C ALA A 322 1.35 -50.77 4.81
N GLY A 323 1.59 -50.43 3.55
CA GLY A 323 1.49 -51.38 2.44
C GLY A 323 2.44 -52.56 2.55
N LEU A 324 3.68 -52.30 2.98
CA LEU A 324 4.68 -53.36 3.11
C LEU A 324 4.39 -54.33 4.27
N VAL A 325 3.97 -53.79 5.41
CA VAL A 325 3.46 -54.61 6.51
C VAL A 325 2.25 -55.41 6.04
N GLY A 326 1.36 -54.75 5.29
CA GLY A 326 0.25 -55.40 4.59
C GLY A 326 0.67 -56.57 3.73
N VAL A 327 1.71 -56.40 2.92
CA VAL A 327 2.25 -57.48 2.09
C VAL A 327 2.77 -58.64 2.96
N GLU A 328 3.52 -58.31 4.01
CA GLU A 328 4.11 -59.31 4.90
C GLU A 328 3.03 -60.11 5.61
N GLU A 329 2.05 -59.41 6.19
CA GLU A 329 0.92 -60.06 6.84
C GLU A 329 0.12 -60.97 5.90
N ALA A 330 -0.15 -60.48 4.69
CA ALA A 330 -0.85 -61.26 3.68
C ALA A 330 -0.09 -62.54 3.30
N LEU A 331 1.23 -62.43 3.18
CA LEU A 331 2.05 -63.59 2.85
C LEU A 331 2.02 -64.64 3.99
N SER A 332 2.01 -64.17 5.24
CA SER A 332 1.89 -65.05 6.41
C SER A 332 0.59 -65.85 6.40
N GLY A 333 -0.53 -65.15 6.22
CA GLY A 333 -1.85 -65.77 6.20
C GLY A 333 -2.02 -66.76 5.06
N LEU A 334 -1.19 -66.59 4.03
CA LEU A 334 -1.11 -67.51 2.91
C LEU A 334 -0.36 -68.80 3.28
N GLY A 335 0.35 -68.78 4.40
CA GLY A 335 1.14 -69.93 4.86
C GLY A 335 2.64 -69.83 4.63
N VAL A 336 3.10 -68.66 4.22
CA VAL A 336 4.52 -68.45 3.89
C VAL A 336 5.33 -68.03 5.13
N ASP A 337 6.46 -68.72 5.34
CA ASP A 337 7.44 -68.37 6.36
C ASP A 337 8.22 -67.14 5.88
N THR A 338 7.99 -66.00 6.53
CA THR A 338 8.56 -64.73 6.04
C THR A 338 9.84 -64.33 6.77
N ALA A 339 10.44 -65.29 7.48
CA ALA A 339 11.67 -65.08 8.26
C ALA A 339 12.82 -64.42 7.46
N GLY A 340 13.01 -64.85 6.22
CA GLY A 340 14.10 -64.37 5.37
C GLY A 340 13.74 -63.24 4.42
N LEU A 341 12.52 -62.72 4.54
CA LEU A 341 12.06 -61.61 3.69
C LEU A 341 12.32 -60.25 4.31
N VAL A 342 13.07 -59.42 3.61
CA VAL A 342 13.14 -58.00 3.95
C VAL A 342 12.42 -57.23 2.86
N LEU A 343 11.39 -56.49 3.26
CA LEU A 343 10.55 -55.80 2.30
C LEU A 343 10.78 -54.30 2.34
N ASN A 344 11.37 -53.76 1.29
CA ASN A 344 11.63 -52.32 1.21
C ASN A 344 10.82 -51.61 0.12
N ASP A 345 10.31 -52.39 -0.82
CA ASP A 345 9.35 -51.89 -1.79
C ASP A 345 8.59 -53.06 -2.43
N GLY A 346 7.68 -52.73 -3.34
CA GLY A 346 6.89 -53.73 -4.06
C GLY A 346 7.52 -54.28 -5.32
N SER A 347 8.24 -53.42 -6.03
CA SER A 347 8.80 -53.77 -7.35
C SER A 347 10.08 -54.61 -7.35
N GLY A 348 10.91 -54.43 -6.33
CA GLY A 348 12.23 -55.02 -6.31
C GLY A 348 13.31 -54.04 -6.71
N LEU A 349 12.91 -52.87 -7.19
CA LEU A 349 13.84 -51.79 -7.54
C LEU A 349 14.81 -51.48 -6.39
N SER A 350 14.29 -51.43 -5.16
CA SER A 350 15.10 -51.12 -3.98
C SER A 350 16.14 -52.20 -3.70
N ARG A 351 17.37 -51.77 -3.47
CA ARG A 351 18.44 -52.68 -3.05
C ARG A 351 18.37 -53.03 -1.57
N GLY A 352 17.33 -52.56 -0.88
CA GLY A 352 17.12 -52.88 0.53
C GLY A 352 16.22 -54.09 0.70
N ASN A 353 15.76 -54.63 -0.43
CA ASN A 353 15.00 -55.87 -0.46
C ASN A 353 15.93 -57.06 -0.25
N LEU A 354 15.45 -58.05 0.50
CA LEU A 354 16.12 -59.35 0.55
C LEU A 354 15.06 -60.42 0.47
N VAL A 355 15.38 -61.51 -0.21
CA VAL A 355 14.59 -62.75 -0.16
C VAL A 355 15.59 -63.88 0.05
N THR A 356 15.09 -65.09 0.15
CA THR A 356 15.91 -66.29 -0.07
C THR A 356 15.20 -67.11 -1.14
N ALA A 357 15.94 -68.02 -1.77
CA ALA A 357 15.38 -68.92 -2.79
C ALA A 357 14.31 -69.85 -2.20
N ASP A 358 14.49 -70.25 -0.94
CA ASP A 358 13.52 -71.08 -0.22
C ASP A 358 12.20 -70.34 0.01
N THR A 359 12.29 -69.07 0.38
CA THR A 359 11.12 -68.20 0.53
C THR A 359 10.34 -68.05 -0.77
N VAL A 360 11.05 -67.87 -1.88
CA VAL A 360 10.42 -67.78 -3.20
C VAL A 360 9.69 -69.09 -3.53
N VAL A 361 10.39 -70.22 -3.40
CA VAL A 361 9.84 -71.56 -3.62
C VAL A 361 8.62 -71.83 -2.71
N ASP A 362 8.75 -71.42 -1.45
CA ASP A 362 7.64 -71.48 -0.48
C ASP A 362 6.41 -70.78 -1.03
N LEU A 363 6.59 -69.52 -1.47
CA LEU A 363 5.53 -68.73 -2.08
C LEU A 363 4.92 -69.40 -3.31
N LEU A 364 5.78 -69.96 -4.15
CA LEU A 364 5.36 -70.67 -5.37
C LEU A 364 4.43 -71.84 -5.05
N GLY A 365 4.75 -72.59 -4.00
CA GLY A 365 3.91 -73.69 -3.53
C GLY A 365 2.58 -73.23 -2.97
N GLN A 366 2.62 -72.21 -2.12
CA GLN A 366 1.41 -71.67 -1.49
C GLN A 366 0.48 -70.96 -2.46
N ALA A 367 1.06 -70.30 -3.46
CA ALA A 367 0.28 -69.61 -4.49
C ALA A 367 -0.36 -70.61 -5.45
N GLY A 368 0.32 -71.74 -5.66
CA GLY A 368 -0.14 -72.78 -6.57
C GLY A 368 -1.48 -73.38 -6.20
N SER A 369 -1.75 -73.50 -4.91
CA SER A 369 -3.02 -74.07 -4.44
C SER A 369 -4.01 -73.03 -3.89
N ALA A 370 -3.70 -71.75 -4.12
CA ALA A 370 -4.59 -70.62 -3.75
C ALA A 370 -5.81 -70.59 -4.68
N PRO A 371 -6.92 -69.97 -4.24
CA PRO A 371 -8.09 -69.84 -5.14
C PRO A 371 -7.75 -69.05 -6.41
N TRP A 372 -6.87 -68.06 -6.29
CA TRP A 372 -6.50 -67.20 -7.40
C TRP A 372 -5.30 -67.72 -8.22
N ALA A 373 -5.02 -69.02 -8.08
CA ALA A 373 -3.85 -69.69 -8.70
C ALA A 373 -3.73 -69.54 -10.21
N GLN A 374 -4.87 -69.55 -10.93
CA GLN A 374 -4.85 -69.49 -12.39
C GLN A 374 -4.56 -68.08 -12.94
N THR A 375 -5.16 -67.06 -12.31
CA THR A 375 -4.90 -65.68 -12.71
C THR A 375 -3.48 -65.23 -12.35
N TRP A 376 -2.99 -65.72 -11.20
CA TRP A 376 -1.58 -65.61 -10.80
C TRP A 376 -0.67 -66.23 -11.86
N SER A 377 -0.95 -67.50 -12.20
CA SER A 377 -0.14 -68.24 -13.17
C SER A 377 -0.14 -67.59 -14.56
N ALA A 378 -1.31 -67.07 -14.96
CA ALA A 378 -1.51 -66.48 -16.29
C ALA A 378 -0.72 -65.19 -16.53
N SER A 379 -0.35 -64.52 -15.43
CA SER A 379 0.41 -63.27 -15.50
C SER A 379 1.92 -63.53 -15.66
N LEU A 380 2.34 -64.77 -15.39
CA LEU A 380 3.74 -65.15 -15.47
C LEU A 380 4.22 -65.30 -16.92
N PRO A 381 5.36 -64.67 -17.26
CA PRO A 381 6.00 -64.89 -18.55
C PRO A 381 6.14 -66.37 -18.89
N VAL A 382 5.87 -66.70 -20.15
CA VAL A 382 6.01 -68.06 -20.65
C VAL A 382 7.21 -68.13 -21.59
N ALA A 383 8.14 -69.03 -21.27
CA ALA A 383 9.42 -69.15 -21.97
C ALA A 383 9.28 -69.23 -23.49
N GLY A 384 9.99 -68.35 -24.17
CA GLY A 384 10.12 -68.40 -25.63
C GLY A 384 8.87 -68.15 -26.47
N GLU A 385 7.93 -67.37 -25.94
CA GLU A 385 6.72 -67.04 -26.70
C GLU A 385 6.83 -65.65 -27.35
N SER A 386 6.60 -65.61 -28.66
CA SER A 386 6.80 -64.44 -29.51
C SER A 386 5.93 -63.23 -29.17
N ASP A 387 4.66 -63.48 -28.84
CA ASP A 387 3.75 -62.43 -28.39
C ASP A 387 4.30 -61.88 -27.08
N PRO A 388 4.60 -60.56 -27.04
CA PRO A 388 5.07 -59.88 -25.84
C PRO A 388 4.12 -60.07 -24.64
N PHE A 389 2.81 -60.07 -24.89
CA PHE A 389 1.83 -60.24 -23.83
C PHE A 389 1.68 -61.69 -23.34
N VAL A 390 2.45 -62.60 -23.95
CA VAL A 390 2.50 -63.99 -23.50
C VAL A 390 3.90 -64.30 -22.97
N GLY A 391 4.91 -63.98 -23.76
CA GLY A 391 6.30 -64.27 -23.40
C GLY A 391 6.91 -63.27 -22.44
N GLY A 392 6.56 -62.00 -22.60
CA GLY A 392 7.06 -60.93 -21.75
C GLY A 392 8.58 -60.83 -21.75
N THR A 393 9.16 -60.75 -20.56
CA THR A 393 10.60 -60.72 -20.38
C THR A 393 11.30 -62.03 -20.80
N LEU A 394 10.51 -63.06 -21.10
CA LEU A 394 11.04 -64.34 -21.57
C LEU A 394 10.76 -64.64 -23.04
N ALA A 395 10.31 -63.63 -23.78
CA ALA A 395 9.91 -63.79 -25.18
C ALA A 395 11.06 -64.23 -26.08
N ASN A 396 12.22 -63.60 -25.88
CA ASN A 396 13.41 -63.88 -26.67
C ASN A 396 14.42 -64.74 -25.90
N ARG A 397 13.89 -65.65 -25.07
CA ARG A 397 14.70 -66.59 -24.29
C ARG A 397 14.11 -67.99 -24.38
N MET A 398 15.01 -68.99 -24.44
CA MET A 398 14.64 -70.42 -24.49
C MET A 398 13.80 -70.85 -25.69
N ARG A 399 13.80 -70.05 -26.76
CA ARG A 399 13.13 -70.42 -28.01
C ARG A 399 13.76 -71.69 -28.61
N GLY A 400 12.92 -72.59 -29.10
CA GLY A 400 13.37 -73.85 -29.69
C GLY A 400 13.98 -74.83 -28.70
N THR A 401 13.49 -74.79 -27.46
CA THR A 401 13.97 -75.67 -26.40
C THR A 401 12.79 -76.36 -25.69
N ALA A 402 13.09 -77.45 -24.98
CA ALA A 402 12.10 -78.18 -24.21
C ALA A 402 11.29 -77.27 -23.28
N ALA A 403 11.86 -76.11 -22.97
CA ALA A 403 11.24 -75.13 -22.09
C ALA A 403 10.28 -74.18 -22.80
N GLU A 404 10.31 -74.15 -24.13
CA GLU A 404 9.45 -73.23 -24.86
C GLU A 404 7.97 -73.61 -24.73
N GLY A 405 7.15 -72.64 -24.30
CA GLY A 405 5.71 -72.83 -24.20
C GLY A 405 5.23 -73.46 -22.90
N VAL A 406 6.15 -73.89 -22.04
CA VAL A 406 5.80 -74.59 -20.80
C VAL A 406 6.26 -73.91 -19.51
N VAL A 407 7.52 -73.50 -19.46
CA VAL A 407 8.08 -72.84 -18.28
C VAL A 407 7.43 -71.47 -18.08
N GLU A 408 6.83 -71.27 -16.91
CA GLU A 408 6.26 -69.97 -16.55
C GLU A 408 7.06 -69.40 -15.39
N ALA A 409 7.83 -68.36 -15.66
CA ALA A 409 8.77 -67.86 -14.67
C ALA A 409 8.86 -66.34 -14.65
N LYS A 410 9.13 -65.79 -13.47
CA LYS A 410 9.35 -64.36 -13.32
C LYS A 410 10.84 -64.04 -13.34
N THR A 411 11.18 -62.97 -14.04
CA THR A 411 12.55 -62.49 -14.11
C THR A 411 12.81 -61.46 -13.02
N GLY A 412 14.10 -61.30 -12.68
CA GLY A 412 14.57 -60.21 -11.84
C GLY A 412 15.86 -59.71 -12.48
N THR A 413 15.97 -58.40 -12.65
CA THR A 413 17.07 -57.81 -13.41
C THR A 413 17.53 -56.48 -12.83
N MET A 414 18.81 -56.42 -12.44
CA MET A 414 19.49 -55.20 -12.01
C MET A 414 20.99 -55.42 -12.20
N SER A 415 21.79 -54.38 -11.91
CA SER A 415 23.25 -54.51 -11.83
C SER A 415 23.61 -55.55 -10.78
N GLY A 416 24.39 -56.54 -11.20
CA GLY A 416 24.81 -57.61 -10.32
C GLY A 416 23.69 -58.37 -9.64
N VAL A 417 22.47 -58.26 -10.17
CA VAL A 417 21.31 -59.03 -9.67
C VAL A 417 20.48 -59.62 -10.82
N SER A 418 20.40 -60.94 -10.86
CA SER A 418 19.59 -61.62 -11.86
C SER A 418 18.79 -62.79 -11.25
N ALA A 419 17.53 -62.93 -11.64
CA ALA A 419 16.66 -63.99 -11.11
C ALA A 419 15.74 -64.63 -12.15
N LEU A 420 15.48 -65.93 -11.97
CA LEU A 420 14.43 -66.62 -12.71
C LEU A 420 13.72 -67.58 -11.77
N SER A 421 12.42 -67.36 -11.55
CA SER A 421 11.67 -68.22 -10.64
C SER A 421 10.25 -68.48 -11.12
N GLY A 422 9.87 -69.75 -11.14
CA GLY A 422 8.51 -70.13 -11.54
C GLY A 422 8.23 -71.61 -11.52
N TYR A 423 7.46 -72.08 -12.48
CA TYR A 423 7.03 -73.49 -12.55
C TYR A 423 7.45 -74.21 -13.84
N VAL A 424 7.64 -75.52 -13.72
CA VAL A 424 7.89 -76.39 -14.87
C VAL A 424 6.80 -77.48 -14.92
N PRO A 425 5.64 -77.18 -15.52
CA PRO A 425 4.51 -78.10 -15.53
C PRO A 425 4.60 -79.21 -16.60
N GLY A 426 5.15 -80.36 -16.20
CA GLY A 426 5.18 -81.55 -17.05
C GLY A 426 4.11 -82.56 -16.68
N PRO A 427 3.82 -83.52 -17.58
CA PRO A 427 2.87 -84.62 -17.30
C PRO A 427 3.17 -85.36 -15.99
N GLU A 428 4.45 -85.42 -15.63
CA GLU A 428 4.89 -85.99 -14.36
C GLU A 428 4.32 -85.18 -13.20
N GLY A 429 4.82 -83.95 -13.04
CA GLY A 429 4.36 -83.03 -12.02
C GLY A 429 4.74 -81.60 -12.37
N GLU A 430 4.15 -80.65 -11.66
CA GLU A 430 4.45 -79.23 -11.83
C GLU A 430 5.59 -78.86 -10.87
N LEU A 431 6.78 -78.69 -11.44
CA LEU A 431 7.97 -78.32 -10.68
C LEU A 431 7.99 -76.83 -10.33
N ALA A 432 8.49 -76.52 -9.14
CA ALA A 432 8.73 -75.14 -8.72
C ALA A 432 10.23 -74.94 -8.54
N PHE A 433 10.73 -73.78 -8.95
CA PHE A 433 12.15 -73.49 -8.84
C PHE A 433 12.39 -71.99 -8.64
N SER A 434 13.48 -71.69 -7.93
CA SER A 434 13.94 -70.32 -7.78
C SER A 434 15.45 -70.28 -8.05
N ILE A 435 15.86 -69.35 -8.91
CA ILE A 435 17.28 -69.15 -9.22
C ILE A 435 17.61 -67.66 -9.03
N VAL A 436 18.35 -67.35 -7.97
CA VAL A 436 18.70 -65.95 -7.66
C VAL A 436 20.21 -65.77 -7.59
N ASN A 437 20.75 -64.91 -8.47
CA ASN A 437 22.18 -64.67 -8.56
C ASN A 437 22.54 -63.25 -8.18
N ASN A 438 23.55 -63.11 -7.32
CA ASN A 438 24.03 -61.82 -6.85
C ASN A 438 25.54 -61.68 -7.02
N GLY A 439 25.99 -60.50 -7.45
CA GLY A 439 27.41 -60.17 -7.40
C GLY A 439 28.29 -60.62 -8.55
N HIS A 440 27.68 -61.06 -9.65
CA HIS A 440 28.42 -61.28 -10.89
C HIS A 440 28.89 -59.93 -11.43
N SER A 441 29.95 -59.95 -12.23
CA SER A 441 30.60 -58.71 -12.67
C SER A 441 30.65 -58.58 -14.20
N GLY A 442 30.09 -59.57 -14.90
CA GLY A 442 29.99 -59.53 -16.35
C GLY A 442 28.52 -59.48 -16.75
N PRO A 443 28.16 -60.19 -17.84
CA PRO A 443 26.75 -60.26 -18.25
C PRO A 443 25.88 -60.95 -17.19
N ALA A 444 24.56 -60.74 -17.27
CA ALA A 444 23.63 -61.48 -16.41
C ALA A 444 23.74 -62.96 -16.77
N PRO A 445 23.70 -63.84 -15.75
CA PRO A 445 23.85 -65.27 -16.04
C PRO A 445 22.57 -65.88 -16.59
N LEU A 446 22.12 -65.35 -17.74
CA LEU A 446 20.88 -65.79 -18.37
C LEU A 446 21.02 -67.19 -18.93
N ALA A 447 22.15 -67.45 -19.60
CA ALA A 447 22.44 -68.77 -20.16
C ALA A 447 22.41 -69.86 -19.09
N VAL A 448 22.89 -69.52 -17.89
CA VAL A 448 22.86 -70.41 -16.73
C VAL A 448 21.41 -70.68 -16.31
N GLN A 449 20.64 -69.60 -16.21
CA GLN A 449 19.23 -69.67 -15.86
C GLN A 449 18.45 -70.47 -16.91
N ASP A 450 18.62 -70.09 -18.18
CA ASP A 450 18.00 -70.78 -19.30
C ASP A 450 18.36 -72.26 -19.27
N ALA A 451 19.66 -72.57 -19.18
CA ALA A 451 20.13 -73.95 -19.17
C ALA A 451 19.47 -74.79 -18.06
N ILE A 452 19.43 -74.26 -16.84
CA ILE A 452 18.77 -74.96 -15.73
C ILE A 452 17.30 -75.22 -16.05
N ALA A 453 16.56 -74.14 -16.35
CA ALA A 453 15.14 -74.22 -16.69
C ALA A 453 14.83 -75.17 -17.83
N VAL A 454 15.69 -75.20 -18.84
CA VAL A 454 15.57 -76.13 -19.98
C VAL A 454 15.80 -77.58 -19.53
N ARG A 455 16.84 -77.79 -18.72
CA ARG A 455 17.13 -79.11 -18.16
C ARG A 455 16.02 -79.59 -17.23
N LEU A 456 15.32 -78.64 -16.61
CA LEU A 456 14.20 -78.97 -15.72
C LEU A 456 12.97 -79.39 -16.50
N ALA A 457 12.81 -78.82 -17.70
CA ALA A 457 11.74 -79.21 -18.61
C ALA A 457 11.98 -80.62 -19.16
N GLU A 458 13.24 -80.93 -19.44
CA GLU A 458 13.67 -82.24 -19.94
C GLU A 458 13.54 -83.33 -18.88
N TYR A 459 13.77 -82.96 -17.61
CA TYR A 459 13.50 -83.85 -16.48
C TYR A 459 12.00 -84.13 -16.38
N ALA A 460 11.21 -83.06 -16.48
CA ALA A 460 9.75 -83.14 -16.44
C ALA A 460 9.14 -83.73 -17.72
N GLY A 461 10.01 -84.15 -18.64
CA GLY A 461 9.59 -84.90 -19.83
C GLY A 461 9.01 -84.06 -20.94
N HIS A 462 9.71 -82.97 -21.26
CA HIS A 462 9.37 -82.13 -22.39
C HIS A 462 10.38 -82.26 -23.52
N GLN A 463 9.93 -81.88 -24.71
CA GLN A 463 10.74 -81.96 -25.92
C GLN A 463 10.74 -80.59 -26.57
N ALA A 464 11.83 -80.26 -27.25
CA ALA A 464 11.93 -79.00 -27.99
C ALA A 464 11.00 -79.02 -29.20
N PRO A 465 10.14 -77.97 -29.34
CA PRO A 465 9.28 -77.80 -30.52
C PRO A 465 10.09 -77.64 -31.80
N GLU A 466 9.72 -78.41 -32.83
CA GLU A 466 10.43 -78.42 -34.09
C GLU A 466 9.45 -78.34 -35.25
N GLY A 467 8.45 -79.05 -35.29
N ARG B 1 -13.83 16.77 13.63
CA ARG B 1 -15.20 16.23 13.35
C ARG B 1 -15.24 14.70 13.45
N LEU B 2 -14.33 14.06 12.71
CA LEU B 2 -14.25 12.60 12.64
C LEU B 2 -13.86 12.01 13.99
N THR B 3 -12.85 12.58 14.62
CA THR B 3 -12.31 12.13 15.91
C THR B 3 -13.34 12.13 17.05
N GLU B 4 -14.28 13.08 17.01
CA GLU B 4 -15.35 13.13 18.01
C GLU B 4 -16.42 12.05 17.76
N LEU B 5 -16.79 11.83 16.50
CA LEU B 5 -17.69 10.75 16.13
C LEU B 5 -17.18 9.41 16.68
N ARG B 6 -15.88 9.19 16.56
CA ARG B 6 -15.25 7.95 17.00
C ARG B 6 -15.28 7.81 18.51
N GLU B 7 -14.88 8.86 19.23
CA GLU B 7 -14.87 8.82 20.69
C GLU B 7 -16.28 8.74 21.29
N ASP B 8 -17.28 9.22 20.54
CA ASP B 8 -18.69 9.11 20.93
C ASP B 8 -19.19 7.69 20.78
N ILE B 9 -18.79 7.02 19.71
CA ILE B 9 -19.15 5.63 19.46
C ILE B 9 -18.36 4.69 20.37
N ASP B 10 -17.11 5.06 20.67
CA ASP B 10 -16.30 4.37 21.69
C ASP B 10 -16.99 4.37 23.05
N ALA B 11 -17.54 5.53 23.43
CA ALA B 11 -18.24 5.70 24.70
C ALA B 11 -19.59 4.98 24.74
N ILE B 12 -20.29 4.98 23.60
CA ILE B 12 -21.55 4.24 23.48
C ILE B 12 -21.30 2.74 23.66
N LEU B 13 -20.16 2.27 23.12
CA LEU B 13 -19.75 0.87 23.24
C LEU B 13 -19.33 0.45 24.66
N GLU B 14 -19.23 1.42 25.57
CA GLU B 14 -18.89 1.16 26.97
C GLU B 14 -20.13 0.89 27.83
N ASP B 15 -21.23 0.51 27.18
CA ASP B 15 -22.47 0.19 27.86
C ASP B 15 -22.35 -1.10 28.69
N PRO B 16 -23.03 -1.15 29.84
CA PRO B 16 -23.13 -2.36 30.67
C PRO B 16 -23.78 -3.57 29.98
N ALA B 17 -24.59 -3.32 28.96
CA ALA B 17 -25.19 -4.42 28.19
C ALA B 17 -24.11 -5.19 27.43
N LEU B 18 -23.01 -4.50 27.14
CA LEU B 18 -21.90 -5.07 26.38
C LEU B 18 -20.71 -5.52 27.23
N GLU B 19 -20.89 -5.60 28.54
CA GLU B 19 -19.81 -6.06 29.42
C GLU B 19 -19.41 -7.49 29.06
N GLY B 20 -18.14 -7.67 28.71
CA GLY B 20 -17.58 -8.98 28.36
C GLY B 20 -17.91 -9.45 26.95
N ALA B 21 -18.59 -8.60 26.19
CA ALA B 21 -19.08 -8.94 24.86
C ALA B 21 -18.07 -8.59 23.76
N VAL B 22 -18.29 -9.12 22.56
CA VAL B 22 -17.48 -8.80 21.37
C VAL B 22 -18.37 -8.13 20.31
N SER B 23 -17.99 -6.93 19.88
CA SER B 23 -18.77 -6.16 18.90
C SER B 23 -17.98 -5.72 17.68
N GLY B 24 -18.47 -6.11 16.51
CA GLY B 24 -17.93 -5.62 15.24
C GLY B 24 -18.74 -4.41 14.80
N VAL B 25 -18.08 -3.26 14.70
CA VAL B 25 -18.74 -2.01 14.32
C VAL B 25 -17.93 -1.27 13.23
N VAL B 26 -18.52 -1.12 12.05
CA VAL B 26 -17.86 -0.43 10.94
C VAL B 26 -18.84 0.56 10.28
N VAL B 27 -18.40 1.81 10.13
CA VAL B 27 -19.16 2.84 9.44
C VAL B 27 -18.37 3.37 8.24
N VAL B 28 -19.02 3.41 7.07
CA VAL B 28 -18.39 3.90 5.86
C VAL B 28 -19.29 4.91 5.14
N ASP B 29 -18.72 6.06 4.76
CA ASP B 29 -19.37 6.99 3.86
C ASP B 29 -19.30 6.40 2.45
N THR B 30 -20.47 6.07 1.90
CA THR B 30 -20.58 5.34 0.63
C THR B 30 -20.01 6.10 -0.56
N ALA B 31 -20.25 7.40 -0.61
CA ALA B 31 -19.83 8.23 -1.74
C ALA B 31 -18.32 8.41 -1.79
N THR B 32 -17.72 8.72 -0.64
CA THR B 32 -16.27 8.94 -0.54
C THR B 32 -15.50 7.63 -0.47
N GLY B 33 -16.06 6.67 0.28
CA GLY B 33 -15.40 5.39 0.55
C GLY B 33 -14.60 5.43 1.85
N GLU B 34 -14.71 6.55 2.57
CA GLU B 34 -13.98 6.74 3.83
C GLU B 34 -14.54 5.88 4.96
N GLU B 35 -13.62 5.26 5.69
CA GLU B 35 -13.96 4.51 6.88
C GLU B 35 -14.10 5.51 8.02
N LEU B 36 -15.33 5.74 8.47
CA LEU B 36 -15.59 6.71 9.53
C LEU B 36 -15.28 6.12 10.91
N TYR B 37 -15.64 4.86 11.10
CA TYR B 37 -15.37 4.13 12.34
C TYR B 37 -15.10 2.68 11.99
N SER B 38 -14.19 2.05 12.71
CA SER B 38 -13.94 0.61 12.56
C SER B 38 -13.40 -0.03 13.84
N ARG B 39 -14.20 -0.92 14.43
CA ARG B 39 -13.74 -1.75 15.55
C ARG B 39 -14.10 -3.20 15.30
N ASP B 40 -13.11 -4.08 15.43
CA ASP B 40 -13.28 -5.53 15.25
C ASP B 40 -14.06 -5.88 13.98
N GLY B 41 -13.67 -5.23 12.88
CA GLY B 41 -14.37 -5.39 11.61
C GLY B 41 -14.09 -6.71 10.91
N GLY B 42 -12.93 -7.28 11.19
CA GLY B 42 -12.53 -8.55 10.59
C GLY B 42 -12.87 -9.73 11.48
N GLU B 43 -13.48 -9.45 12.62
CA GLU B 43 -13.82 -10.44 13.61
C GLU B 43 -15.03 -11.27 13.13
N GLN B 44 -14.87 -12.58 13.07
CA GLN B 44 -15.96 -13.48 12.66
C GLN B 44 -17.02 -13.68 13.76
N LEU B 45 -18.23 -13.25 13.46
CA LEU B 45 -19.32 -13.27 14.43
C LEU B 45 -20.62 -13.84 13.84
N LEU B 46 -21.46 -14.41 14.70
CA LEU B 46 -22.81 -14.84 14.31
C LEU B 46 -23.67 -13.61 13.99
N PRO B 47 -24.32 -13.61 12.81
CA PRO B 47 -25.11 -12.45 12.35
C PRO B 47 -26.60 -12.43 12.75
N ALA B 48 -27.13 -13.57 13.17
CA ALA B 48 -28.59 -13.79 13.26
C ALA B 48 -29.24 -13.34 11.94
N SER B 49 -30.38 -12.68 12.02
CA SER B 49 -31.11 -12.30 10.80
C SER B 49 -30.44 -11.28 9.87
N ASN B 50 -29.27 -10.76 10.24
CA ASN B 50 -28.48 -9.95 9.31
C ASN B 50 -28.00 -10.78 8.12
N MET B 51 -27.93 -12.10 8.31
CA MET B 51 -27.69 -13.05 7.22
C MET B 51 -28.67 -12.89 6.05
N LYS B 52 -29.89 -12.43 6.35
CA LYS B 52 -30.91 -12.18 5.32
C LYS B 52 -30.53 -11.09 4.31
N LEU B 53 -29.62 -10.18 4.71
CA LEU B 53 -29.06 -9.23 3.76
C LEU B 53 -28.29 -9.94 2.65
N PHE B 54 -27.53 -10.96 3.02
CA PHE B 54 -26.76 -11.73 2.05
C PHE B 54 -27.69 -12.56 1.18
N THR B 55 -28.67 -13.20 1.80
CA THR B 55 -29.65 -14.02 1.11
C THR B 55 -30.47 -13.20 0.09
N ALA B 56 -31.03 -12.08 0.55
CA ALA B 56 -31.76 -11.16 -0.32
C ALA B 56 -30.96 -10.69 -1.52
N ALA B 57 -29.70 -10.32 -1.32
CA ALA B 57 -28.84 -9.84 -2.40
C ALA B 57 -28.55 -10.92 -3.42
N ALA B 58 -28.18 -12.10 -2.93
CA ALA B 58 -27.97 -13.28 -3.77
C ALA B 58 -29.22 -13.65 -4.58
N ALA B 59 -30.40 -13.51 -3.97
CA ALA B 59 -31.67 -13.80 -4.63
C ALA B 59 -31.96 -12.81 -5.76
N LEU B 60 -31.83 -11.52 -5.49
CA LEU B 60 -31.98 -10.46 -6.51
C LEU B 60 -31.01 -10.64 -7.68
N GLU B 61 -29.78 -11.00 -7.36
CA GLU B 61 -28.74 -11.22 -8.36
C GLU B 61 -28.99 -12.48 -9.20
N VAL B 62 -29.40 -13.56 -8.55
CA VAL B 62 -29.57 -14.85 -9.21
C VAL B 62 -30.94 -14.99 -9.91
N LEU B 63 -31.99 -14.63 -9.18
CA LEU B 63 -33.36 -14.82 -9.66
C LEU B 63 -33.92 -13.61 -10.39
N GLY B 64 -33.41 -12.43 -10.05
CA GLY B 64 -33.91 -11.18 -10.61
C GLY B 64 -35.02 -10.58 -9.77
N ALA B 65 -35.14 -9.25 -9.78
CA ALA B 65 -36.18 -8.55 -9.01
C ALA B 65 -37.58 -8.76 -9.59
N ASP B 66 -37.65 -9.11 -10.87
CA ASP B 66 -38.92 -9.35 -11.56
C ASP B 66 -39.30 -10.83 -11.62
N HIS B 67 -38.65 -11.63 -10.79
CA HIS B 67 -38.89 -13.06 -10.75
C HIS B 67 -40.15 -13.37 -9.95
N SER B 68 -40.88 -14.41 -10.36
CA SER B 68 -42.09 -14.83 -9.65
C SER B 68 -42.15 -16.36 -9.48
N PHE B 69 -43.06 -16.80 -8.62
CA PHE B 69 -43.11 -18.20 -8.24
C PHE B 69 -44.44 -18.86 -8.57
N GLY B 70 -44.35 -20.03 -9.20
CA GLY B 70 -45.52 -20.72 -9.70
C GLY B 70 -45.96 -21.90 -8.86
N THR B 71 -47.27 -22.11 -8.87
CA THR B 71 -47.93 -23.29 -8.33
C THR B 71 -48.87 -23.79 -9.42
N GLU B 72 -49.09 -25.10 -9.46
CA GLU B 72 -49.86 -25.73 -10.54
C GLU B 72 -50.66 -26.90 -10.05
N VAL B 73 -51.71 -27.24 -10.78
CA VAL B 73 -52.44 -28.47 -10.57
C VAL B 73 -52.38 -29.28 -11.87
N ALA B 74 -51.90 -30.52 -11.77
CA ALA B 74 -51.69 -31.35 -12.94
C ALA B 74 -52.36 -32.73 -12.88
N ALA B 75 -52.86 -33.18 -14.02
CA ALA B 75 -53.32 -34.55 -14.22
C ALA B 75 -52.65 -35.12 -15.47
N GLU B 76 -52.66 -36.44 -15.60
CA GLU B 76 -52.03 -37.12 -16.74
C GLU B 76 -52.65 -36.67 -18.07
N SER B 77 -53.97 -36.53 -18.07
CA SER B 77 -54.73 -36.09 -19.24
C SER B 77 -55.82 -35.09 -18.82
N ALA B 78 -56.48 -34.49 -19.80
CA ALA B 78 -57.66 -33.68 -19.54
C ALA B 78 -58.77 -34.57 -18.98
N PRO B 79 -59.71 -34.00 -18.18
CA PRO B 79 -60.83 -34.79 -17.68
C PRO B 79 -61.55 -35.59 -18.76
N GLY B 80 -62.03 -36.78 -18.39
CA GLY B 80 -62.74 -37.65 -19.31
C GLY B 80 -64.19 -37.25 -19.50
N ARG B 81 -64.95 -38.14 -20.16
CA ARG B 81 -66.35 -37.90 -20.51
C ARG B 81 -67.26 -37.59 -19.32
N ARG B 82 -66.97 -38.19 -18.17
CA ARG B 82 -67.72 -37.96 -16.94
C ARG B 82 -67.10 -36.84 -16.08
N GLY B 83 -66.06 -36.20 -16.60
CA GLY B 83 -65.34 -35.18 -15.85
C GLY B 83 -64.43 -35.81 -14.81
N GLU B 84 -63.97 -37.02 -15.11
CA GLU B 84 -63.11 -37.74 -14.20
C GLU B 84 -61.64 -37.63 -14.60
N VAL B 85 -60.80 -37.39 -13.60
CA VAL B 85 -59.37 -37.63 -13.70
C VAL B 85 -59.06 -38.75 -12.72
N GLN B 86 -57.93 -39.41 -12.90
CA GLN B 86 -57.51 -40.47 -11.97
C GLN B 86 -56.83 -39.82 -10.76
N ASP B 87 -55.51 -39.66 -10.82
CA ASP B 87 -54.75 -38.96 -9.78
C ASP B 87 -54.56 -37.47 -10.13
N LEU B 88 -54.44 -36.65 -9.08
CA LEU B 88 -54.30 -35.21 -9.25
C LEU B 88 -53.13 -34.70 -8.41
N TYR B 89 -52.30 -33.85 -9.00
CA TYR B 89 -51.11 -33.34 -8.31
C TYR B 89 -51.17 -31.85 -8.09
N LEU B 90 -51.05 -31.44 -6.84
CA LEU B 90 -50.83 -30.04 -6.49
C LEU B 90 -49.32 -29.84 -6.39
N VAL B 91 -48.79 -29.02 -7.31
CA VAL B 91 -47.35 -28.90 -7.53
C VAL B 91 -46.87 -27.51 -7.17
N GLY B 92 -46.04 -27.43 -6.12
CA GLY B 92 -45.43 -26.18 -5.74
C GLY B 92 -44.00 -26.07 -6.21
N ARG B 93 -43.64 -24.89 -6.68
CA ARG B 93 -42.28 -24.59 -7.09
C ARG B 93 -41.74 -23.35 -6.36
N GLY B 94 -41.90 -23.35 -5.03
CA GLY B 94 -41.19 -22.42 -4.15
C GLY B 94 -41.82 -21.06 -3.83
N ASP B 95 -43.13 -20.97 -3.98
CA ASP B 95 -43.86 -19.73 -3.67
C ASP B 95 -43.93 -19.54 -2.15
N PRO B 96 -43.29 -18.46 -1.63
CA PRO B 96 -43.35 -18.18 -0.21
C PRO B 96 -44.62 -17.44 0.21
N THR B 97 -45.56 -17.23 -0.72
CA THR B 97 -46.71 -16.40 -0.46
C THR B 97 -48.03 -17.04 -0.90
N LEU B 98 -48.05 -18.37 -0.96
CA LEU B 98 -49.23 -19.12 -1.36
C LEU B 98 -50.22 -19.17 -0.21
N SER B 99 -51.41 -18.59 -0.42
CA SER B 99 -52.42 -18.54 0.63
C SER B 99 -53.52 -19.56 0.38
N ALA B 100 -54.39 -19.77 1.37
CA ALA B 100 -55.57 -20.62 1.22
C ALA B 100 -56.55 -20.10 0.16
N GLU B 101 -56.66 -18.78 0.03
CA GLU B 101 -57.51 -18.15 -0.98
C GLU B 101 -56.99 -18.50 -2.37
N ASP B 102 -55.67 -18.42 -2.54
CA ASP B 102 -54.99 -18.82 -3.77
C ASP B 102 -55.28 -20.27 -4.11
N LEU B 103 -55.29 -21.12 -3.09
CA LEU B 103 -55.70 -22.51 -3.25
C LEU B 103 -57.16 -22.63 -3.67
N ASP B 104 -58.03 -21.79 -3.11
CA ASP B 104 -59.46 -21.82 -3.50
C ASP B 104 -59.67 -21.46 -4.96
N ALA B 105 -58.96 -20.44 -5.44
CA ALA B 105 -59.09 -19.98 -6.82
C ALA B 105 -58.63 -21.05 -7.82
N MET B 106 -57.53 -21.72 -7.48
CA MET B 106 -57.06 -22.87 -8.27
C MET B 106 -58.04 -24.03 -8.26
N ALA B 107 -58.69 -24.29 -7.12
CA ALA B 107 -59.72 -25.31 -7.03
C ALA B 107 -60.91 -24.98 -7.94
N ALA B 108 -61.17 -23.68 -8.10
CA ALA B 108 -62.23 -23.18 -9.00
C ALA B 108 -61.83 -23.33 -10.48
N GLU B 109 -60.56 -23.06 -10.77
CA GLU B 109 -59.99 -23.33 -12.10
C GLU B 109 -60.10 -24.81 -12.48
N VAL B 110 -59.83 -25.69 -11.52
CA VAL B 110 -59.96 -27.15 -11.72
C VAL B 110 -61.39 -27.53 -12.14
N ALA B 111 -62.39 -27.08 -11.39
CA ALA B 111 -63.80 -27.30 -11.71
C ALA B 111 -64.16 -26.75 -13.08
N ALA B 112 -63.70 -25.53 -13.37
CA ALA B 112 -63.96 -24.85 -14.64
C ALA B 112 -63.25 -25.51 -15.83
N SER B 113 -62.20 -26.26 -15.55
CA SER B 113 -61.51 -27.07 -16.57
C SER B 113 -62.30 -28.32 -16.96
N GLY B 114 -63.43 -28.53 -16.27
CA GLY B 114 -64.29 -29.66 -16.56
C GLY B 114 -64.11 -30.83 -15.61
N VAL B 115 -63.32 -30.65 -14.55
CA VAL B 115 -63.12 -31.73 -13.58
C VAL B 115 -64.28 -31.75 -12.59
N ARG B 116 -64.86 -32.94 -12.46
CA ARG B 116 -65.95 -33.20 -11.52
C ARG B 116 -65.44 -34.04 -10.37
N THR B 117 -64.63 -35.04 -10.71
CA THR B 117 -64.25 -36.10 -9.79
C THR B 117 -62.77 -36.44 -9.93
N VAL B 118 -62.10 -36.51 -8.79
CA VAL B 118 -60.78 -37.14 -8.69
C VAL B 118 -61.05 -38.59 -8.26
N ARG B 119 -61.04 -39.51 -9.23
CA ARG B 119 -61.29 -40.93 -8.99
C ARG B 119 -60.21 -41.61 -8.16
N GLY B 120 -58.97 -41.12 -8.29
CA GLY B 120 -57.83 -41.68 -7.57
C GLY B 120 -57.38 -40.79 -6.43
N ASP B 121 -56.06 -40.62 -6.31
CA ASP B 121 -55.49 -39.92 -5.16
C ASP B 121 -55.10 -38.48 -5.45
N LEU B 122 -55.12 -37.64 -4.41
CA LEU B 122 -54.60 -36.28 -4.47
C LEU B 122 -53.21 -36.27 -3.87
N TYR B 123 -52.24 -35.77 -4.64
CA TYR B 123 -50.86 -35.73 -4.19
C TYR B 123 -50.37 -34.30 -4.04
N ALA B 124 -49.67 -34.05 -2.94
CA ALA B 124 -48.98 -32.80 -2.70
C ALA B 124 -47.53 -32.97 -3.13
N ASP B 125 -47.15 -32.25 -4.19
CA ASP B 125 -45.86 -32.38 -4.81
C ASP B 125 -44.98 -31.18 -4.47
N ASP B 126 -44.01 -31.40 -3.59
CA ASP B 126 -43.02 -30.40 -3.24
C ASP B 126 -41.60 -30.84 -3.63
N THR B 127 -41.50 -31.61 -4.72
CA THR B 127 -40.24 -32.23 -5.12
C THR B 127 -39.31 -31.27 -5.87
N TRP B 128 -39.78 -30.06 -6.15
CA TRP B 128 -38.96 -28.97 -6.69
C TRP B 128 -37.83 -28.62 -5.72
N PHE B 129 -38.10 -28.80 -4.42
CA PHE B 129 -37.08 -28.73 -3.38
C PHE B 129 -36.87 -30.16 -2.84
N ASP B 130 -35.74 -30.41 -2.16
CA ASP B 130 -35.58 -31.68 -1.48
C ASP B 130 -36.50 -31.74 -0.24
N SER B 131 -36.52 -32.88 0.44
CA SER B 131 -37.40 -33.07 1.59
C SER B 131 -36.66 -32.88 2.93
N GLU B 132 -35.61 -32.06 2.90
CA GLU B 132 -34.88 -31.70 4.11
C GLU B 132 -35.56 -30.46 4.71
N ARG B 133 -36.22 -30.66 5.84
CA ARG B 133 -37.16 -29.69 6.38
C ARG B 133 -36.48 -28.64 7.26
N LEU B 134 -35.37 -29.05 7.86
CA LEU B 134 -34.74 -28.24 8.90
C LEU B 134 -33.25 -28.39 8.71
N VAL B 135 -32.52 -27.32 9.03
CA VAL B 135 -31.06 -27.34 9.00
C VAL B 135 -30.59 -28.16 10.20
N ASP B 136 -29.60 -29.01 9.97
CA ASP B 136 -29.07 -29.92 10.99
C ASP B 136 -28.90 -29.28 12.37
N ASP B 137 -28.23 -28.13 12.44
CA ASP B 137 -27.88 -27.52 13.73
C ASP B 137 -28.96 -26.63 14.35
N TRP B 138 -30.07 -26.41 13.65
CA TRP B 138 -31.22 -25.77 14.25
C TRP B 138 -31.64 -26.56 15.47
N TRP B 139 -32.25 -25.87 16.44
CA TRP B 139 -32.67 -26.50 17.67
C TRP B 139 -34.09 -27.05 17.51
N PRO B 140 -34.31 -28.33 17.90
CA PRO B 140 -35.62 -29.00 17.95
C PRO B 140 -36.63 -28.31 18.89
N GLU B 141 -36.11 -27.69 19.95
CA GLU B 141 -36.90 -26.92 20.91
C GLU B 141 -37.64 -25.74 20.24
N ASP B 142 -37.12 -25.27 19.11
CA ASP B 142 -37.71 -24.14 18.37
C ASP B 142 -38.77 -24.54 17.36
N GLU B 143 -38.86 -25.84 17.10
CA GLU B 143 -39.66 -26.35 15.99
C GLU B 143 -41.16 -26.04 16.00
N PRO B 144 -41.79 -25.93 17.21
CA PRO B 144 -43.22 -25.56 17.26
C PRO B 144 -43.55 -24.15 16.76
N TYR B 145 -42.56 -23.26 16.76
CA TYR B 145 -42.80 -21.83 16.52
C TYR B 145 -42.60 -21.38 15.09
N ALA B 146 -43.42 -20.43 14.65
CA ALA B 146 -43.42 -19.99 13.26
C ALA B 146 -42.03 -19.70 12.65
N TYR B 147 -41.12 -19.17 13.47
CA TYR B 147 -39.80 -18.82 12.97
C TYR B 147 -38.93 -20.03 12.61
N SER B 148 -39.41 -21.22 12.98
CA SER B 148 -38.72 -22.45 12.63
C SER B 148 -39.60 -23.45 11.83
N ALA B 149 -40.49 -22.90 10.99
CA ALA B 149 -41.34 -23.72 10.13
C ALA B 149 -40.51 -24.64 9.25
N GLN B 150 -41.01 -25.84 8.98
CA GLN B 150 -40.37 -26.80 8.08
C GLN B 150 -40.37 -26.20 6.69
N ILE B 151 -39.32 -26.46 5.93
CA ILE B 151 -39.14 -25.87 4.61
C ILE B 151 -39.58 -26.82 3.51
N SER B 152 -40.42 -26.28 2.62
CA SER B 152 -41.03 -27.02 1.53
C SER B 152 -41.22 -26.13 0.31
N ALA B 153 -41.12 -26.74 -0.88
CA ALA B 153 -41.49 -26.13 -2.16
C ALA B 153 -42.99 -25.74 -2.20
N LEU B 154 -43.82 -26.57 -1.56
CA LEU B 154 -45.26 -26.40 -1.49
C LEU B 154 -45.63 -26.12 -0.03
N THR B 155 -45.94 -24.87 0.27
CA THR B 155 -46.29 -24.50 1.63
C THR B 155 -47.35 -23.38 1.66
N VAL B 156 -48.26 -23.48 2.63
CA VAL B 156 -49.29 -22.44 2.79
C VAL B 156 -48.81 -21.30 3.69
N ALA B 157 -48.87 -20.08 3.16
CA ALA B 157 -48.48 -18.87 3.85
C ALA B 157 -49.68 -18.23 4.54
N HIS B 158 -49.49 -17.89 5.81
CA HIS B 158 -50.57 -17.32 6.62
C HIS B 158 -50.47 -15.79 6.73
N GLY B 159 -51.61 -15.14 6.50
CA GLY B 159 -51.77 -13.70 6.73
C GLY B 159 -51.07 -12.83 5.72
N GLU B 160 -51.06 -11.53 5.99
CA GLU B 160 -50.41 -10.56 5.10
C GLU B 160 -48.88 -10.56 5.22
N ARG B 161 -48.35 -11.06 6.33
CA ARG B 161 -46.89 -11.19 6.52
C ARG B 161 -46.35 -12.50 5.94
N PHE B 162 -47.27 -13.36 5.50
CA PHE B 162 -46.98 -14.59 4.75
C PHE B 162 -46.10 -15.59 5.52
N ASP B 163 -46.55 -15.94 6.72
CA ASP B 163 -45.86 -16.92 7.56
C ASP B 163 -46.18 -18.32 7.08
N THR B 164 -45.16 -19.03 6.61
CA THR B 164 -45.33 -20.33 5.94
C THR B 164 -45.28 -21.50 6.91
N GLY B 165 -45.96 -22.59 6.53
CA GLY B 165 -45.82 -23.88 7.22
C GLY B 165 -46.41 -23.89 8.61
N VAL B 166 -47.35 -22.98 8.85
CA VAL B 166 -47.98 -22.81 10.17
C VAL B 166 -49.48 -22.89 10.08
N THR B 167 -50.09 -23.12 11.24
CA THR B 167 -51.55 -23.03 11.43
C THR B 167 -51.85 -22.06 12.59
N GLU B 168 -52.97 -21.36 12.50
CA GLU B 168 -53.40 -20.50 13.60
C GLU B 168 -54.22 -21.29 14.64
N VAL B 169 -53.68 -21.37 15.85
CA VAL B 169 -54.32 -22.08 16.97
C VAL B 169 -55.00 -21.05 17.87
N SER B 170 -56.30 -21.23 18.14
CA SER B 170 -56.99 -20.40 19.15
C SER B 170 -57.55 -21.23 20.28
N VAL B 171 -57.36 -20.72 21.50
CA VAL B 171 -57.78 -21.38 22.70
C VAL B 171 -58.57 -20.34 23.49
N THR B 172 -59.83 -20.65 23.76
CA THR B 172 -60.71 -19.73 24.46
C THR B 172 -61.19 -20.36 25.77
N PRO B 173 -61.33 -19.54 26.83
CA PRO B 173 -61.79 -20.07 28.11
C PRO B 173 -63.27 -20.40 28.11
N ALA B 174 -63.60 -21.57 28.63
CA ALA B 174 -64.98 -21.89 28.96
C ALA B 174 -65.29 -21.28 30.33
N ALA B 175 -65.84 -22.08 31.24
CA ALA B 175 -66.00 -21.65 32.62
C ALA B 175 -65.08 -22.47 33.53
N GLU B 176 -64.82 -21.96 34.73
CA GLU B 176 -63.79 -22.49 35.63
C GLU B 176 -63.81 -24.01 35.84
N GLY B 177 -62.68 -24.67 35.59
CA GLY B 177 -62.55 -26.12 35.74
C GLY B 177 -62.95 -26.91 34.51
N GLU B 178 -63.63 -26.28 33.56
CA GLU B 178 -63.95 -26.89 32.26
C GLU B 178 -62.70 -26.94 31.40
N PRO B 179 -62.60 -27.95 30.52
CA PRO B 179 -61.56 -27.88 29.49
C PRO B 179 -61.63 -26.59 28.70
N ALA B 180 -60.46 -26.07 28.32
CA ALA B 180 -60.38 -24.91 27.45
C ALA B 180 -60.75 -25.35 26.05
N ASP B 181 -61.37 -24.46 25.27
CA ASP B 181 -61.76 -24.81 23.91
C ASP B 181 -60.73 -24.44 22.88
N VAL B 182 -60.24 -25.47 22.19
CA VAL B 182 -59.17 -25.35 21.23
C VAL B 182 -59.70 -25.48 19.80
N ASP B 183 -59.32 -24.53 18.94
CA ASP B 183 -59.49 -24.66 17.50
C ASP B 183 -58.11 -24.62 16.85
N LEU B 184 -57.84 -25.60 15.97
CA LEU B 184 -56.51 -25.74 15.36
C LEU B 184 -56.32 -24.95 14.06
N GLY B 185 -57.35 -24.22 13.64
CA GLY B 185 -57.29 -23.41 12.41
C GLY B 185 -57.30 -24.28 11.17
N ALA B 186 -56.42 -23.95 10.22
CA ALA B 186 -56.25 -24.71 8.98
C ALA B 186 -55.90 -26.19 9.20
N ALA B 187 -55.20 -26.47 10.30
CA ALA B 187 -54.77 -27.84 10.63
C ALA B 187 -55.88 -28.73 11.23
N GLU B 188 -57.10 -28.19 11.32
CA GLU B 188 -58.23 -29.01 11.74
C GLU B 188 -58.42 -30.15 10.77
N GLY B 189 -58.44 -31.38 11.29
CA GLY B 189 -58.56 -32.58 10.47
C GLY B 189 -57.25 -33.02 9.85
N TYR B 190 -56.17 -32.27 10.12
CA TYR B 190 -54.84 -32.67 9.64
C TYR B 190 -53.94 -33.06 10.81
N ALA B 191 -53.63 -32.09 11.66
CA ALA B 191 -52.87 -32.34 12.89
C ALA B 191 -53.78 -32.92 13.97
N GLU B 192 -53.19 -33.70 14.88
CA GLU B 192 -53.93 -34.26 16.00
C GLU B 192 -53.94 -33.32 17.20
N LEU B 193 -55.07 -33.31 17.91
CA LEU B 193 -55.21 -32.48 19.09
C LEU B 193 -55.01 -33.29 20.37
N ASP B 194 -54.24 -32.71 21.29
CA ASP B 194 -54.09 -33.24 22.64
C ASP B 194 -54.39 -32.11 23.63
N ASN B 195 -55.68 -31.88 23.87
CA ASN B 195 -56.11 -30.82 24.78
C ASN B 195 -56.14 -31.30 26.22
N ARG B 196 -55.09 -30.96 26.96
CA ARG B 196 -55.06 -31.21 28.41
C ARG B 196 -55.08 -29.90 29.21
N ALA B 197 -55.60 -28.84 28.59
CA ALA B 197 -55.66 -27.52 29.19
C ALA B 197 -56.98 -27.29 29.92
N VAL B 198 -56.92 -26.49 30.98
CA VAL B 198 -58.11 -26.13 31.78
C VAL B 198 -58.48 -24.66 31.72
N THR B 199 -59.74 -24.39 32.06
CA THR B 199 -60.16 -23.04 32.38
C THR B 199 -59.89 -22.80 33.87
N GLY B 200 -59.20 -21.71 34.16
CA GLY B 200 -58.91 -21.32 35.53
C GLY B 200 -59.94 -20.32 36.02
N ALA B 201 -59.96 -20.10 37.33
CA ALA B 201 -60.84 -19.13 37.95
C ALA B 201 -60.56 -17.75 37.37
N ALA B 202 -61.59 -16.93 37.23
CA ALA B 202 -61.40 -15.56 36.77
C ALA B 202 -60.36 -14.88 37.66
N GLY B 203 -59.41 -14.21 37.01
CA GLY B 203 -58.40 -13.48 37.77
C GLY B 203 -57.25 -14.35 38.27
N SER B 204 -57.15 -15.57 37.76
CA SER B 204 -56.00 -16.42 38.02
C SER B 204 -54.94 -16.19 36.95
N ALA B 205 -53.74 -16.73 37.15
CA ALA B 205 -52.64 -16.58 36.20
C ALA B 205 -52.87 -17.40 34.94
N ASN B 206 -52.42 -16.85 33.81
CA ASN B 206 -52.47 -17.54 32.53
C ASN B 206 -51.20 -18.39 32.36
N THR B 207 -51.34 -19.70 32.56
CA THR B 207 -50.22 -20.64 32.43
C THR B 207 -50.38 -21.50 31.18
N LEU B 208 -51.19 -21.03 30.23
CA LEU B 208 -51.45 -21.80 29.03
C LEU B 208 -50.20 -21.98 28.18
N VAL B 209 -49.96 -23.21 27.76
CA VAL B 209 -48.85 -23.54 26.88
C VAL B 209 -49.44 -24.20 25.63
N ILE B 210 -48.96 -23.78 24.46
CA ILE B 210 -49.30 -24.47 23.20
C ILE B 210 -48.02 -25.01 22.56
N ASP B 211 -47.93 -26.34 22.50
CA ASP B 211 -46.72 -27.02 22.07
C ASP B 211 -47.00 -27.91 20.86
N ARG B 212 -45.93 -28.29 20.17
CA ARG B 212 -45.95 -29.45 19.28
C ARG B 212 -44.77 -30.32 19.64
N PRO B 213 -45.01 -31.41 20.40
CA PRO B 213 -43.90 -32.28 20.80
C PRO B 213 -43.08 -32.69 19.59
N VAL B 214 -41.76 -32.77 19.76
CA VAL B 214 -40.82 -33.05 18.69
C VAL B 214 -41.13 -34.38 17.98
N GLY B 215 -41.11 -34.34 16.65
CA GLY B 215 -41.32 -35.56 15.86
C GLY B 215 -42.75 -36.02 15.71
N THR B 216 -43.70 -35.22 16.19
CA THR B 216 -45.13 -35.53 16.06
C THR B 216 -45.81 -34.47 15.18
N ASN B 217 -47.02 -34.79 14.72
CA ASN B 217 -47.90 -33.80 14.12
C ASN B 217 -49.10 -33.54 15.05
N THR B 218 -48.79 -33.38 16.33
CA THR B 218 -49.80 -33.21 17.38
C THR B 218 -49.62 -31.86 18.05
N ILE B 219 -50.70 -31.10 18.16
CA ILE B 219 -50.71 -29.89 18.94
C ILE B 219 -51.21 -30.23 20.35
N ALA B 220 -50.30 -30.12 21.32
CA ALA B 220 -50.60 -30.40 22.72
C ALA B 220 -50.80 -29.10 23.48
N VAL B 221 -52.00 -28.90 24.00
CA VAL B 221 -52.31 -27.69 24.75
C VAL B 221 -52.38 -28.04 26.23
N THR B 222 -51.59 -27.34 27.04
CA THR B 222 -51.53 -27.59 28.48
C THR B 222 -51.64 -26.28 29.24
N GLY B 223 -51.75 -26.36 30.56
CA GLY B 223 -51.84 -25.15 31.38
C GLY B 223 -53.27 -24.73 31.69
N SER B 224 -53.41 -23.47 32.10
CA SER B 224 -54.66 -22.95 32.60
C SER B 224 -54.94 -21.57 32.02
N LEU B 225 -56.11 -21.44 31.39
CA LEU B 225 -56.56 -20.18 30.80
C LEU B 225 -57.67 -19.59 31.67
N PRO B 226 -57.44 -18.41 32.26
CA PRO B 226 -58.40 -17.81 33.19
C PRO B 226 -59.74 -17.52 32.50
N ALA B 227 -60.82 -17.56 33.27
CA ALA B 227 -62.14 -17.35 32.70
C ALA B 227 -62.33 -15.92 32.17
N ASP B 228 -61.65 -14.94 32.78
CA ASP B 228 -61.79 -13.54 32.35
C ASP B 228 -60.75 -13.11 31.31
N ALA B 229 -60.20 -14.08 30.58
CA ALA B 229 -59.14 -13.84 29.62
C ALA B 229 -59.67 -13.74 28.20
N ALA B 230 -59.01 -12.90 27.40
CA ALA B 230 -59.21 -12.85 25.96
C ALA B 230 -58.80 -14.20 25.37
N PRO B 231 -59.38 -14.56 24.20
CA PRO B 231 -58.87 -15.73 23.47
C PRO B 231 -57.35 -15.67 23.30
N VAL B 232 -56.69 -16.82 23.34
CA VAL B 232 -55.28 -16.92 22.95
C VAL B 232 -55.18 -17.31 21.46
N THR B 233 -54.35 -16.58 20.71
CA THR B 233 -54.17 -16.82 19.29
C THR B 233 -52.68 -16.96 19.01
N ALA B 234 -52.29 -18.12 18.49
CA ALA B 234 -50.88 -18.43 18.30
C ALA B 234 -50.65 -19.23 17.02
N LEU B 235 -49.63 -18.82 16.26
CA LEU B 235 -49.18 -19.58 15.09
C LEU B 235 -48.32 -20.72 15.57
N ARG B 236 -48.64 -21.93 15.12
CA ARG B 236 -47.80 -23.06 15.41
C ARG B 236 -47.48 -23.81 14.13
N THR B 237 -46.36 -24.52 14.12
CA THR B 237 -45.94 -25.26 12.95
C THR B 237 -46.66 -26.60 12.89
N VAL B 238 -46.77 -27.11 11.66
CA VAL B 238 -47.24 -28.46 11.42
C VAL B 238 -46.09 -29.27 10.81
N ASP B 239 -46.14 -30.59 10.98
CA ASP B 239 -45.27 -31.51 10.25
C ASP B 239 -45.75 -31.59 8.82
N GLU B 240 -44.82 -31.51 7.87
CA GLU B 240 -45.12 -31.59 6.44
C GLU B 240 -46.07 -30.51 5.92
N PRO B 241 -45.53 -29.29 5.69
CA PRO B 241 -46.31 -28.18 5.14
C PRO B 241 -47.04 -28.54 3.84
N ALA B 242 -46.41 -29.31 2.97
CA ALA B 242 -47.00 -29.69 1.68
C ALA B 242 -48.26 -30.51 1.87
N ALA B 243 -48.22 -31.45 2.82
CA ALA B 243 -49.37 -32.27 3.15
C ALA B 243 -50.52 -31.45 3.75
N LEU B 244 -50.19 -30.36 4.46
CA LEU B 244 -51.23 -29.43 4.92
C LEU B 244 -51.85 -28.74 3.70
N ALA B 245 -51.00 -28.34 2.76
CA ALA B 245 -51.44 -27.78 1.50
C ALA B 245 -52.42 -28.73 0.79
N GLY B 246 -52.13 -30.03 0.85
CA GLY B 246 -52.99 -31.04 0.26
C GLY B 246 -54.32 -31.13 0.97
N HIS B 247 -54.27 -31.21 2.30
CA HIS B 247 -55.45 -31.19 3.16
C HIS B 247 -56.39 -30.01 2.83
N LEU B 248 -55.81 -28.81 2.74
CA LEU B 248 -56.56 -27.61 2.37
C LEU B 248 -57.06 -27.61 0.93
N PHE B 249 -56.27 -28.15 0.02
CA PHE B 249 -56.68 -28.23 -1.38
C PHE B 249 -57.83 -29.21 -1.60
N GLU B 250 -57.81 -30.32 -0.87
CA GLU B 250 -58.91 -31.28 -0.94
C GLU B 250 -60.21 -30.66 -0.46
N GLU B 251 -60.13 -29.88 0.61
CA GLU B 251 -61.27 -29.15 1.13
C GLU B 251 -61.76 -28.12 0.13
N ALA B 252 -60.84 -27.39 -0.49
CA ALA B 252 -61.17 -26.36 -1.47
C ALA B 252 -61.81 -26.94 -2.72
N LEU B 253 -61.34 -28.11 -3.14
CA LEU B 253 -61.95 -28.86 -4.24
C LEU B 253 -63.40 -29.25 -3.94
N GLU B 254 -63.62 -29.86 -2.78
CA GLU B 254 -64.96 -30.25 -2.36
C GLU B 254 -65.89 -29.04 -2.33
N SER B 255 -65.33 -27.89 -1.94
CA SER B 255 -66.09 -26.66 -1.80
C SER B 255 -66.41 -26.02 -3.16
N ASN B 256 -65.66 -26.42 -4.19
CA ASN B 256 -65.87 -25.95 -5.56
C ASN B 256 -66.52 -27.02 -6.44
N GLY B 257 -67.12 -28.03 -5.81
CA GLY B 257 -67.84 -29.09 -6.51
C GLY B 257 -66.98 -30.16 -7.15
N VAL B 258 -65.83 -30.45 -6.55
CA VAL B 258 -64.97 -31.54 -7.02
C VAL B 258 -64.80 -32.60 -5.93
N THR B 259 -65.26 -33.82 -6.23
CA THR B 259 -65.19 -34.92 -5.28
C THR B 259 -63.86 -35.67 -5.38
N VAL B 260 -63.16 -35.77 -4.26
CA VAL B 260 -61.91 -36.53 -4.20
C VAL B 260 -62.18 -37.87 -3.55
N LYS B 261 -62.04 -38.94 -4.33
CA LYS B 261 -62.33 -40.29 -3.86
C LYS B 261 -61.24 -40.91 -3.00
N GLY B 262 -59.99 -40.83 -3.47
CA GLY B 262 -58.86 -41.46 -2.79
C GLY B 262 -58.34 -40.66 -1.62
N ASP B 263 -57.13 -41.01 -1.20
CA ASP B 263 -56.48 -40.39 -0.05
C ASP B 263 -55.73 -39.13 -0.47
N VAL B 264 -55.25 -38.39 0.52
CA VAL B 264 -54.39 -37.25 0.28
C VAL B 264 -53.01 -37.53 0.91
N GLY B 265 -51.95 -37.25 0.15
CA GLY B 265 -50.60 -37.41 0.64
C GLY B 265 -49.56 -36.80 -0.27
N LEU B 266 -48.30 -37.11 0.01
CA LEU B 266 -47.16 -36.61 -0.76
C LEU B 266 -46.82 -37.53 -1.91
N GLY B 267 -46.34 -36.94 -3.00
CA GLY B 267 -45.93 -37.65 -4.19
C GLY B 267 -45.59 -36.67 -5.29
N GLY B 268 -44.59 -37.00 -6.09
CA GLY B 268 -44.23 -36.17 -7.24
C GLY B 268 -44.89 -36.67 -8.51
N VAL B 269 -45.23 -35.74 -9.40
CA VAL B 269 -45.73 -36.05 -10.73
C VAL B 269 -44.83 -37.12 -11.35
N PRO B 270 -45.42 -38.25 -11.78
CA PRO B 270 -44.65 -39.34 -12.39
C PRO B 270 -43.74 -38.85 -13.53
N ALA B 271 -42.48 -39.26 -13.49
CA ALA B 271 -41.50 -38.87 -14.51
C ALA B 271 -41.84 -39.38 -15.92
N ASP B 272 -42.75 -40.33 -15.99
CA ASP B 272 -43.20 -40.90 -17.26
C ASP B 272 -44.43 -40.19 -17.87
N TRP B 273 -44.95 -39.19 -17.19
CA TRP B 273 -46.01 -38.35 -17.74
C TRP B 273 -45.40 -37.37 -18.75
N GLN B 274 -45.83 -37.48 -20.00
CA GLN B 274 -45.23 -36.68 -21.09
C GLN B 274 -46.09 -35.50 -21.57
N ASP B 275 -47.38 -35.73 -21.74
CA ASP B 275 -48.30 -34.64 -22.09
C ASP B 275 -49.27 -34.36 -20.94
N ALA B 276 -48.70 -34.01 -19.77
CA ALA B 276 -49.48 -33.77 -18.56
C ALA B 276 -50.33 -32.51 -18.67
N GLU B 277 -51.57 -32.61 -18.20
CA GLU B 277 -52.52 -31.51 -18.32
C GLU B 277 -52.45 -30.60 -17.12
N VAL B 278 -52.28 -29.30 -17.38
CA VAL B 278 -52.28 -28.28 -16.33
C VAL B 278 -53.68 -27.70 -16.23
N LEU B 279 -54.35 -28.01 -15.13
CA LEU B 279 -55.76 -27.73 -14.94
C LEU B 279 -55.98 -26.41 -14.21
N ALA B 280 -54.92 -25.93 -13.55
CA ALA B 280 -54.96 -24.68 -12.79
C ALA B 280 -53.54 -24.27 -12.46
N ASP B 281 -53.32 -22.97 -12.38
CA ASP B 281 -52.06 -22.47 -11.85
C ASP B 281 -52.22 -21.15 -11.08
N HIS B 282 -51.15 -20.78 -10.40
CA HIS B 282 -51.07 -19.52 -9.72
C HIS B 282 -49.67 -18.95 -9.91
N THR B 283 -49.59 -17.63 -10.05
CA THR B 283 -48.34 -16.90 -10.15
C THR B 283 -48.27 -15.87 -9.03
N SER B 284 -47.15 -15.90 -8.31
CA SER B 284 -46.93 -15.01 -7.17
C SER B 284 -46.62 -13.59 -7.63
N ALA B 285 -46.53 -12.68 -6.66
CA ALA B 285 -45.98 -11.35 -6.88
C ALA B 285 -44.51 -11.54 -7.20
N GLU B 286 -43.90 -10.53 -7.79
CA GLU B 286 -42.49 -10.61 -8.14
C GLU B 286 -41.63 -10.43 -6.90
N LEU B 287 -40.37 -10.90 -6.99
CA LEU B 287 -39.42 -10.84 -5.88
C LEU B 287 -39.28 -9.44 -5.27
N SER B 288 -39.32 -8.40 -6.12
CA SER B 288 -39.25 -7.03 -5.64
C SER B 288 -40.30 -6.73 -4.56
N GLU B 289 -41.52 -7.19 -4.77
CA GLU B 289 -42.60 -7.01 -3.79
C GLU B 289 -42.52 -7.98 -2.60
N ILE B 290 -42.06 -9.19 -2.87
CA ILE B 290 -41.91 -10.22 -1.82
C ILE B 290 -40.85 -9.80 -0.79
N LEU B 291 -39.84 -9.05 -1.21
CA LEU B 291 -38.77 -8.61 -0.31
C LEU B 291 -39.25 -7.78 0.88
N VAL B 292 -40.43 -7.16 0.75
CA VAL B 292 -40.98 -6.34 1.84
C VAL B 292 -41.33 -7.19 3.08
N PRO B 293 -42.38 -8.05 3.03
CA PRO B 293 -42.73 -8.83 4.23
C PRO B 293 -41.59 -9.73 4.76
N PHE B 294 -40.68 -10.11 3.87
CA PHE B 294 -39.51 -10.94 4.19
C PHE B 294 -38.50 -10.15 5.03
N MET B 295 -38.10 -8.99 4.55
CA MET B 295 -37.06 -8.19 5.23
C MET B 295 -37.60 -7.31 6.37
N LYS B 296 -38.78 -6.73 6.19
CA LYS B 296 -39.39 -5.89 7.25
C LYS B 296 -39.67 -6.67 8.54
N PHE B 297 -40.10 -7.92 8.42
CA PHE B 297 -40.49 -8.74 9.58
C PHE B 297 -39.52 -9.90 9.86
N SER B 298 -38.49 -10.01 9.04
CA SER B 298 -37.43 -10.99 9.23
C SER B 298 -37.99 -12.43 9.20
N ASN B 299 -38.46 -12.83 8.03
CA ASN B 299 -39.18 -14.08 7.83
C ASN B 299 -38.24 -15.21 7.44
N ASN B 300 -38.05 -16.16 8.36
CA ASN B 300 -37.04 -17.20 8.20
C ASN B 300 -37.31 -18.17 7.05
N GLY B 301 -38.58 -18.59 6.93
CA GLY B 301 -39.03 -19.50 5.88
C GLY B 301 -38.84 -18.93 4.49
N HIS B 302 -39.14 -17.63 4.33
CA HIS B 302 -38.86 -16.90 3.09
C HIS B 302 -37.40 -17.06 2.68
N ALA B 303 -36.49 -16.85 3.64
CA ALA B 303 -35.05 -16.94 3.41
C ALA B 303 -34.57 -18.29 2.89
N GLU B 304 -35.01 -19.37 3.54
CA GLU B 304 -34.57 -20.72 3.19
C GLU B 304 -35.14 -21.18 1.84
N MET B 305 -36.37 -20.76 1.53
CA MET B 305 -37.01 -21.07 0.26
C MET B 305 -36.26 -20.36 -0.86
N LEU B 306 -35.85 -19.11 -0.61
CA LEU B 306 -35.04 -18.38 -1.59
C LEU B 306 -33.72 -19.09 -1.86
N VAL B 307 -33.08 -19.58 -0.81
CA VAL B 307 -31.81 -20.28 -0.95
C VAL B 307 -32.00 -21.52 -1.82
N LYS B 308 -33.06 -22.28 -1.54
CA LYS B 308 -33.36 -23.46 -2.32
C LYS B 308 -33.75 -23.15 -3.77
N SER B 309 -34.51 -22.06 -3.97
CA SER B 309 -34.77 -21.49 -5.30
C SER B 309 -33.47 -21.10 -6.03
N ILE B 310 -32.48 -20.61 -5.28
CA ILE B 310 -31.17 -20.33 -5.86
C ILE B 310 -30.50 -21.65 -6.28
N GLY B 311 -30.58 -22.65 -5.41
CA GLY B 311 -30.08 -24.00 -5.73
C GLY B 311 -30.66 -24.55 -7.01
N GLN B 312 -31.96 -24.39 -7.20
CA GLN B 312 -32.63 -24.82 -8.43
C GLN B 312 -32.13 -24.07 -9.65
N GLU B 313 -32.00 -22.74 -9.52
CA GLU B 313 -31.59 -21.88 -10.63
C GLU B 313 -30.12 -22.11 -11.02
N THR B 314 -29.22 -22.15 -10.05
CA THR B 314 -27.78 -22.27 -10.32
C THR B 314 -27.24 -23.72 -10.43
N ALA B 315 -28.05 -24.71 -10.09
CA ALA B 315 -27.55 -26.09 -10.02
C ALA B 315 -28.56 -27.18 -10.38
N GLY B 316 -29.83 -26.79 -10.57
CA GLY B 316 -30.90 -27.75 -10.81
C GLY B 316 -31.21 -28.61 -9.60
N ALA B 317 -30.88 -28.10 -8.43
CA ALA B 317 -31.07 -28.84 -7.18
C ALA B 317 -31.62 -27.96 -6.06
N GLY B 318 -32.89 -28.17 -5.72
CA GLY B 318 -33.54 -27.39 -4.65
C GLY B 318 -33.08 -27.79 -3.26
N THR B 319 -31.80 -27.54 -2.96
CA THR B 319 -31.17 -28.04 -1.73
C THR B 319 -30.42 -26.92 -1.00
N TRP B 320 -30.09 -27.12 0.28
CA TRP B 320 -29.24 -26.18 1.00
C TRP B 320 -27.80 -26.19 0.50
N ASP B 321 -27.26 -27.39 0.31
CA ASP B 321 -25.90 -27.54 -0.18
C ASP B 321 -25.72 -26.77 -1.49
N ALA B 322 -26.67 -26.95 -2.41
CA ALA B 322 -26.58 -26.29 -3.72
C ALA B 322 -26.93 -24.81 -3.62
N GLY B 323 -27.99 -24.49 -2.88
CA GLY B 323 -28.41 -23.11 -2.67
C GLY B 323 -27.34 -22.21 -2.07
N LEU B 324 -26.64 -22.72 -1.05
CA LEU B 324 -25.62 -21.94 -0.36
C LEU B 324 -24.38 -21.69 -1.21
N VAL B 325 -23.99 -22.65 -2.04
CA VAL B 325 -22.96 -22.46 -3.06
C VAL B 325 -23.37 -21.32 -4.00
N GLY B 326 -24.64 -21.33 -4.41
CA GLY B 326 -25.18 -20.30 -5.29
C GLY B 326 -25.11 -18.91 -4.69
N VAL B 327 -25.47 -18.79 -3.42
CA VAL B 327 -25.42 -17.53 -2.69
C VAL B 327 -24.01 -16.96 -2.64
N GLU B 328 -23.04 -17.77 -2.19
CA GLU B 328 -21.65 -17.35 -2.07
C GLU B 328 -21.07 -16.92 -3.42
N GLU B 329 -21.33 -17.73 -4.45
CA GLU B 329 -20.86 -17.44 -5.80
C GLU B 329 -21.51 -16.19 -6.39
N ALA B 330 -22.75 -15.89 -5.98
CA ALA B 330 -23.44 -14.69 -6.42
C ALA B 330 -22.89 -13.45 -5.73
N LEU B 331 -22.47 -13.61 -4.47
CA LEU B 331 -22.00 -12.50 -3.68
C LEU B 331 -20.66 -11.97 -4.18
N SER B 332 -19.74 -12.88 -4.47
CA SER B 332 -18.45 -12.50 -5.05
C SER B 332 -18.59 -12.01 -6.50
N GLY B 333 -19.60 -12.52 -7.20
CA GLY B 333 -19.97 -12.03 -8.52
C GLY B 333 -20.47 -10.60 -8.44
N LEU B 334 -21.02 -10.24 -7.29
CA LEU B 334 -21.47 -8.89 -7.02
C LEU B 334 -20.29 -8.00 -6.59
N GLY B 335 -19.14 -8.64 -6.32
CA GLY B 335 -17.93 -7.93 -5.94
C GLY B 335 -17.66 -7.89 -4.45
N VAL B 336 -18.42 -8.67 -3.67
CA VAL B 336 -18.21 -8.79 -2.24
C VAL B 336 -17.12 -9.85 -1.95
N ASP B 337 -16.11 -9.46 -1.18
CA ASP B 337 -15.10 -10.41 -0.69
C ASP B 337 -15.75 -11.26 0.40
N THR B 338 -15.85 -12.56 0.14
CA THR B 338 -16.63 -13.49 0.98
C THR B 338 -15.76 -14.41 1.84
N ALA B 339 -14.49 -14.03 2.03
CA ALA B 339 -13.52 -14.85 2.76
C ALA B 339 -13.89 -15.09 4.23
N GLY B 340 -14.52 -14.10 4.85
CA GLY B 340 -14.93 -14.18 6.26
C GLY B 340 -16.35 -14.66 6.48
N LEU B 341 -17.04 -15.02 5.39
CA LEU B 341 -18.41 -15.58 5.46
C LEU B 341 -18.38 -17.09 5.61
N VAL B 342 -19.13 -17.61 6.57
CA VAL B 342 -19.50 -19.02 6.60
C VAL B 342 -21.02 -19.13 6.47
N LEU B 343 -21.47 -19.82 5.44
CA LEU B 343 -22.91 -19.95 5.16
C LEU B 343 -23.44 -21.32 5.60
N ASN B 344 -24.42 -21.30 6.50
CA ASN B 344 -25.07 -22.53 6.94
C ASN B 344 -26.57 -22.56 6.67
N ASP B 345 -27.18 -21.39 6.59
CA ASP B 345 -28.56 -21.25 6.12
C ASP B 345 -28.80 -19.84 5.55
N GLY B 346 -30.03 -19.60 5.11
CA GLY B 346 -30.38 -18.31 4.55
C GLY B 346 -30.93 -17.32 5.56
N SER B 347 -31.55 -17.83 6.61
CA SER B 347 -32.27 -16.99 7.57
C SER B 347 -31.37 -16.30 8.59
N GLY B 348 -30.29 -16.96 8.98
CA GLY B 348 -29.49 -16.53 10.12
C GLY B 348 -29.82 -17.25 11.41
N LEU B 349 -30.84 -18.12 11.37
CA LEU B 349 -31.29 -18.92 12.51
C LEU B 349 -30.18 -19.86 12.98
N SER B 350 -29.46 -20.44 12.01
CA SER B 350 -28.36 -21.38 12.33
C SER B 350 -27.24 -20.66 13.02
N ARG B 351 -26.74 -21.28 14.08
CA ARG B 351 -25.60 -20.74 14.81
C ARG B 351 -24.27 -21.22 14.22
N GLY B 352 -24.34 -21.76 13.00
CA GLY B 352 -23.14 -22.15 12.25
C GLY B 352 -22.78 -21.11 11.20
N ASN B 353 -23.57 -20.04 11.16
CA ASN B 353 -23.33 -18.92 10.27
C ASN B 353 -22.32 -17.97 10.87
N LEU B 354 -21.48 -17.40 10.01
CA LEU B 354 -20.48 -16.40 10.43
C LEU B 354 -20.35 -15.31 9.39
N VAL B 355 -20.28 -14.07 9.88
CA VAL B 355 -19.97 -12.89 9.05
C VAL B 355 -18.88 -12.07 9.74
N THR B 356 -18.51 -10.94 9.12
CA THR B 356 -17.76 -9.90 9.80
C THR B 356 -18.53 -8.60 9.54
N ALA B 357 -18.35 -7.60 10.39
CA ALA B 357 -18.91 -6.26 10.13
C ALA B 357 -18.36 -5.66 8.82
N ASP B 358 -17.09 -5.94 8.51
CA ASP B 358 -16.48 -5.48 7.25
C ASP B 358 -17.19 -6.07 6.04
N THR B 359 -17.50 -7.37 6.11
CA THR B 359 -18.17 -8.08 5.02
C THR B 359 -19.59 -7.56 4.79
N VAL B 360 -20.27 -7.22 5.89
CA VAL B 360 -21.64 -6.70 5.81
C VAL B 360 -21.61 -5.33 5.12
N VAL B 361 -20.69 -4.47 5.56
CA VAL B 361 -20.55 -3.12 5.02
C VAL B 361 -20.13 -3.13 3.54
N ASP B 362 -19.22 -4.04 3.19
CA ASP B 362 -18.86 -4.31 1.79
C ASP B 362 -20.12 -4.57 0.96
N LEU B 363 -20.95 -5.53 1.40
CA LEU B 363 -22.23 -5.84 0.75
C LEU B 363 -23.17 -4.64 0.63
N LEU B 364 -23.23 -3.80 1.65
CA LEU B 364 -24.10 -2.63 1.62
C LEU B 364 -23.66 -1.64 0.55
N GLY B 365 -22.35 -1.56 0.33
CA GLY B 365 -21.79 -0.73 -0.72
C GLY B 365 -22.07 -1.28 -2.11
N GLN B 366 -21.75 -2.54 -2.33
CA GLN B 366 -21.97 -3.20 -3.63
C GLN B 366 -23.46 -3.23 -3.99
N ALA B 367 -24.32 -3.43 -2.99
CA ALA B 367 -25.77 -3.50 -3.19
C ALA B 367 -26.39 -2.12 -3.47
N GLY B 368 -25.71 -1.07 -3.01
CA GLY B 368 -26.18 0.28 -3.21
C GLY B 368 -26.04 0.76 -4.65
N SER B 369 -25.08 0.16 -5.37
CA SER B 369 -24.81 0.53 -6.75
C SER B 369 -25.31 -0.51 -7.75
N ALA B 370 -26.00 -1.54 -7.24
CA ALA B 370 -26.63 -2.57 -8.06
C ALA B 370 -27.86 -2.04 -8.80
N PRO B 371 -28.26 -2.69 -9.92
CA PRO B 371 -29.45 -2.22 -10.65
C PRO B 371 -30.71 -2.25 -9.78
N TRP B 372 -30.81 -3.27 -8.93
CA TRP B 372 -31.96 -3.49 -8.06
C TRP B 372 -31.84 -2.77 -6.71
N ALA B 373 -31.02 -1.72 -6.66
CA ALA B 373 -30.70 -1.02 -5.41
C ALA B 373 -31.91 -0.43 -4.67
N GLN B 374 -32.93 -0.04 -5.43
CA GLN B 374 -34.08 0.65 -4.84
C GLN B 374 -35.05 -0.26 -4.05
N THR B 375 -35.40 -1.41 -4.61
CA THR B 375 -36.21 -2.40 -3.85
C THR B 375 -35.43 -3.02 -2.71
N TRP B 376 -34.12 -3.15 -2.90
CA TRP B 376 -33.20 -3.62 -1.86
C TRP B 376 -33.37 -2.79 -0.59
N SER B 377 -33.18 -1.47 -0.71
CA SER B 377 -33.27 -0.56 0.43
C SER B 377 -34.71 -0.34 0.93
N ALA B 378 -35.67 -0.29 0.00
CA ALA B 378 -37.08 -0.15 0.35
C ALA B 378 -37.63 -1.28 1.22
N SER B 379 -36.98 -2.44 1.16
CA SER B 379 -37.39 -3.63 1.92
C SER B 379 -36.89 -3.61 3.36
N LEU B 380 -35.90 -2.76 3.63
CA LEU B 380 -35.30 -2.68 4.96
C LEU B 380 -36.19 -1.91 5.92
N PRO B 381 -36.32 -2.38 7.17
CA PRO B 381 -37.05 -1.64 8.21
C PRO B 381 -36.59 -0.17 8.28
N VAL B 382 -37.55 0.74 8.47
CA VAL B 382 -37.25 2.16 8.63
C VAL B 382 -37.42 2.54 10.10
N ALA B 383 -36.35 3.04 10.70
CA ALA B 383 -36.35 3.42 12.10
C ALA B 383 -37.54 4.31 12.47
N GLY B 384 -38.27 3.89 13.49
CA GLY B 384 -39.29 4.75 14.11
C GLY B 384 -40.68 4.72 13.51
N GLU B 385 -40.82 4.14 12.32
CA GLU B 385 -42.09 4.16 11.59
C GLU B 385 -43.16 3.20 12.12
N SER B 386 -44.35 3.76 12.39
CA SER B 386 -45.42 3.08 13.10
C SER B 386 -46.23 2.10 12.23
N ASP B 387 -46.12 2.27 10.91
CA ASP B 387 -46.68 1.32 9.95
C ASP B 387 -45.79 0.07 9.97
N PRO B 388 -46.37 -1.10 10.36
CA PRO B 388 -45.58 -2.33 10.47
C PRO B 388 -44.89 -2.69 9.15
N PHE B 389 -45.56 -2.41 8.04
CA PHE B 389 -45.03 -2.68 6.72
C PHE B 389 -44.00 -1.63 6.27
N VAL B 390 -43.77 -0.64 7.12
CA VAL B 390 -42.77 0.40 6.85
C VAL B 390 -41.62 0.32 7.85
N GLY B 391 -41.94 0.41 9.14
CA GLY B 391 -40.92 0.35 10.19
C GLY B 391 -40.46 -1.07 10.53
N GLY B 392 -41.33 -2.05 10.29
CA GLY B 392 -41.02 -3.45 10.55
C GLY B 392 -40.50 -3.70 11.95
N THR B 393 -39.34 -4.32 12.04
CA THR B 393 -38.77 -4.68 13.34
C THR B 393 -38.08 -3.50 14.05
N LEU B 394 -38.05 -2.35 13.36
CA LEU B 394 -37.56 -1.10 13.92
C LEU B 394 -38.69 -0.13 14.25
N ALA B 395 -39.94 -0.62 14.21
CA ALA B 395 -41.11 0.26 14.38
C ALA B 395 -41.06 1.02 15.69
N ASN B 396 -40.78 0.32 16.79
CA ASN B 396 -40.83 0.92 18.12
C ASN B 396 -39.46 1.35 18.63
N ARG B 397 -38.54 1.60 17.70
CA ARG B 397 -37.18 2.00 18.04
C ARG B 397 -36.82 3.33 17.38
N MET B 398 -36.05 4.15 18.10
CA MET B 398 -35.50 5.43 17.59
C MET B 398 -36.54 6.50 17.24
N ARG B 399 -37.71 6.41 17.86
CA ARG B 399 -38.71 7.46 17.75
C ARG B 399 -38.30 8.62 18.61
N GLY B 400 -38.48 9.84 18.08
CA GLY B 400 -38.11 11.07 18.77
C GLY B 400 -36.62 11.33 18.68
N THR B 401 -35.98 10.67 17.73
CA THR B 401 -34.54 10.79 17.54
C THR B 401 -34.25 11.24 16.11
N ALA B 402 -33.03 11.75 15.90
CA ALA B 402 -32.53 12.07 14.57
C ALA B 402 -32.75 10.93 13.57
N ALA B 403 -32.79 9.70 14.07
CA ALA B 403 -32.91 8.50 13.25
C ALA B 403 -34.33 8.20 12.75
N GLU B 404 -35.34 8.77 13.41
CA GLU B 404 -36.74 8.52 13.05
C GLU B 404 -37.05 8.86 11.58
N GLY B 405 -37.50 7.86 10.84
CA GLY B 405 -37.84 8.02 9.42
C GLY B 405 -36.65 8.09 8.48
N VAL B 406 -35.44 8.06 9.05
CA VAL B 406 -34.20 8.21 8.28
C VAL B 406 -33.47 6.85 8.12
N VAL B 407 -33.07 6.27 9.23
CA VAL B 407 -32.25 5.06 9.23
C VAL B 407 -32.99 3.86 8.64
N GLU B 408 -32.35 3.22 7.66
CA GLU B 408 -32.84 2.02 7.00
C GLU B 408 -31.91 0.84 7.31
N ALA B 409 -32.39 -0.16 8.05
CA ALA B 409 -31.50 -1.19 8.59
C ALA B 409 -32.17 -2.52 8.91
N LYS B 410 -31.47 -3.61 8.59
CA LYS B 410 -31.89 -4.95 8.98
C LYS B 410 -31.47 -5.23 10.41
N THR B 411 -32.36 -5.90 11.13
CA THR B 411 -32.13 -6.31 12.51
C THR B 411 -31.73 -7.80 12.57
N GLY B 412 -31.28 -8.23 13.73
CA GLY B 412 -31.00 -9.63 13.97
C GLY B 412 -30.91 -9.85 15.46
N THR B 413 -31.74 -10.76 15.98
CA THR B 413 -31.65 -11.14 17.39
C THR B 413 -31.94 -12.63 17.58
N MET B 414 -31.12 -13.24 18.44
CA MET B 414 -31.43 -14.51 19.09
C MET B 414 -30.59 -14.61 20.35
N SER B 415 -30.77 -15.68 21.11
CA SER B 415 -30.05 -15.85 22.37
C SER B 415 -28.55 -15.58 22.19
N GLY B 416 -28.06 -14.52 22.81
CA GLY B 416 -26.64 -14.16 22.78
C GLY B 416 -26.13 -13.48 21.52
N VAL B 417 -27.03 -13.23 20.56
CA VAL B 417 -26.67 -12.64 19.29
C VAL B 417 -27.60 -11.50 18.94
N SER B 418 -27.03 -10.34 18.59
CA SER B 418 -27.83 -9.19 18.16
C SER B 418 -27.07 -8.37 17.14
N ALA B 419 -27.81 -7.76 16.21
CA ALA B 419 -27.19 -7.04 15.12
C ALA B 419 -28.09 -5.97 14.52
N LEU B 420 -27.46 -4.91 14.03
CA LEU B 420 -28.13 -3.86 13.27
C LEU B 420 -27.16 -3.37 12.20
N SER B 421 -27.58 -3.46 10.94
CA SER B 421 -26.77 -3.03 9.83
C SER B 421 -27.67 -2.41 8.80
N GLY B 422 -27.25 -1.27 8.25
CA GLY B 422 -28.05 -0.61 7.22
C GLY B 422 -27.47 0.65 6.64
N TYR B 423 -28.36 1.55 6.24
CA TYR B 423 -27.98 2.83 5.66
C TYR B 423 -28.44 4.01 6.48
N VAL B 424 -27.64 5.08 6.41
CA VAL B 424 -28.04 6.39 6.90
C VAL B 424 -27.98 7.33 5.71
N PRO B 425 -29.14 7.54 5.04
CA PRO B 425 -29.26 8.52 3.95
C PRO B 425 -28.99 9.96 4.41
N GLY B 426 -28.71 10.83 3.45
CA GLY B 426 -28.44 12.24 3.74
C GLY B 426 -28.18 13.05 2.48
N PRO B 427 -28.39 14.38 2.54
CA PRO B 427 -28.11 15.25 1.39
C PRO B 427 -26.60 15.32 1.12
N GLU B 428 -25.82 15.42 2.19
CA GLU B 428 -24.36 15.40 2.13
C GLU B 428 -23.83 14.01 1.76
N GLY B 429 -23.77 13.11 2.74
CA GLY B 429 -23.24 11.77 2.54
C GLY B 429 -24.15 10.63 2.94
N GLU B 430 -24.17 9.58 2.12
CA GLU B 430 -24.87 8.32 2.40
C GLU B 430 -23.96 7.38 3.21
N LEU B 431 -24.40 7.01 4.41
CA LEU B 431 -23.58 6.16 5.29
C LEU B 431 -24.00 4.69 5.28
N ALA B 432 -23.00 3.81 5.27
CA ALA B 432 -23.21 2.37 5.42
C ALA B 432 -22.66 1.90 6.76
N PHE B 433 -23.45 1.17 7.53
CA PHE B 433 -22.99 0.70 8.85
C PHE B 433 -23.36 -0.74 9.20
N SER B 434 -22.56 -1.32 10.07
CA SER B 434 -22.80 -2.66 10.60
C SER B 434 -22.38 -2.74 12.06
N ILE B 435 -23.33 -3.12 12.90
CA ILE B 435 -23.10 -3.38 14.32
C ILE B 435 -23.50 -4.83 14.59
N VAL B 436 -22.53 -5.68 14.92
CA VAL B 436 -22.82 -7.07 15.28
C VAL B 436 -22.29 -7.36 16.69
N ASN B 437 -23.20 -7.76 17.58
CA ASN B 437 -22.88 -7.99 18.98
C ASN B 437 -22.96 -9.47 19.35
N ASN B 438 -21.87 -10.00 19.89
CA ASN B 438 -21.82 -11.39 20.35
C ASN B 438 -21.27 -11.48 21.77
N GLY B 439 -21.71 -12.48 22.52
CA GLY B 439 -21.09 -12.80 23.80
C GLY B 439 -21.56 -11.99 24.98
N HIS B 440 -22.56 -11.12 24.77
CA HIS B 440 -23.23 -10.41 25.85
C HIS B 440 -24.09 -11.40 26.64
N SER B 441 -24.07 -11.25 27.96
CA SER B 441 -24.67 -12.22 28.86
C SER B 441 -26.12 -11.94 29.19
N GLY B 442 -26.62 -10.78 28.78
CA GLY B 442 -27.97 -10.37 29.12
C GLY B 442 -28.89 -10.16 27.92
N PRO B 443 -29.91 -9.30 28.09
CA PRO B 443 -30.82 -8.93 27.01
C PRO B 443 -30.07 -8.20 25.90
N ALA B 444 -30.59 -8.33 24.68
CA ALA B 444 -29.98 -7.72 23.49
C ALA B 444 -29.73 -6.23 23.68
N PRO B 445 -28.53 -5.75 23.31
CA PRO B 445 -28.13 -4.36 23.53
C PRO B 445 -28.74 -3.43 22.47
N LEU B 446 -30.06 -3.33 22.47
CA LEU B 446 -30.79 -2.60 21.45
C LEU B 446 -30.63 -1.10 21.58
N ALA B 447 -30.60 -0.60 22.80
CA ALA B 447 -30.35 0.83 23.07
C ALA B 447 -28.95 1.27 22.65
N VAL B 448 -27.99 0.36 22.76
CA VAL B 448 -26.62 0.56 22.26
C VAL B 448 -26.62 0.76 20.74
N GLN B 449 -27.30 -0.15 20.05
CA GLN B 449 -27.47 -0.11 18.61
C GLN B 449 -28.21 1.15 18.18
N ASP B 450 -29.29 1.47 18.89
CA ASP B 450 -30.08 2.65 18.62
C ASP B 450 -29.26 3.92 18.81
N ALA B 451 -28.51 3.99 19.90
CA ALA B 451 -27.62 5.11 20.19
C ALA B 451 -26.58 5.37 19.10
N ILE B 452 -25.96 4.31 18.57
CA ILE B 452 -25.01 4.45 17.47
C ILE B 452 -25.69 4.95 16.20
N ALA B 453 -26.78 4.29 15.81
CA ALA B 453 -27.58 4.70 14.64
C ALA B 453 -28.05 6.14 14.76
N VAL B 454 -28.40 6.58 15.97
CA VAL B 454 -28.84 7.97 16.22
C VAL B 454 -27.66 8.95 16.04
N ARG B 455 -26.51 8.61 16.63
CA ARG B 455 -25.30 9.43 16.49
C ARG B 455 -24.87 9.59 15.02
N LEU B 456 -25.13 8.56 14.21
CA LEU B 456 -24.80 8.58 12.79
C LEU B 456 -25.75 9.50 12.02
N ALA B 457 -27.04 9.41 12.34
CA ALA B 457 -28.06 10.25 11.74
C ALA B 457 -27.71 11.72 11.96
N GLU B 458 -27.29 12.05 13.18
CA GLU B 458 -26.82 13.40 13.53
C GLU B 458 -25.66 13.82 12.64
N TYR B 459 -24.70 12.91 12.46
CA TYR B 459 -23.52 13.16 11.64
C TYR B 459 -23.91 13.47 10.19
N ALA B 460 -24.93 12.77 9.70
CA ALA B 460 -25.39 12.93 8.32
C ALA B 460 -26.29 14.15 8.13
N GLY B 461 -26.49 14.91 9.20
CA GLY B 461 -27.20 16.19 9.14
C GLY B 461 -28.65 16.16 9.56
N HIS B 462 -29.04 15.12 10.30
CA HIS B 462 -30.43 14.97 10.74
C HIS B 462 -30.64 15.43 12.19
N GLN B 463 -31.88 15.80 12.49
CA GLN B 463 -32.29 16.23 13.82
C GLN B 463 -33.63 15.58 14.20
N ALA B 464 -33.95 15.60 15.49
CA ALA B 464 -35.22 15.07 15.99
C ALA B 464 -36.42 15.90 15.49
N PRO B 465 -37.37 15.24 14.77
CA PRO B 465 -38.48 15.84 14.01
C PRO B 465 -39.33 16.91 14.75
N GLU B 466 -39.61 17.97 14.20
N ARG C 1 50.08 59.09 11.66
CA ARG C 1 49.86 58.31 10.39
C ARG C 1 50.18 56.82 10.59
N LEU C 2 51.33 56.37 10.08
CA LEU C 2 51.73 54.97 10.23
C LEU C 2 52.37 54.66 11.60
N THR C 3 53.36 55.44 12.00
CA THR C 3 54.05 55.21 13.28
C THR C 3 53.14 55.37 14.50
N GLU C 4 52.04 56.12 14.33
CA GLU C 4 51.02 56.24 15.37
C GLU C 4 50.21 54.93 15.47
N LEU C 5 49.79 54.42 14.31
CA LEU C 5 49.07 53.16 14.22
C LEU C 5 49.88 52.01 14.82
N ARG C 6 51.16 51.93 14.43
CA ARG C 6 52.07 50.89 14.90
C ARG C 6 52.27 50.98 16.40
N GLU C 7 52.38 52.21 16.92
CA GLU C 7 52.48 52.47 18.34
C GLU C 7 51.24 51.97 19.09
N ASP C 8 50.07 52.18 18.49
CA ASP C 8 48.79 51.82 19.08
C ASP C 8 48.54 50.32 19.15
N ILE C 9 48.94 49.60 18.11
CA ILE C 9 48.82 48.13 18.06
C ILE C 9 49.80 47.50 19.03
N ASP C 10 51.02 48.04 19.09
CA ASP C 10 52.02 47.63 20.07
C ASP C 10 51.46 47.65 21.49
N ALA C 11 50.75 48.75 21.82
CA ALA C 11 50.20 48.96 23.16
C ALA C 11 49.02 48.03 23.46
N ILE C 12 48.14 47.87 22.47
CA ILE C 12 47.05 46.89 22.52
C ILE C 12 47.59 45.48 22.80
N LEU C 13 48.70 45.13 22.17
CA LEU C 13 49.31 43.80 22.35
C LEU C 13 49.96 43.61 23.73
N GLU C 14 50.04 44.68 24.51
CA GLU C 14 50.53 44.60 25.89
C GLU C 14 49.38 44.34 26.86
N ASP C 15 48.54 43.38 26.49
CA ASP C 15 47.37 43.02 27.27
C ASP C 15 47.70 41.82 28.16
N PRO C 16 47.26 41.85 29.44
CA PRO C 16 47.45 40.72 30.36
C PRO C 16 46.88 39.37 29.87
N ALA C 17 46.01 39.41 28.87
CA ALA C 17 45.46 38.19 28.28
C ALA C 17 46.51 37.50 27.41
N LEU C 18 47.53 38.26 27.00
CA LEU C 18 48.58 37.74 26.15
C LEU C 18 49.89 37.56 26.91
N GLU C 19 49.78 37.57 28.24
CA GLU C 19 50.91 37.35 29.14
C GLU C 19 51.55 36.01 28.82
N GLY C 20 52.80 36.04 28.35
CA GLY C 20 53.52 34.83 28.00
C GLY C 20 53.03 34.10 26.76
N ALA C 21 52.31 34.83 25.90
CA ALA C 21 51.75 34.25 24.67
C ALA C 21 52.53 34.66 23.43
N VAL C 22 52.31 33.91 22.34
CA VAL C 22 52.91 34.22 21.04
C VAL C 22 51.82 34.73 20.10
N SER C 23 52.08 35.86 19.45
CA SER C 23 51.10 36.47 18.55
C SER C 23 51.73 36.94 17.24
N GLY C 24 51.34 36.30 16.14
CA GLY C 24 51.66 36.78 14.80
C GLY C 24 50.61 37.80 14.39
N VAL C 25 51.05 39.02 14.09
CA VAL C 25 50.14 40.10 13.68
C VAL C 25 50.67 40.76 12.42
N VAL C 26 49.89 40.66 11.34
CA VAL C 26 50.26 41.31 10.09
C VAL C 26 49.09 42.12 9.52
N VAL C 27 49.35 43.38 9.23
CA VAL C 27 48.39 44.24 8.55
C VAL C 27 48.98 44.77 7.23
N VAL C 28 48.21 44.63 6.16
CA VAL C 28 48.65 45.02 4.82
C VAL C 28 47.54 45.80 4.11
N ASP C 29 47.91 46.93 3.53
CA ASP C 29 47.04 47.61 2.57
C ASP C 29 47.14 46.84 1.26
N THR C 30 46.05 46.21 0.83
CA THR C 30 46.07 45.39 -0.39
C THR C 30 46.16 46.21 -1.68
N ALA C 31 45.72 47.46 -1.63
CA ALA C 31 45.72 48.33 -2.81
C ALA C 31 47.13 48.72 -3.25
N THR C 32 48.04 48.83 -2.29
CA THR C 32 49.43 49.24 -2.53
C THR C 32 50.41 48.09 -2.33
N GLY C 33 50.12 47.24 -1.33
CA GLY C 33 51.03 46.18 -0.92
C GLY C 33 51.80 46.58 0.33
N GLU C 34 51.72 47.88 0.68
CA GLU C 34 52.38 48.41 1.87
C GLU C 34 51.97 47.65 3.14
N GLU C 35 52.98 47.34 3.95
CA GLU C 35 52.83 46.57 5.16
C GLU C 35 52.70 47.51 6.36
N LEU C 36 51.47 47.67 6.85
CA LEU C 36 51.15 48.64 7.90
C LEU C 36 51.70 48.24 9.27
N TYR C 37 51.70 46.93 9.53
CA TYR C 37 52.23 46.37 10.77
C TYR C 37 52.70 44.96 10.51
N SER C 38 53.76 44.54 11.21
CA SER C 38 54.27 43.18 11.14
C SER C 38 55.06 42.81 12.39
N ARG C 39 54.59 41.76 13.06
CA ARG C 39 55.21 41.28 14.29
C ARG C 39 55.01 39.79 14.36
N ASP C 40 56.12 39.05 14.38
CA ASP C 40 56.13 37.58 14.42
C ASP C 40 55.35 36.94 13.26
N GLY C 41 55.28 37.63 12.12
CA GLY C 41 54.50 37.18 10.97
C GLY C 41 55.02 35.93 10.28
N GLY C 42 56.27 35.57 10.53
CA GLY C 42 56.87 34.36 9.98
C GLY C 42 56.85 33.18 10.93
N GLU C 43 56.23 33.39 12.10
CA GLU C 43 56.16 32.38 13.16
C GLU C 43 55.06 31.35 12.83
N GLN C 44 55.40 30.06 12.94
CA GLN C 44 54.44 28.98 12.69
C GLN C 44 53.55 28.75 13.89
N LEU C 45 52.24 28.94 13.70
CA LEU C 45 51.25 28.87 14.77
C LEU C 45 50.04 27.99 14.44
N LEU C 46 49.33 27.55 15.46
CA LEU C 46 48.04 26.88 15.30
C LEU C 46 46.97 27.89 14.82
N PRO C 47 46.29 27.58 13.70
CA PRO C 47 45.28 28.50 13.18
C PRO C 47 43.89 28.36 13.81
N ALA C 48 43.56 27.19 14.35
CA ALA C 48 42.18 26.80 14.62
C ALA C 48 41.35 27.03 13.35
N SER C 49 40.12 27.53 13.47
CA SER C 49 39.23 27.65 12.32
C SER C 49 39.67 28.61 11.22
N ASN C 50 40.74 29.38 11.46
CA ASN C 50 41.35 30.16 10.39
C ASN C 50 41.88 29.28 9.27
N MET C 51 42.11 28.00 9.58
CA MET C 51 42.43 26.99 8.57
C MET C 51 41.37 26.95 7.46
N LYS C 52 40.11 27.11 7.84
CA LYS C 52 38.99 27.17 6.88
C LYS C 52 39.16 28.24 5.79
N LEU C 53 39.87 29.33 6.10
CA LEU C 53 40.25 30.31 5.06
C LEU C 53 40.98 29.67 3.89
N PHE C 54 42.02 28.88 4.19
CA PHE C 54 42.75 28.15 3.16
C PHE C 54 41.87 27.11 2.45
N THR C 55 41.11 26.33 3.22
CA THR C 55 40.25 25.28 2.69
C THR C 55 39.18 25.83 1.74
N ALA C 56 38.54 26.93 2.14
CA ALA C 56 37.52 27.57 1.33
C ALA C 56 38.07 28.07 -0.01
N ALA C 57 39.26 28.67 0.03
CA ALA C 57 39.92 29.16 -1.19
C ALA C 57 40.24 28.02 -2.16
N ALA C 58 40.86 26.95 -1.62
CA ALA C 58 41.17 25.75 -2.38
C ALA C 58 39.92 25.13 -3.02
N ALA C 59 38.86 24.97 -2.23
CA ALA C 59 37.59 24.44 -2.73
C ALA C 59 37.04 25.26 -3.90
N LEU C 60 37.07 26.58 -3.77
CA LEU C 60 36.61 27.47 -4.84
C LEU C 60 37.48 27.36 -6.09
N GLU C 61 38.77 27.14 -5.90
CA GLU C 61 39.69 26.97 -7.04
C GLU C 61 39.42 25.65 -7.74
N VAL C 62 39.45 24.57 -6.97
CA VAL C 62 39.36 23.21 -7.50
C VAL C 62 37.95 22.86 -7.99
N LEU C 63 36.94 23.24 -7.20
CA LEU C 63 35.56 22.84 -7.51
C LEU C 63 34.77 23.94 -8.21
N GLY C 64 35.00 25.18 -7.82
CA GLY C 64 34.32 26.32 -8.44
C GLY C 64 33.11 26.76 -7.64
N ALA C 65 32.80 28.07 -7.70
CA ALA C 65 31.65 28.64 -7.01
C ALA C 65 30.30 28.02 -7.41
N ASP C 66 30.26 27.44 -8.61
CA ASP C 66 29.03 26.86 -9.15
C ASP C 66 28.92 25.34 -8.94
N HIS C 67 29.89 24.76 -8.26
CA HIS C 67 29.85 23.33 -7.96
C HIS C 67 28.68 22.99 -7.04
N SER C 68 28.00 21.89 -7.36
CA SER C 68 26.95 21.35 -6.50
C SER C 68 27.21 19.86 -6.26
N PHE C 69 26.49 19.28 -5.29
CA PHE C 69 26.75 17.90 -4.84
C PHE C 69 25.55 16.98 -5.05
N GLY C 70 25.82 15.77 -5.54
CA GLY C 70 24.75 14.84 -5.85
C GLY C 70 24.54 13.75 -4.82
N THR C 71 23.31 13.28 -4.74
CA THR C 71 22.93 12.10 -3.96
C THR C 71 21.96 11.31 -4.83
N GLU C 72 22.14 9.99 -4.88
CA GLU C 72 21.33 9.11 -5.75
C GLU C 72 20.73 7.93 -4.99
N VAL C 73 19.65 7.39 -5.55
CA VAL C 73 19.08 6.10 -5.13
C VAL C 73 19.07 5.19 -6.35
N ALA C 74 19.60 3.97 -6.20
CA ALA C 74 19.79 3.06 -7.34
C ALA C 74 19.36 1.62 -7.10
N ALA C 75 18.81 1.01 -8.14
CA ALA C 75 18.45 -0.41 -8.16
C ALA C 75 19.01 -1.05 -9.44
N GLU C 76 19.23 -2.36 -9.40
CA GLU C 76 19.76 -3.09 -10.58
C GLU C 76 18.99 -2.70 -11.84
N SER C 77 17.66 -2.70 -11.74
CA SER C 77 16.78 -2.27 -12.82
C SER C 77 15.45 -1.77 -12.26
N ALA C 78 14.69 -1.05 -13.08
CA ALA C 78 13.39 -0.49 -12.71
C ALA C 78 12.42 -1.54 -12.15
N PRO C 79 11.45 -1.11 -11.30
CA PRO C 79 10.52 -2.05 -10.64
C PRO C 79 9.69 -2.89 -11.63
N GLY C 80 9.63 -4.18 -11.35
CA GLY C 80 9.09 -5.15 -12.29
C GLY C 80 7.59 -5.35 -12.22
N ARG C 81 6.84 -4.28 -12.55
CA ARG C 81 5.37 -4.33 -12.74
C ARG C 81 4.58 -4.88 -11.54
N ARG C 82 5.25 -5.69 -10.72
CA ARG C 82 4.77 -6.14 -9.42
C ARG C 82 5.13 -5.05 -8.39
N GLY C 83 5.76 -3.99 -8.89
CA GLY C 83 6.18 -2.86 -8.07
C GLY C 83 7.40 -3.19 -7.23
N GLU C 84 8.20 -4.15 -7.69
CA GLU C 84 9.25 -4.72 -6.86
C GLU C 84 10.66 -4.51 -7.37
N VAL C 85 11.55 -4.25 -6.41
CA VAL C 85 12.98 -4.17 -6.62
C VAL C 85 13.61 -5.09 -5.57
N GLN C 86 14.80 -5.61 -5.86
CA GLN C 86 15.51 -6.43 -4.88
C GLN C 86 16.29 -5.54 -3.88
N ASP C 87 17.59 -5.40 -4.08
CA ASP C 87 18.42 -4.54 -3.23
C ASP C 87 18.28 -3.09 -3.68
N LEU C 88 18.54 -2.17 -2.76
CA LEU C 88 18.45 -0.74 -3.06
C LEU C 88 19.59 0.03 -2.40
N TYR C 89 20.07 1.06 -3.09
CA TYR C 89 21.22 1.81 -2.63
C TYR C 89 20.93 3.30 -2.56
N LEU C 90 21.17 3.87 -1.38
CA LEU C 90 21.24 5.31 -1.24
C LEU C 90 22.71 5.68 -1.37
N VAL C 91 23.04 6.50 -2.36
CA VAL C 91 24.43 6.77 -2.71
C VAL C 91 24.78 8.23 -2.44
N GLY C 92 25.74 8.46 -1.54
CA GLY C 92 26.18 9.81 -1.23
C GLY C 92 27.44 10.20 -1.97
N ARG C 93 27.49 11.44 -2.43
CA ARG C 93 28.69 11.95 -3.08
C ARG C 93 29.17 13.28 -2.51
N GLY C 94 29.20 13.36 -1.17
CA GLY C 94 29.81 14.45 -0.46
C GLY C 94 28.97 15.71 -0.32
N ASP C 95 27.66 15.57 -0.39
CA ASP C 95 26.76 16.68 -0.09
C ASP C 95 26.78 17.00 1.41
N PRO C 96 27.29 18.20 1.77
CA PRO C 96 27.31 18.59 3.18
C PRO C 96 26.02 19.28 3.63
N THR C 97 24.99 19.30 2.79
CA THR C 97 23.75 19.99 3.12
C THR C 97 22.52 19.10 2.91
N LEU C 98 22.72 17.80 2.98
CA LEU C 98 21.63 16.85 2.71
C LEU C 98 20.72 16.69 3.93
N SER C 99 19.49 17.19 3.80
CA SER C 99 18.54 17.18 4.91
C SER C 99 17.65 15.94 4.95
N ALA C 100 16.96 15.74 6.07
CA ALA C 100 15.95 14.67 6.24
C ALA C 100 14.76 14.84 5.30
N GLU C 101 14.42 16.10 5.00
CA GLU C 101 13.39 16.42 4.00
C GLU C 101 13.81 16.00 2.59
N ASP C 102 15.03 16.37 2.20
CA ASP C 102 15.62 15.86 0.97
C ASP C 102 15.50 14.35 0.86
N LEU C 103 15.69 13.64 1.98
CA LEU C 103 15.60 12.18 1.99
C LEU C 103 14.17 11.68 1.76
N ASP C 104 13.21 12.41 2.34
CA ASP C 104 11.79 12.15 2.16
C ASP C 104 11.35 12.40 0.71
N ALA C 105 11.94 13.43 0.09
CA ALA C 105 11.63 13.80 -1.29
C ALA C 105 12.14 12.77 -2.28
N MET C 106 13.30 12.20 -1.97
CA MET C 106 13.88 11.13 -2.77
C MET C 106 13.10 9.83 -2.58
N ALA C 107 12.57 9.62 -1.37
CA ALA C 107 11.71 8.47 -1.09
C ALA C 107 10.42 8.54 -1.91
N ALA C 108 9.90 9.75 -2.08
CA ALA C 108 8.72 9.98 -2.90
C ALA C 108 8.99 9.70 -4.38
N GLU C 109 10.18 10.04 -4.86
CA GLU C 109 10.61 9.71 -6.23
C GLU C 109 10.68 8.20 -6.46
N VAL C 110 11.23 7.47 -5.48
CA VAL C 110 11.28 6.00 -5.50
C VAL C 110 9.87 5.41 -5.57
N ALA C 111 8.97 5.91 -4.72
CA ALA C 111 7.57 5.54 -4.78
C ALA C 111 6.97 5.88 -6.15
N ALA C 112 7.14 7.13 -6.58
CA ALA C 112 6.56 7.62 -7.84
C ALA C 112 7.16 6.97 -9.09
N SER C 113 8.21 6.18 -8.92
CA SER C 113 8.79 5.41 -10.01
C SER C 113 8.13 4.02 -10.08
N GLY C 114 7.17 3.79 -9.20
CA GLY C 114 6.41 2.54 -9.18
C GLY C 114 6.93 1.50 -8.21
N VAL C 115 7.81 1.90 -7.30
CA VAL C 115 8.35 0.97 -6.32
C VAL C 115 7.37 0.85 -5.16
N ARG C 116 7.06 -0.40 -4.82
CA ARG C 116 6.11 -0.72 -3.76
C ARG C 116 6.82 -1.52 -2.67
N THR C 117 7.65 -2.47 -3.10
CA THR C 117 8.41 -3.32 -2.17
C THR C 117 9.89 -3.37 -2.56
N VAL C 118 10.75 -3.04 -1.59
CA VAL C 118 12.16 -3.37 -1.67
C VAL C 118 12.28 -4.76 -1.06
N ARG C 119 12.53 -5.74 -1.92
CA ARG C 119 12.50 -7.15 -1.54
C ARG C 119 13.78 -7.61 -0.86
N GLY C 120 14.90 -7.01 -1.25
CA GLY C 120 16.20 -7.31 -0.66
C GLY C 120 16.54 -6.32 0.44
N ASP C 121 17.80 -5.89 0.47
CA ASP C 121 18.29 -5.01 1.53
C ASP C 121 18.45 -3.58 1.04
N LEU C 122 18.38 -2.63 1.98
CA LEU C 122 18.71 -1.25 1.69
C LEU C 122 20.13 -0.96 2.16
N TYR C 123 20.94 -0.43 1.26
CA TYR C 123 22.31 -0.11 1.58
C TYR C 123 22.58 1.38 1.55
N ALA C 124 23.42 1.83 2.48
CA ALA C 124 23.95 3.18 2.47
C ALA C 124 25.35 3.15 1.88
N ASP C 125 25.52 3.82 0.75
CA ASP C 125 26.78 3.84 0.03
C ASP C 125 27.49 5.18 0.22
N ASP C 126 28.61 5.15 0.95
CA ASP C 126 29.49 6.32 1.13
C ASP C 126 30.91 6.08 0.60
N THR C 127 31.04 5.14 -0.34
CA THR C 127 32.34 4.76 -0.89
C THR C 127 33.01 5.86 -1.72
N TRP C 128 32.27 6.92 -2.00
CA TRP C 128 32.82 8.09 -2.69
C TRP C 128 33.97 8.73 -1.89
N PHE C 129 33.91 8.58 -0.56
CA PHE C 129 34.99 9.01 0.33
C PHE C 129 35.59 7.78 1.01
N ASP C 130 36.76 7.96 1.63
CA ASP C 130 37.30 7.11 2.71
C ASP C 130 36.26 6.67 3.74
N SER C 131 36.59 5.59 4.45
CA SER C 131 35.87 5.26 5.68
C SER C 131 36.69 5.65 6.91
N GLU C 132 37.67 6.54 6.71
CA GLU C 132 38.42 7.13 7.82
C GLU C 132 37.60 8.30 8.35
N ARG C 133 37.04 8.14 9.55
CA ARG C 133 36.01 9.05 10.04
C ARG C 133 36.55 10.27 10.78
N LEU C 134 37.72 10.11 11.40
CA LEU C 134 38.33 11.15 12.22
C LEU C 134 39.81 11.26 11.89
N VAL C 135 40.33 12.49 11.89
CA VAL C 135 41.77 12.75 11.78
C VAL C 135 42.47 12.15 13.00
N ASP C 136 43.55 11.42 12.76
CA ASP C 136 44.22 10.65 13.82
C ASP C 136 44.47 11.39 15.13
N ASP C 137 44.75 12.69 15.05
CA ASP C 137 45.14 13.45 16.24
C ASP C 137 44.01 14.32 16.83
N TRP C 138 42.78 14.11 16.35
CA TRP C 138 41.59 14.67 17.00
C TRP C 138 41.42 13.99 18.35
N TRP C 139 40.92 14.72 19.34
CA TRP C 139 40.73 14.15 20.66
C TRP C 139 39.45 13.32 20.71
N PRO C 140 39.56 12.05 21.17
CA PRO C 140 38.40 11.19 21.39
C PRO C 140 37.35 11.80 22.33
N GLU C 141 37.77 12.68 23.24
CA GLU C 141 36.87 13.34 24.18
C GLU C 141 35.92 14.32 23.49
N ASP C 142 36.36 14.83 22.33
CA ASP C 142 35.57 15.77 21.55
C ASP C 142 34.50 15.08 20.69
N GLU C 143 34.57 13.75 20.59
CA GLU C 143 33.77 12.99 19.61
C GLU C 143 32.24 13.01 19.78
N PRO C 144 31.71 13.15 21.01
CA PRO C 144 30.26 13.32 21.15
C PRO C 144 29.68 14.60 20.55
N TYR C 145 30.53 15.60 20.29
CA TYR C 145 30.06 16.94 19.95
C TYR C 145 30.03 17.22 18.45
N ALA C 146 29.07 18.03 18.03
CA ALA C 146 28.81 18.28 16.60
C ALA C 146 30.07 18.72 15.83
N TYR C 147 30.95 19.45 16.50
CA TYR C 147 32.19 19.92 15.87
C TYR C 147 33.20 18.82 15.58
N SER C 148 32.97 17.62 16.10
CA SER C 148 33.84 16.49 15.88
C SER C 148 33.10 15.32 15.21
N ALA C 149 32.01 15.65 14.50
CA ALA C 149 31.25 14.69 13.74
C ALA C 149 32.14 13.89 12.81
N GLN C 150 31.87 12.58 12.73
CA GLN C 150 32.56 11.67 11.83
C GLN C 150 32.33 12.09 10.38
N ILE C 151 33.32 11.82 9.54
CA ILE C 151 33.30 12.28 8.16
C ILE C 151 32.92 11.17 7.21
N SER C 152 31.93 11.46 6.37
CA SER C 152 31.40 10.50 5.41
C SER C 152 30.95 11.24 4.15
N ALA C 153 31.02 10.53 3.01
CA ALA C 153 30.41 10.99 1.75
C ALA C 153 28.89 10.98 1.82
N LEU C 154 28.34 10.19 2.72
CA LEU C 154 26.88 10.14 2.94
C LEU C 154 26.57 10.53 4.39
N THR C 155 26.08 11.75 4.58
CA THR C 155 25.75 12.22 5.91
C THR C 155 24.52 13.14 5.88
N VAL C 156 23.70 13.08 6.93
CA VAL C 156 22.53 13.95 7.03
C VAL C 156 22.86 15.22 7.82
N ALA C 157 22.50 16.35 7.24
CA ALA C 157 22.77 17.65 7.83
C ALA C 157 21.55 18.14 8.62
N HIS C 158 21.80 18.61 9.83
CA HIS C 158 20.74 19.11 10.70
C HIS C 158 20.59 20.62 10.63
N GLY C 159 19.33 21.05 10.53
CA GLY C 159 18.95 22.45 10.58
C GLY C 159 19.49 23.29 9.43
N GLU C 160 19.21 24.58 9.48
CA GLU C 160 19.62 25.53 8.44
C GLU C 160 21.12 25.87 8.44
N ARG C 161 21.81 25.48 9.51
CA ARG C 161 23.28 25.61 9.60
C ARG C 161 24.00 24.39 9.03
N PHE C 162 23.26 23.31 8.82
CA PHE C 162 23.77 22.07 8.19
C PHE C 162 24.92 21.47 8.99
N ASP C 163 24.62 21.17 10.25
CA ASP C 163 25.50 20.44 11.12
C ASP C 163 25.31 18.98 10.77
N THR C 164 26.39 18.34 10.36
CA THR C 164 26.34 17.00 9.78
C THR C 164 26.65 15.93 10.83
N GLY C 165 26.13 14.72 10.61
CA GLY C 165 26.55 13.55 11.37
C GLY C 165 26.06 13.51 12.81
N VAL C 166 25.02 14.30 13.08
CA VAL C 166 24.46 14.44 14.41
C VAL C 166 22.98 14.09 14.48
N THR C 167 22.51 13.86 15.70
CA THR C 167 21.10 13.72 16.00
C THR C 167 20.76 14.73 17.12
N GLU C 168 19.51 15.14 17.18
CA GLU C 168 19.07 16.09 18.19
C GLU C 168 18.42 15.37 19.37
N VAL C 169 19.11 15.41 20.51
CA VAL C 169 18.60 14.84 21.76
C VAL C 169 17.80 15.89 22.52
N SER C 170 16.55 15.56 22.83
CA SER C 170 15.68 16.41 23.64
C SER C 170 15.48 15.72 24.98
N VAL C 171 15.73 16.45 26.06
CA VAL C 171 15.52 15.93 27.40
C VAL C 171 14.57 16.87 28.12
N THR C 172 13.38 16.36 28.42
CA THR C 172 12.32 17.13 29.03
C THR C 172 12.06 16.57 30.42
N PRO C 173 11.81 17.46 31.40
CA PRO C 173 11.60 17.02 32.76
C PRO C 173 10.17 16.51 32.96
N ALA C 174 10.05 15.33 33.55
CA ALA C 174 8.78 14.84 33.99
C ALA C 174 8.46 15.57 35.31
N ALA C 175 8.48 14.82 36.40
CA ALA C 175 8.27 15.41 37.71
C ALA C 175 9.25 14.84 38.72
N GLU C 176 9.53 15.65 39.75
CA GLU C 176 10.56 15.39 40.76
C GLU C 176 10.68 13.93 41.18
N GLY C 177 11.83 13.32 40.88
CA GLY C 177 12.06 11.92 41.22
C GLY C 177 11.78 10.95 40.08
N GLU C 178 10.88 11.33 39.18
CA GLU C 178 10.60 10.57 37.96
C GLU C 178 11.77 10.74 36.99
N PRO C 179 12.10 9.68 36.22
CA PRO C 179 13.12 9.83 35.20
C PRO C 179 12.77 10.91 34.18
N ALA C 180 13.80 11.60 33.70
CA ALA C 180 13.65 12.58 32.64
C ALA C 180 13.26 11.86 31.36
N ASP C 181 12.48 12.52 30.52
CA ASP C 181 12.09 11.96 29.24
C ASP C 181 13.06 12.37 28.13
N VAL C 182 13.62 11.37 27.46
CA VAL C 182 14.67 11.57 26.46
C VAL C 182 14.21 11.10 25.09
N ASP C 183 14.18 12.03 24.13
CA ASP C 183 14.00 11.66 22.74
C ASP C 183 15.33 11.85 22.00
N LEU C 184 15.72 10.85 21.22
CA LEU C 184 17.01 10.85 20.51
C LEU C 184 16.99 11.53 19.14
N GLY C 185 15.84 12.03 18.71
CA GLY C 185 15.70 12.71 17.42
C GLY C 185 15.74 11.72 16.27
N ALA C 186 16.50 12.08 15.22
CA ALA C 186 16.68 11.21 14.04
C ALA C 186 17.14 9.78 14.38
N ALA C 187 17.99 9.66 15.42
CA ALA C 187 18.62 8.40 15.78
C ALA C 187 17.80 7.54 16.75
N GLU C 188 16.52 7.88 16.89
CA GLU C 188 15.57 6.97 17.52
C GLU C 188 15.45 5.73 16.65
N GLY C 189 15.74 4.57 17.23
CA GLY C 189 15.77 3.30 16.49
C GLY C 189 17.12 3.00 15.84
N TYR C 190 18.04 3.96 15.89
CA TYR C 190 19.39 3.74 15.40
C TYR C 190 20.41 3.66 16.56
N ALA C 191 20.57 4.78 17.27
CA ALA C 191 21.42 4.82 18.46
C ALA C 191 20.69 4.18 19.63
N GLU C 192 21.46 3.65 20.58
CA GLU C 192 20.88 3.12 21.81
C GLU C 192 20.78 4.18 22.88
N LEU C 193 19.69 4.15 23.64
CA LEU C 193 19.49 5.06 24.76
C LEU C 193 19.89 4.47 26.10
N ASP C 194 20.86 5.10 26.75
CA ASP C 194 21.19 4.78 28.14
C ASP C 194 20.78 5.96 29.06
N ASN C 195 19.54 5.93 29.53
CA ASN C 195 18.97 7.03 30.32
C ASN C 195 19.03 6.80 31.83
N ARG C 196 20.04 7.38 32.47
CA ARG C 196 20.19 7.37 33.92
C ARG C 196 19.91 8.76 34.50
N ALA C 197 19.18 9.58 33.75
CA ALA C 197 18.80 10.93 34.19
C ALA C 197 17.52 10.98 35.00
N VAL C 198 17.56 11.76 36.08
CA VAL C 198 16.41 12.00 36.93
C VAL C 198 15.87 13.44 36.81
N THR C 199 14.61 13.61 37.19
CA THR C 199 14.01 14.92 37.34
C THR C 199 14.24 15.42 38.76
N GLY C 200 14.78 16.63 38.86
CA GLY C 200 15.03 17.25 40.16
C GLY C 200 13.88 18.13 40.60
N ALA C 201 13.93 18.56 41.86
CA ALA C 201 12.94 19.47 42.39
C ALA C 201 12.95 20.79 41.62
N ALA C 202 11.82 21.47 41.58
CA ALA C 202 11.74 22.78 40.94
C ALA C 202 12.75 23.72 41.60
N GLY C 203 13.54 24.42 40.80
CA GLY C 203 14.51 25.35 41.37
C GLY C 203 15.84 24.73 41.77
N SER C 204 16.04 23.45 41.47
CA SER C 204 17.31 22.79 41.78
C SER C 204 18.30 23.02 40.62
N ALA C 205 19.56 22.65 40.81
CA ALA C 205 20.59 22.82 39.76
C ALA C 205 20.39 21.85 38.60
N ASN C 206 20.69 22.33 37.40
CA ASN C 206 20.67 21.50 36.21
C ASN C 206 22.05 20.83 36.02
N THR C 207 22.13 19.54 36.36
CA THR C 207 23.40 18.79 36.23
C THR C 207 23.33 17.76 35.10
N LEU C 208 22.47 18.04 34.12
CA LEU C 208 22.24 17.12 33.02
C LEU C 208 23.46 17.02 32.12
N VAL C 209 23.86 15.78 31.86
CA VAL C 209 24.99 15.47 30.98
C VAL C 209 24.47 14.51 29.93
N ILE C 210 24.76 14.83 28.66
CA ILE C 210 24.40 14.00 27.54
C ILE C 210 25.69 13.61 26.82
N ASP C 211 26.00 12.32 26.84
CA ASP C 211 27.28 11.82 26.34
C ASP C 211 27.07 10.76 25.25
N ARG C 212 28.10 10.52 24.45
CA ARG C 212 28.22 9.30 23.68
C ARG C 212 29.53 8.67 24.10
N PRO C 213 29.48 7.64 24.98
CA PRO C 213 30.70 6.99 25.45
C PRO C 213 31.52 6.55 24.27
N VAL C 214 32.84 6.71 24.36
CA VAL C 214 33.76 6.48 23.26
C VAL C 214 33.64 5.07 22.68
N GLY C 215 33.59 4.99 21.35
CA GLY C 215 33.55 3.71 20.67
C GLY C 215 32.18 3.04 20.64
N THR C 216 31.17 3.73 21.17
CA THR C 216 29.81 3.20 21.19
C THR C 216 28.91 4.00 20.26
N ASN C 217 27.72 3.49 20.03
CA ASN C 217 26.66 4.26 19.38
C ASN C 217 25.51 4.44 20.36
N THR C 218 25.86 4.67 21.63
CA THR C 218 24.92 4.82 22.72
C THR C 218 24.90 6.28 23.20
N ILE C 219 23.70 6.85 23.30
CA ILE C 219 23.55 8.14 23.96
C ILE C 219 23.25 7.91 25.45
N ALA C 220 24.20 8.33 26.29
CA ALA C 220 24.09 8.18 27.72
C ALA C 220 23.67 9.50 28.36
N VAL C 221 22.48 9.51 28.95
CA VAL C 221 22.00 10.70 29.65
C VAL C 221 22.08 10.47 31.15
N THR C 222 22.76 11.39 31.85
CA THR C 222 22.91 11.34 33.31
C THR C 222 22.71 12.71 33.93
N GLY C 223 22.57 12.74 35.26
CA GLY C 223 22.35 13.98 36.00
C GLY C 223 20.88 14.26 36.29
N SER C 224 20.62 15.48 36.76
CA SER C 224 19.30 15.87 37.23
C SER C 224 18.84 17.12 36.51
N LEU C 225 17.64 17.05 35.93
CA LEU C 225 17.03 18.17 35.24
C LEU C 225 15.84 18.68 36.08
N PRO C 226 15.86 19.97 36.48
CA PRO C 226 14.83 20.52 37.38
C PRO C 226 13.42 20.42 36.82
N ALA C 227 12.43 20.28 37.69
CA ALA C 227 11.04 20.10 37.26
C ALA C 227 10.49 21.36 36.59
N ASP C 228 11.03 22.53 36.94
CA ASP C 228 10.60 23.83 36.40
C ASP C 228 11.40 24.27 35.16
N ALA C 229 12.15 23.33 34.59
CA ALA C 229 13.08 23.62 33.51
C ALA C 229 12.44 23.47 32.13
N ALA C 230 12.94 24.25 31.18
CA ALA C 230 12.61 24.06 29.78
C ALA C 230 13.31 22.78 29.30
N PRO C 231 12.81 22.18 28.20
CA PRO C 231 13.53 21.05 27.61
C PRO C 231 14.99 21.40 27.32
N VAL C 232 15.88 20.44 27.49
CA VAL C 232 17.27 20.57 27.09
C VAL C 232 17.41 19.97 25.69
N THR C 233 17.95 20.74 24.76
CA THR C 233 18.09 20.29 23.37
C THR C 233 19.56 20.36 22.97
N ALA C 234 20.12 19.22 22.54
CA ALA C 234 21.56 19.08 22.30
C ALA C 234 21.84 18.29 21.02
N LEU C 235 22.84 18.73 20.26
CA LEU C 235 23.28 17.97 19.10
C LEU C 235 24.39 17.02 19.53
N ARG C 236 24.18 15.74 19.27
CA ARG C 236 25.20 14.75 19.53
C ARG C 236 25.49 13.94 18.27
N THR C 237 26.76 13.59 18.10
CA THR C 237 27.20 12.81 16.94
C THR C 237 26.70 11.39 17.09
N VAL C 238 26.61 10.71 15.95
CA VAL C 238 26.33 9.29 15.92
C VAL C 238 27.51 8.58 15.27
N ASP C 239 27.60 7.28 15.51
CA ASP C 239 28.56 6.45 14.83
C ASP C 239 28.01 6.13 13.45
N GLU C 240 28.88 6.18 12.44
CA GLU C 240 28.49 5.94 11.05
C GLU C 240 27.33 6.83 10.60
N PRO C 241 27.62 8.09 10.26
CA PRO C 241 26.64 9.00 9.67
C PRO C 241 25.81 8.39 8.55
N ALA C 242 26.45 7.62 7.66
CA ALA C 242 25.78 7.03 6.50
C ALA C 242 24.78 5.94 6.90
N ALA C 243 25.11 5.19 7.95
CA ALA C 243 24.16 4.22 8.50
C ALA C 243 22.94 4.92 9.09
N LEU C 244 23.13 6.09 9.69
CA LEU C 244 21.99 6.88 10.16
C LEU C 244 21.18 7.39 8.95
N ALA C 245 21.88 7.87 7.93
CA ALA C 245 21.25 8.28 6.67
C ALA C 245 20.40 7.12 6.11
N GLY C 246 20.97 5.92 6.11
CA GLY C 246 20.24 4.70 5.71
C GLY C 246 19.02 4.41 6.57
N HIS C 247 19.17 4.53 7.89
CA HIS C 247 18.06 4.40 8.83
C HIS C 247 16.91 5.39 8.51
N LEU C 248 17.26 6.66 8.29
CA LEU C 248 16.27 7.68 7.96
C LEU C 248 15.59 7.49 6.60
N PHE C 249 16.37 7.07 5.59
CA PHE C 249 15.80 6.74 4.29
C PHE C 249 14.85 5.54 4.32
N GLU C 250 15.15 4.57 5.15
CA GLU C 250 14.26 3.44 5.37
C GLU C 250 12.90 3.91 5.89
N GLU C 251 12.92 4.77 6.91
CA GLU C 251 11.71 5.36 7.47
C GLU C 251 10.97 6.25 6.48
N ALA C 252 11.73 7.01 5.68
CA ALA C 252 11.15 7.87 4.65
C ALA C 252 10.45 7.06 3.56
N LEU C 253 11.04 5.93 3.18
CA LEU C 253 10.45 5.05 2.18
C LEU C 253 9.13 4.48 2.67
N GLU C 254 9.12 3.99 3.91
CA GLU C 254 7.90 3.43 4.50
C GLU C 254 6.82 4.49 4.72
N SER C 255 7.25 5.72 5.02
CA SER C 255 6.34 6.87 5.06
C SER C 255 5.69 7.13 3.70
N ASN C 256 6.40 6.77 2.64
CA ASN C 256 5.93 6.97 1.27
C ASN C 256 5.39 5.70 0.58
N GLY C 257 4.91 4.75 1.37
CA GLY C 257 4.26 3.54 0.83
C GLY C 257 5.18 2.45 0.30
N VAL C 258 6.47 2.57 0.58
CA VAL C 258 7.44 1.58 0.12
C VAL C 258 7.91 0.73 1.29
N THR C 259 7.56 -0.55 1.26
CA THR C 259 7.93 -1.50 2.32
C THR C 259 9.31 -2.09 2.05
N VAL C 260 10.19 -2.03 3.04
CA VAL C 260 11.54 -2.61 2.94
C VAL C 260 11.56 -3.92 3.71
N LYS C 261 11.88 -5.00 3.01
CA LYS C 261 11.84 -6.34 3.60
C LYS C 261 13.14 -6.71 4.31
N GLY C 262 14.27 -6.39 3.67
CA GLY C 262 15.58 -6.75 4.20
C GLY C 262 16.12 -5.79 5.25
N ASP C 263 17.41 -5.92 5.53
CA ASP C 263 18.08 -5.14 6.58
C ASP C 263 18.61 -3.82 6.00
N VAL C 264 19.03 -2.92 6.88
CA VAL C 264 19.73 -1.70 6.48
C VAL C 264 21.17 -1.78 6.96
N GLY C 265 22.11 -1.51 6.05
CA GLY C 265 23.52 -1.51 6.38
C GLY C 265 24.35 -0.71 5.41
N LEU C 266 25.66 -0.81 5.56
CA LEU C 266 26.59 -0.13 4.67
C LEU C 266 26.91 -1.04 3.49
N GLY C 267 26.93 -0.46 2.30
CA GLY C 267 27.24 -1.23 1.09
C GLY C 267 27.46 -0.33 -0.10
N GLY C 268 28.39 -0.75 -0.98
CA GLY C 268 28.67 -0.03 -2.21
C GLY C 268 27.90 -0.61 -3.38
N VAL C 269 27.48 0.26 -4.30
CA VAL C 269 26.76 -0.19 -5.51
C VAL C 269 27.62 -1.20 -6.26
N PRO C 270 27.09 -2.43 -6.45
CA PRO C 270 27.82 -3.55 -7.03
C PRO C 270 28.40 -3.23 -8.40
N ALA C 271 29.64 -3.61 -8.59
CA ALA C 271 30.35 -3.45 -9.85
C ALA C 271 29.70 -4.30 -10.93
N ASP C 272 29.01 -5.35 -10.51
CA ASP C 272 28.37 -6.29 -11.44
C ASP C 272 27.08 -5.75 -12.05
N TRP C 273 26.62 -4.61 -11.54
CA TRP C 273 25.42 -3.96 -12.07
C TRP C 273 25.69 -3.35 -13.44
N GLN C 274 25.03 -3.91 -14.45
CA GLN C 274 25.30 -3.58 -15.86
C GLN C 274 24.76 -2.23 -16.29
N ASP C 275 23.51 -1.94 -15.92
CA ASP C 275 22.91 -0.63 -16.19
C ASP C 275 21.92 -0.30 -15.07
N ALA C 276 22.46 0.25 -13.99
CA ALA C 276 21.67 0.58 -12.80
C ALA C 276 20.57 1.57 -13.11
N GLU C 277 19.42 1.37 -12.46
CA GLU C 277 18.30 2.28 -12.58
C GLU C 277 18.35 3.31 -11.47
N VAL C 278 18.49 4.58 -11.83
CA VAL C 278 18.45 5.68 -10.85
C VAL C 278 16.99 6.08 -10.62
N LEU C 279 16.47 5.73 -9.45
CA LEU C 279 15.04 5.94 -9.14
C LEU C 279 14.77 7.29 -8.47
N ALA C 280 15.81 7.86 -7.86
CA ALA C 280 15.72 9.14 -7.18
C ALA C 280 17.09 9.78 -7.11
N ASP C 281 17.11 11.11 -7.22
CA ASP C 281 18.34 11.88 -6.99
C ASP C 281 18.06 13.27 -6.42
N HIS C 282 19.11 13.91 -5.92
CA HIS C 282 19.01 15.26 -5.36
C HIS C 282 20.29 15.98 -5.64
N THR C 283 20.18 17.28 -5.93
CA THR C 283 21.32 18.14 -6.12
C THR C 283 21.29 19.24 -5.05
N SER C 284 22.42 19.47 -4.40
CA SER C 284 22.54 20.55 -3.43
C SER C 284 22.54 21.92 -4.11
N ALA C 285 22.50 22.97 -3.29
CA ALA C 285 22.86 24.31 -3.73
C ALA C 285 24.33 24.34 -4.15
N GLU C 286 24.71 25.39 -4.87
CA GLU C 286 26.07 25.56 -5.35
C GLU C 286 27.00 25.95 -4.22
N LEU C 287 28.31 25.72 -4.41
CA LEU C 287 29.29 25.97 -3.37
C LEU C 287 29.30 27.41 -2.86
N SER C 288 29.01 28.36 -3.73
CA SER C 288 28.93 29.77 -3.32
C SER C 288 27.92 29.96 -2.20
N GLU C 289 26.79 29.25 -2.30
CA GLU C 289 25.75 29.32 -1.28
C GLU C 289 26.16 28.55 -0.01
N ILE C 290 26.80 27.41 -0.19
CA ILE C 290 27.21 26.54 0.90
C ILE C 290 28.31 27.18 1.77
N LEU C 291 29.08 28.09 1.18
CA LEU C 291 30.12 28.81 1.92
C LEU C 291 29.60 29.61 3.11
N VAL C 292 28.35 30.07 3.03
CA VAL C 292 27.77 30.92 4.07
C VAL C 292 27.54 30.16 5.41
N PRO C 293 26.76 29.07 5.41
CA PRO C 293 26.72 28.36 6.70
C PRO C 293 28.08 27.73 7.11
N PHE C 294 28.93 27.43 6.14
CA PHE C 294 30.28 26.91 6.40
C PHE C 294 31.18 27.92 7.13
N MET C 295 31.30 29.13 6.59
CA MET C 295 32.24 30.13 7.14
C MET C 295 31.66 30.99 8.27
N LYS C 296 30.36 31.34 8.18
CA LYS C 296 29.74 32.20 9.20
C LYS C 296 29.74 31.55 10.59
N PHE C 297 29.50 30.25 10.62
CA PHE C 297 29.37 29.51 11.87
C PHE C 297 30.54 28.57 12.13
N SER C 298 31.48 28.52 11.20
CA SER C 298 32.71 27.72 11.33
C SER C 298 32.40 26.21 11.42
N ASN C 299 31.87 25.65 10.33
CA ASN C 299 31.46 24.24 10.26
C ASN C 299 32.63 23.31 9.94
N ASN C 300 33.01 22.48 10.91
CA ASN C 300 34.15 21.57 10.76
C ASN C 300 33.90 20.48 9.71
N GLY C 301 32.76 19.80 9.85
CA GLY C 301 32.32 18.75 8.92
C GLY C 301 32.35 19.18 7.46
N HIS C 302 31.75 20.34 7.17
CA HIS C 302 31.82 20.98 5.85
C HIS C 302 33.26 21.00 5.32
N ALA C 303 34.19 21.51 6.13
CA ALA C 303 35.59 21.67 5.74
C ALA C 303 36.29 20.35 5.42
N GLU C 304 36.05 19.32 6.23
CA GLU C 304 36.66 18.02 5.97
C GLU C 304 36.06 17.32 4.74
N MET C 305 34.76 17.50 4.53
CA MET C 305 34.08 16.96 3.34
C MET C 305 34.58 17.65 2.07
N LEU C 306 34.82 18.95 2.15
CA LEU C 306 35.41 19.69 1.03
C LEU C 306 36.82 19.22 0.66
N VAL C 307 37.60 18.84 1.68
CA VAL C 307 38.95 18.33 1.46
C VAL C 307 38.92 17.03 0.66
N LYS C 308 38.03 16.12 1.03
CA LYS C 308 37.93 14.83 0.34
C LYS C 308 37.32 14.97 -1.05
N SER C 309 36.38 15.91 -1.20
CA SER C 309 35.82 16.27 -2.50
C SER C 309 36.91 16.87 -3.39
N ILE C 310 37.78 17.70 -2.79
CA ILE C 310 38.97 18.20 -3.47
C ILE C 310 39.84 17.00 -3.89
N GLY C 311 40.07 16.07 -2.97
CA GLY C 311 40.79 14.83 -3.28
C GLY C 311 40.21 14.07 -4.47
N GLN C 312 38.89 13.93 -4.49
CA GLN C 312 38.19 13.23 -5.57
C GLN C 312 38.39 13.92 -6.92
N GLU C 313 38.04 15.21 -6.97
CA GLU C 313 38.14 16.03 -8.18
C GLU C 313 39.57 16.07 -8.74
N THR C 314 40.55 15.95 -7.86
CA THR C 314 41.93 16.22 -8.21
C THR C 314 42.76 14.94 -8.40
N ALA C 315 42.32 13.83 -7.82
CA ALA C 315 43.10 12.59 -7.84
C ALA C 315 42.25 11.32 -7.87
N GLY C 316 40.93 11.47 -8.00
CA GLY C 316 40.01 10.33 -7.89
C GLY C 316 40.16 9.55 -6.59
N ALA C 317 40.47 10.27 -5.51
CA ALA C 317 40.62 9.65 -4.19
C ALA C 317 40.04 10.55 -3.11
N GLY C 318 38.92 10.12 -2.53
CA GLY C 318 38.22 10.90 -1.50
C GLY C 318 38.83 10.69 -0.14
N THR C 319 40.04 11.20 0.03
CA THR C 319 40.84 10.91 1.21
C THR C 319 41.46 12.20 1.72
N TRP C 320 41.85 12.21 3.00
CA TRP C 320 42.58 13.33 3.58
C TRP C 320 43.92 13.56 2.90
N ASP C 321 44.70 12.49 2.71
CA ASP C 321 46.02 12.56 2.08
C ASP C 321 45.98 13.22 0.69
N ALA C 322 45.07 12.77 -0.16
CA ALA C 322 44.93 13.34 -1.51
C ALA C 322 44.31 14.74 -1.50
N GLY C 323 43.35 14.95 -0.61
CA GLY C 323 42.65 16.22 -0.50
C GLY C 323 43.52 17.35 0.00
N LEU C 324 44.36 17.06 1.00
CA LEU C 324 45.31 18.01 1.56
C LEU C 324 46.39 18.40 0.54
N VAL C 325 46.91 17.42 -0.18
CA VAL C 325 47.82 17.69 -1.30
C VAL C 325 47.12 18.66 -2.27
N GLY C 326 45.89 18.31 -2.66
CA GLY C 326 45.05 19.16 -3.51
C GLY C 326 44.92 20.59 -3.03
N VAL C 327 44.62 20.76 -1.74
CA VAL C 327 44.51 22.08 -1.11
C VAL C 327 45.79 22.91 -1.34
N GLU C 328 46.94 22.32 -1.01
CA GLU C 328 48.24 22.97 -1.16
C GLU C 328 48.49 23.42 -2.60
N GLU C 329 48.21 22.53 -3.56
CA GLU C 329 48.40 22.83 -4.98
C GLU C 329 47.52 24.00 -5.44
N ALA C 330 46.26 23.98 -5.03
CA ALA C 330 45.32 25.05 -5.37
C ALA C 330 45.76 26.41 -4.83
N LEU C 331 46.41 26.40 -3.65
CA LEU C 331 46.91 27.62 -3.02
C LEU C 331 48.15 28.16 -3.73
N SER C 332 49.09 27.27 -4.04
CA SER C 332 50.25 27.62 -4.86
C SER C 332 49.80 28.15 -6.22
N GLY C 333 48.80 27.50 -6.80
CA GLY C 333 48.27 27.89 -8.11
C GLY C 333 47.59 29.24 -8.09
N LEU C 334 47.18 29.65 -6.89
CA LEU C 334 46.54 30.93 -6.65
C LEU C 334 47.59 32.03 -6.46
N GLY C 335 48.84 31.62 -6.24
CA GLY C 335 49.95 32.56 -6.05
C GLY C 335 50.45 32.66 -4.61
N VAL C 336 49.83 31.87 -3.73
CA VAL C 336 50.19 31.81 -2.31
C VAL C 336 51.49 31.02 -2.12
N ASP C 337 52.44 31.64 -1.42
CA ASP C 337 53.67 30.98 -0.97
C ASP C 337 53.30 30.12 0.24
N THR C 338 53.27 28.80 0.04
CA THR C 338 52.81 27.84 1.05
C THR C 338 53.94 27.23 1.88
N ALA C 339 55.08 27.92 1.92
CA ALA C 339 56.26 27.42 2.63
C ALA C 339 56.01 27.15 4.12
N GLY C 340 55.33 28.07 4.80
CA GLY C 340 55.09 27.95 6.24
C GLY C 340 53.86 27.16 6.66
N LEU C 341 53.13 26.64 5.69
CA LEU C 341 51.88 25.91 5.93
C LEU C 341 52.09 24.43 6.21
N VAL C 342 51.47 23.97 7.29
CA VAL C 342 51.39 22.54 7.57
C VAL C 342 49.92 22.18 7.60
N LEU C 343 49.50 21.33 6.65
CA LEU C 343 48.11 20.95 6.52
C LEU C 343 47.88 19.56 7.08
N ASN C 344 47.00 19.46 8.07
CA ASN C 344 46.64 18.18 8.68
C ASN C 344 45.15 17.88 8.58
N ASP C 345 44.35 18.94 8.47
CA ASP C 345 42.94 18.81 8.14
C ASP C 345 42.41 20.08 7.48
N GLY C 346 41.13 20.10 7.17
CA GLY C 346 40.52 21.27 6.53
C GLY C 346 39.83 22.24 7.47
N SER C 347 39.46 21.76 8.66
CA SER C 347 38.66 22.54 9.62
C SER C 347 39.45 23.46 10.56
N GLY C 348 40.61 22.98 11.00
CA GLY C 348 41.38 23.65 12.05
C GLY C 348 41.35 22.88 13.36
N LEU C 349 40.47 21.89 13.44
CA LEU C 349 40.30 21.09 14.65
C LEU C 349 41.62 20.46 15.09
N SER C 350 42.36 19.93 14.11
CA SER C 350 43.64 19.28 14.38
C SER C 350 44.69 20.27 14.86
N ARG C 351 45.41 19.84 15.90
CA ARG C 351 46.49 20.62 16.45
C ARG C 351 47.80 20.35 15.72
N GLY C 352 47.73 19.53 14.66
CA GLY C 352 48.87 19.31 13.78
C GLY C 352 48.87 20.28 12.61
N ASN C 353 48.02 21.29 12.69
CA ASN C 353 47.96 22.34 11.68
C ASN C 353 48.90 23.48 12.03
N LEU C 354 49.53 24.05 11.01
CA LEU C 354 50.34 25.26 11.18
C LEU C 354 50.06 26.31 10.11
N VAL C 355 50.00 27.56 10.52
CA VAL C 355 50.06 28.69 9.59
C VAL C 355 51.11 29.70 10.06
N THR C 356 51.32 30.73 9.25
CA THR C 356 51.94 31.96 9.72
C THR C 356 50.97 33.08 9.33
N ALA C 357 50.99 34.17 10.08
CA ALA C 357 50.16 35.34 9.79
C ALA C 357 50.48 35.94 8.41
N ASP C 358 51.76 36.01 8.06
CA ASP C 358 52.19 36.40 6.70
C ASP C 358 51.48 35.59 5.61
N THR C 359 51.40 34.27 5.81
CA THR C 359 50.67 33.37 4.89
C THR C 359 49.18 33.68 4.79
N VAL C 360 48.53 33.88 5.95
CA VAL C 360 47.10 34.19 5.98
C VAL C 360 46.81 35.47 5.18
N VAL C 361 47.64 36.49 5.41
CA VAL C 361 47.55 37.77 4.72
C VAL C 361 47.85 37.64 3.21
N ASP C 362 48.78 36.77 2.86
CA ASP C 362 49.10 36.46 1.47
C ASP C 362 47.84 35.94 0.78
N LEU C 363 47.20 34.95 1.40
CA LEU C 363 45.98 34.33 0.89
C LEU C 363 44.82 35.33 0.79
N LEU C 364 44.66 36.17 1.82
CA LEU C 364 43.59 37.17 1.84
C LEU C 364 43.74 38.18 0.71
N GLY C 365 44.97 38.53 0.36
CA GLY C 365 45.24 39.42 -0.74
C GLY C 365 44.97 38.75 -2.08
N GLN C 366 45.51 37.55 -2.23
CA GLN C 366 45.41 36.81 -3.49
C GLN C 366 43.98 36.37 -3.77
N ALA C 367 43.24 36.02 -2.71
CA ALA C 367 41.84 35.60 -2.81
C ALA C 367 40.91 36.76 -3.15
N GLY C 368 41.21 37.94 -2.61
CA GLY C 368 40.39 39.13 -2.83
C GLY C 368 40.43 39.67 -4.25
N SER C 369 41.34 39.12 -5.06
CA SER C 369 41.47 39.52 -6.45
C SER C 369 41.19 38.35 -7.40
N ALA C 370 40.82 37.22 -6.82
CA ALA C 370 40.42 36.02 -7.56
C ALA C 370 39.03 36.20 -8.21
N PRO C 371 38.72 35.41 -9.26
CA PRO C 371 37.42 35.58 -9.92
C PRO C 371 36.24 35.47 -8.96
N TRP C 372 36.43 34.79 -7.84
CA TRP C 372 35.37 34.50 -6.88
C TRP C 372 35.44 35.32 -5.59
N ALA C 373 36.14 36.45 -5.65
CA ALA C 373 36.34 37.35 -4.49
C ALA C 373 35.05 37.75 -3.77
N GLN C 374 33.97 37.93 -4.52
CA GLN C 374 32.71 38.42 -3.98
C GLN C 374 31.96 37.39 -3.13
N THR C 375 31.82 36.17 -3.65
CA THR C 375 31.17 35.10 -2.88
C THR C 375 32.00 34.76 -1.65
N TRP C 376 33.32 34.85 -1.80
CA TRP C 376 34.27 34.61 -0.74
C TRP C 376 34.05 35.61 0.41
N SER C 377 34.06 36.90 0.06
CA SER C 377 33.84 37.98 1.03
C SER C 377 32.52 37.84 1.79
N ALA C 378 31.45 37.55 1.04
CA ALA C 378 30.11 37.42 1.62
C ALA C 378 29.98 36.27 2.65
N SER C 379 30.89 35.30 2.59
CA SER C 379 30.84 34.15 3.51
C SER C 379 31.46 34.44 4.88
N LEU C 380 32.27 35.48 4.94
CA LEU C 380 32.98 35.86 6.16
C LEU C 380 32.06 36.57 7.13
N PRO C 381 32.14 36.23 8.42
CA PRO C 381 31.34 36.92 9.44
C PRO C 381 31.56 38.42 9.40
N VAL C 382 30.49 39.19 9.55
CA VAL C 382 30.60 40.66 9.58
C VAL C 382 30.55 41.14 11.03
N ALA C 383 31.57 41.89 11.43
CA ALA C 383 31.70 42.40 12.79
C ALA C 383 30.44 43.09 13.30
N GLY C 384 29.98 42.65 14.48
CA GLY C 384 28.89 43.31 15.20
C GLY C 384 27.52 43.30 14.56
N GLU C 385 27.29 42.34 13.66
CA GLU C 385 26.00 42.20 12.99
C GLU C 385 25.15 41.13 13.66
N SER C 386 24.03 41.55 14.25
CA SER C 386 23.25 40.69 15.16
C SER C 386 22.59 39.46 14.50
N ASP C 387 22.26 39.54 13.21
CA ASP C 387 21.73 38.38 12.47
C ASP C 387 22.81 37.32 12.40
N PRO C 388 22.54 36.10 12.90
CA PRO C 388 23.52 35.02 12.87
C PRO C 388 24.12 34.77 11.47
N PHE C 389 23.29 34.81 10.44
CA PHE C 389 23.72 34.54 9.06
C PHE C 389 24.48 35.70 8.40
N VAL C 390 24.58 36.82 9.10
CA VAL C 390 25.40 37.96 8.67
C VAL C 390 26.65 38.03 9.57
N GLY C 391 26.43 38.20 10.87
CA GLY C 391 27.52 38.32 11.83
C GLY C 391 28.25 37.03 12.17
N GLY C 392 27.54 35.91 12.15
CA GLY C 392 28.14 34.62 12.48
C GLY C 392 28.77 34.60 13.86
N THR C 393 29.98 34.07 13.96
CA THR C 393 30.74 34.00 15.22
C THR C 393 31.26 35.36 15.68
N LEU C 394 30.85 36.42 14.98
CA LEU C 394 31.26 37.78 15.26
C LEU C 394 30.04 38.66 15.60
N ALA C 395 28.87 38.03 15.72
CA ALA C 395 27.62 38.75 15.96
C ALA C 395 27.65 39.57 17.27
N ASN C 396 28.29 39.03 18.31
CA ASN C 396 28.31 39.69 19.62
C ASN C 396 29.57 40.57 19.83
N ARG C 397 30.37 40.71 18.79
CA ARG C 397 31.66 41.38 18.89
C ARG C 397 31.71 42.70 18.13
N MET C 398 32.32 43.72 18.75
CA MET C 398 32.59 45.01 18.09
C MET C 398 31.36 45.86 17.73
N ARG C 399 30.21 45.54 18.32
CA ARG C 399 29.03 46.40 18.20
C ARG C 399 29.32 47.77 18.83
N GLY C 400 28.87 48.83 18.17
CA GLY C 400 29.10 50.19 18.65
C GLY C 400 30.51 50.70 18.46
N THR C 401 31.26 50.05 17.57
CA THR C 401 32.64 50.43 17.27
C THR C 401 32.77 50.71 15.78
N ALA C 402 33.87 51.37 15.39
CA ALA C 402 34.15 51.67 14.00
C ALA C 402 34.15 50.40 13.13
N ALA C 403 34.37 49.26 13.77
CA ALA C 403 34.40 47.98 13.06
C ALA C 403 33.01 47.39 12.78
N GLU C 404 31.98 47.89 13.44
CA GLU C 404 30.61 47.38 13.25
C GLU C 404 30.11 47.51 11.80
N GLY C 405 29.70 46.38 11.23
CA GLY C 405 29.21 46.33 9.84
C GLY C 405 30.28 46.50 8.77
N VAL C 406 31.54 46.51 9.17
CA VAL C 406 32.64 46.86 8.27
C VAL C 406 33.64 45.72 8.15
N VAL C 407 34.14 45.25 9.29
CA VAL C 407 35.17 44.22 9.31
C VAL C 407 34.55 42.86 8.97
N GLU C 408 35.13 42.22 7.96
CA GLU C 408 34.79 40.86 7.56
C GLU C 408 35.98 39.98 7.91
N ALA C 409 35.76 38.99 8.78
CA ALA C 409 36.88 38.21 9.33
C ALA C 409 36.48 36.82 9.81
N LYS C 410 37.37 35.86 9.57
CA LYS C 410 37.21 34.50 10.07
C LYS C 410 37.84 34.40 11.45
N THR C 411 37.07 33.83 12.38
CA THR C 411 37.50 33.56 13.73
C THR C 411 38.14 32.17 13.79
N GLY C 412 38.66 31.82 14.95
CA GLY C 412 39.22 30.49 15.20
C GLY C 412 39.53 30.40 16.67
N THR C 413 38.94 29.43 17.35
CA THR C 413 39.15 29.27 18.79
C THR C 413 39.19 27.80 19.20
N MET C 414 40.30 27.44 19.84
CA MET C 414 40.43 26.21 20.62
C MET C 414 41.17 26.62 21.90
N SER C 415 41.41 25.67 22.80
CA SER C 415 42.12 26.00 24.03
C SER C 415 43.57 26.35 23.71
N GLY C 416 44.01 27.51 24.20
CA GLY C 416 45.36 28.00 23.96
C GLY C 416 45.57 28.53 22.55
N VAL C 417 44.49 28.59 21.78
CA VAL C 417 44.56 29.01 20.38
C VAL C 417 43.44 30.00 20.10
N SER C 418 43.80 31.14 19.50
CA SER C 418 42.80 32.10 19.08
C SER C 418 43.25 32.91 17.88
N ALA C 419 42.33 33.19 16.96
CA ALA C 419 42.69 33.91 15.74
C ALA C 419 41.57 34.80 15.20
N LEU C 420 41.97 35.87 14.51
CA LEU C 420 41.05 36.72 13.76
C LEU C 420 41.77 37.29 12.53
N SER C 421 41.29 36.91 11.35
CA SER C 421 41.91 37.38 10.11
C SER C 421 40.84 37.68 9.08
N GLY C 422 41.04 38.79 8.37
CA GLY C 422 40.15 39.19 7.29
C GLY C 422 40.43 40.57 6.76
N TYR C 423 39.35 41.29 6.43
CA TYR C 423 39.45 42.54 5.72
C TYR C 423 38.89 43.74 6.49
N VAL C 424 39.45 44.91 6.19
CA VAL C 424 38.87 46.18 6.58
C VAL C 424 38.69 46.99 5.30
N PRO C 425 37.54 46.82 4.63
CA PRO C 425 37.24 47.59 3.42
C PRO C 425 37.10 49.08 3.72
N GLY C 426 37.48 49.92 2.76
CA GLY C 426 37.34 51.36 2.91
C GLY C 426 37.71 52.13 1.66
N PRO C 427 37.37 53.44 1.62
CA PRO C 427 37.66 54.33 0.50
C PRO C 427 39.16 54.39 0.18
N GLU C 428 40.00 54.33 1.21
CA GLU C 428 41.45 54.46 1.06
C GLU C 428 42.16 53.10 1.03
N GLY C 429 41.63 52.19 0.20
CA GLY C 429 42.22 50.88 -0.01
C GLY C 429 41.90 49.87 1.08
N GLU C 430 41.32 48.75 0.66
CA GLU C 430 40.96 47.65 1.56
C GLU C 430 42.18 47.07 2.26
N LEU C 431 42.09 46.94 3.58
CA LEU C 431 43.14 46.37 4.39
C LEU C 431 42.90 44.88 4.62
N ALA C 432 43.98 44.10 4.56
CA ALA C 432 43.94 42.69 4.99
C ALA C 432 44.77 42.56 6.27
N PHE C 433 44.25 41.79 7.22
CA PHE C 433 44.95 41.57 8.49
C PHE C 433 44.85 40.12 8.94
N SER C 434 45.82 39.72 9.77
CA SER C 434 45.83 38.41 10.42
C SER C 434 46.32 38.59 11.86
N ILE C 435 45.61 37.97 12.79
CA ILE C 435 45.96 37.99 14.22
C ILE C 435 45.85 36.56 14.72
N VAL C 436 46.98 35.92 14.99
CA VAL C 436 46.99 34.54 15.49
C VAL C 436 47.68 34.51 16.85
N ASN C 437 46.94 34.07 17.87
CA ASN C 437 47.43 33.98 19.24
C ASN C 437 47.57 32.52 19.67
N ASN C 438 48.75 32.17 20.18
CA ASN C 438 49.00 30.83 20.73
C ASN C 438 49.62 30.93 22.13
N GLY C 439 49.42 29.90 22.94
CA GLY C 439 50.13 29.76 24.20
C GLY C 439 49.67 30.66 25.33
N HIS C 440 48.55 31.35 25.15
CA HIS C 440 47.95 32.12 26.22
C HIS C 440 47.33 31.18 27.25
N SER C 441 47.26 31.65 28.49
CA SER C 441 46.91 30.78 29.63
C SER C 441 45.43 30.79 29.99
N GLY C 442 44.73 31.87 29.63
CA GLY C 442 43.35 32.02 30.04
C GLY C 442 42.36 31.98 28.90
N PRO C 443 41.25 32.72 29.01
CA PRO C 443 40.26 32.80 27.95
C PRO C 443 40.87 33.46 26.74
N ALA C 444 40.43 33.05 25.55
CA ALA C 444 40.85 33.65 24.30
C ALA C 444 40.93 35.18 24.40
N PRO C 445 42.01 35.78 23.85
CA PRO C 445 42.20 37.24 23.84
C PRO C 445 41.33 37.93 22.80
N LEU C 446 40.01 37.81 22.94
CA LEU C 446 39.09 38.31 21.92
C LEU C 446 39.06 39.82 21.88
N ALA C 447 39.16 40.44 23.05
CA ALA C 447 39.17 41.90 23.21
C ALA C 447 40.39 42.58 22.58
N VAL C 448 41.51 41.86 22.57
CA VAL C 448 42.73 42.32 21.92
C VAL C 448 42.51 42.31 20.40
N GLN C 449 41.95 41.20 19.91
CA GLN C 449 41.64 41.07 18.49
C GLN C 449 40.65 42.15 18.08
N ASP C 450 39.63 42.36 18.90
CA ASP C 450 38.64 43.41 18.66
C ASP C 450 39.31 44.79 18.58
N ALA C 451 40.11 45.12 19.59
CA ALA C 451 40.77 46.42 19.65
C ALA C 451 41.72 46.70 18.47
N ILE C 452 42.41 45.67 17.97
CA ILE C 452 43.21 45.81 16.75
C ILE C 452 42.32 46.07 15.53
N ALA C 453 41.29 45.23 15.37
CA ALA C 453 40.34 45.35 14.27
C ALA C 453 39.62 46.70 14.29
N VAL C 454 39.30 47.19 15.48
CA VAL C 454 38.62 48.47 15.61
C VAL C 454 39.58 49.61 15.27
N ARG C 455 40.84 49.45 15.65
CA ARG C 455 41.88 50.44 15.35
C ARG C 455 42.08 50.60 13.84
N LEU C 456 42.16 49.47 13.14
CA LEU C 456 42.27 49.47 11.68
C LEU C 456 41.06 50.08 11.00
N ALA C 457 39.87 49.85 11.57
CA ALA C 457 38.64 50.42 11.02
C ALA C 457 38.67 51.95 11.04
N GLU C 458 39.24 52.52 12.11
CA GLU C 458 39.45 53.98 12.21
C GLU C 458 40.45 54.47 11.17
N TYR C 459 41.55 53.74 11.03
CA TYR C 459 42.61 54.07 10.06
C TYR C 459 42.02 54.13 8.63
N ALA C 460 41.16 53.15 8.32
CA ALA C 460 40.42 53.11 7.06
C ALA C 460 39.33 54.20 6.98
N GLY C 461 39.24 55.00 8.03
CA GLY C 461 38.36 56.17 8.03
C GLY C 461 36.92 55.91 8.43
N HIS C 462 36.67 54.84 9.16
CA HIS C 462 35.34 54.59 9.70
C HIS C 462 35.20 55.13 11.12
N GLN C 463 33.97 55.47 11.50
CA GLN C 463 33.63 55.79 12.89
C GLN C 463 32.51 54.87 13.38
N ALA C 464 32.30 54.87 14.69
CA ALA C 464 31.19 54.11 15.29
C ALA C 464 29.84 54.60 14.76
N PRO C 465 28.95 53.66 14.36
CA PRO C 465 27.61 54.04 13.89
C PRO C 465 26.71 54.60 15.01
N GLU C 466 25.72 55.29 14.73
N ARG D 1 -23.13 19.11 15.48
CA ARG D 1 -22.51 20.46 15.32
C ARG D 1 -22.67 20.99 13.88
N LEU D 2 -22.20 20.21 12.91
CA LEU D 2 -22.29 20.55 11.49
C LEU D 2 -23.68 20.23 10.96
N THR D 3 -24.61 21.17 11.19
CA THR D 3 -26.01 21.07 10.77
C THR D 3 -26.69 22.38 11.14
N GLU D 4 -26.47 22.83 12.37
CA GLU D 4 -26.90 24.14 12.86
C GLU D 4 -26.02 25.20 12.22
N LEU D 5 -24.76 24.83 11.98
CA LEU D 5 -23.80 25.68 11.29
C LEU D 5 -24.31 26.06 9.91
N ARG D 6 -24.90 25.10 9.20
CA ARG D 6 -25.47 25.34 7.87
C ARG D 6 -26.63 26.33 7.94
N GLU D 7 -27.51 26.17 8.93
CA GLU D 7 -28.62 27.11 9.17
C GLU D 7 -28.10 28.48 9.56
N ASP D 8 -27.06 28.50 10.40
CA ASP D 8 -26.49 29.74 10.93
C ASP D 8 -25.88 30.60 9.84
N ILE D 9 -25.03 29.99 9.02
CA ILE D 9 -24.40 30.66 7.90
C ILE D 9 -25.45 31.08 6.87
N ASP D 10 -26.47 30.24 6.67
CA ASP D 10 -27.61 30.57 5.80
C ASP D 10 -28.21 31.93 6.13
N ALA D 11 -28.55 32.12 7.40
CA ALA D 11 -29.24 33.33 7.87
C ALA D 11 -28.35 34.58 7.83
N ILE D 12 -27.05 34.39 8.09
CA ILE D 12 -26.05 35.47 7.96
C ILE D 12 -26.09 36.03 6.54
N LEU D 13 -26.15 35.13 5.57
CA LEU D 13 -26.12 35.47 4.15
C LEU D 13 -27.41 36.08 3.64
N GLU D 14 -28.36 36.31 4.54
CA GLU D 14 -29.61 37.03 4.21
C GLU D 14 -29.51 38.49 4.62
N ASP D 15 -28.31 38.91 4.99
CA ASP D 15 -27.99 40.30 5.36
C ASP D 15 -28.42 41.26 4.25
N PRO D 16 -29.08 42.39 4.64
CA PRO D 16 -29.43 43.48 3.71
C PRO D 16 -28.22 44.11 3.00
N ALA D 17 -27.02 43.89 3.54
CA ALA D 17 -25.79 44.33 2.89
C ALA D 17 -25.51 43.54 1.61
N LEU D 18 -26.01 42.30 1.57
CA LEU D 18 -25.83 41.42 0.42
C LEU D 18 -27.03 41.41 -0.54
N GLU D 19 -27.88 42.43 -0.43
CA GLU D 19 -29.03 42.56 -1.33
C GLU D 19 -28.55 42.99 -2.72
N GLY D 20 -28.80 42.12 -3.71
CA GLY D 20 -28.37 42.35 -5.09
C GLY D 20 -26.92 41.93 -5.32
N ALA D 21 -26.39 41.14 -4.39
CA ALA D 21 -25.00 40.69 -4.45
C ALA D 21 -24.90 39.19 -4.69
N VAL D 22 -23.91 38.79 -5.48
CA VAL D 22 -23.60 37.38 -5.66
C VAL D 22 -22.48 37.03 -4.70
N SER D 23 -22.64 35.90 -4.01
CA SER D 23 -21.63 35.45 -3.07
C SER D 23 -21.32 33.97 -3.28
N GLY D 24 -20.03 33.67 -3.38
CA GLY D 24 -19.55 32.31 -3.34
C GLY D 24 -19.07 32.04 -1.93
N VAL D 25 -19.59 30.98 -1.32
CA VAL D 25 -19.25 30.64 0.06
C VAL D 25 -19.05 29.14 0.15
N VAL D 26 -17.81 28.74 0.43
CA VAL D 26 -17.44 27.33 0.53
C VAL D 26 -16.59 27.11 1.77
N VAL D 27 -16.97 26.10 2.56
CA VAL D 27 -16.23 25.68 3.74
C VAL D 27 -15.89 24.19 3.62
N VAL D 28 -14.64 23.85 3.88
CA VAL D 28 -14.15 22.49 3.74
C VAL D 28 -13.27 22.08 4.92
N ASP D 29 -13.37 20.81 5.32
CA ASP D 29 -12.47 20.23 6.32
C ASP D 29 -11.20 19.72 5.63
N THR D 30 -10.07 20.25 6.06
CA THR D 30 -8.76 19.86 5.51
C THR D 30 -8.42 18.39 5.78
N ALA D 31 -8.70 17.93 7.00
CA ALA D 31 -8.39 16.55 7.42
C ALA D 31 -9.12 15.48 6.59
N THR D 32 -10.41 15.68 6.36
CA THR D 32 -11.25 14.70 5.69
C THR D 32 -11.52 14.99 4.22
N GLY D 33 -11.46 16.28 3.84
CA GLY D 33 -11.80 16.71 2.48
C GLY D 33 -13.26 17.15 2.37
N GLU D 34 -14.06 16.77 3.37
CA GLU D 34 -15.50 16.99 3.42
C GLU D 34 -15.93 18.46 3.27
N GLU D 35 -17.03 18.65 2.53
CA GLU D 35 -17.60 19.95 2.21
C GLU D 35 -18.64 20.34 3.26
N LEU D 36 -18.26 21.28 4.13
CA LEU D 36 -19.10 21.67 5.26
C LEU D 36 -20.17 22.68 4.84
N TYR D 37 -19.81 23.57 3.93
CA TYR D 37 -20.75 24.51 3.36
C TYR D 37 -20.38 24.77 1.90
N SER D 38 -21.40 24.93 1.05
CA SER D 38 -21.18 25.32 -0.35
C SER D 38 -22.41 25.97 -0.97
N ARG D 39 -22.26 27.23 -1.38
CA ARG D 39 -23.25 27.86 -2.24
C ARG D 39 -22.61 28.79 -3.27
N ASP D 40 -23.06 28.65 -4.52
CA ASP D 40 -22.43 29.29 -5.68
C ASP D 40 -20.91 29.11 -5.65
N GLY D 41 -20.47 27.86 -5.44
CA GLY D 41 -19.06 27.52 -5.37
C GLY D 41 -18.37 27.52 -6.73
N GLY D 42 -19.13 27.18 -7.77
CA GLY D 42 -18.63 27.24 -9.15
C GLY D 42 -18.97 28.53 -9.87
N GLU D 43 -19.40 29.54 -9.11
CA GLU D 43 -19.74 30.86 -9.63
C GLU D 43 -18.46 31.68 -9.82
N GLN D 44 -18.22 32.14 -11.05
CA GLN D 44 -17.04 32.93 -11.35
C GLN D 44 -17.19 34.36 -10.88
N LEU D 45 -16.31 34.76 -9.96
CA LEU D 45 -16.37 36.08 -9.34
C LEU D 45 -15.03 36.80 -9.37
N LEU D 46 -15.08 38.13 -9.27
CA LEU D 46 -13.89 38.97 -9.07
C LEU D 46 -13.29 38.69 -7.69
N PRO D 47 -11.99 38.32 -7.64
CA PRO D 47 -11.31 38.03 -6.38
C PRO D 47 -10.76 39.24 -5.61
N ALA D 48 -10.49 40.35 -6.30
CA ALA D 48 -9.67 41.44 -5.77
C ALA D 48 -8.34 40.88 -5.25
N SER D 49 -7.91 41.26 -4.05
CA SER D 49 -6.64 40.76 -3.50
C SER D 49 -6.59 39.27 -3.12
N ASN D 50 -7.71 38.56 -3.23
CA ASN D 50 -7.67 37.10 -3.09
C ASN D 50 -6.84 36.46 -4.22
N MET D 51 -6.63 37.23 -5.29
CA MET D 51 -5.76 36.80 -6.38
C MET D 51 -4.33 36.58 -5.90
N LYS D 52 -3.94 37.30 -4.85
CA LYS D 52 -2.61 37.19 -4.27
C LYS D 52 -2.30 35.80 -3.69
N LEU D 53 -3.35 35.12 -3.23
CA LEU D 53 -3.24 33.73 -2.79
C LEU D 53 -2.60 32.88 -3.88
N PHE D 54 -3.04 33.07 -5.12
CA PHE D 54 -2.56 32.28 -6.26
C PHE D 54 -1.15 32.67 -6.67
N THR D 55 -0.89 33.98 -6.69
CA THR D 55 0.42 34.54 -7.04
C THR D 55 1.50 34.05 -6.09
N ALA D 56 1.21 34.13 -4.78
CA ALA D 56 2.11 33.70 -3.73
C ALA D 56 2.45 32.20 -3.81
N ALA D 57 1.43 31.37 -4.04
CA ALA D 57 1.60 29.93 -4.18
C ALA D 57 2.41 29.58 -5.43
N ALA D 58 2.13 30.28 -6.53
CA ALA D 58 2.89 30.12 -7.76
C ALA D 58 4.36 30.51 -7.56
N ALA D 59 4.57 31.61 -6.84
CA ALA D 59 5.93 32.11 -6.56
C ALA D 59 6.75 31.19 -5.65
N LEU D 60 6.08 30.50 -4.71
CA LEU D 60 6.74 29.56 -3.84
C LEU D 60 7.05 28.28 -4.60
N GLU D 61 6.17 27.90 -5.52
CA GLU D 61 6.42 26.77 -6.39
C GLU D 61 7.57 27.03 -7.38
N VAL D 62 7.55 28.22 -8.00
CA VAL D 62 8.47 28.55 -9.09
C VAL D 62 9.83 29.05 -8.58
N LEU D 63 9.81 29.94 -7.59
CA LEU D 63 11.06 30.50 -7.07
C LEU D 63 11.57 29.75 -5.85
N GLY D 64 10.66 29.17 -5.06
CA GLY D 64 11.02 28.52 -3.79
C GLY D 64 11.10 29.51 -2.64
N ALA D 65 10.74 29.07 -1.44
CA ALA D 65 10.81 29.91 -0.24
C ALA D 65 12.23 30.44 0.05
N ASP D 66 13.21 29.83 -0.60
CA ASP D 66 14.64 30.14 -0.41
C ASP D 66 15.15 31.27 -1.30
N HIS D 67 14.31 31.72 -2.23
CA HIS D 67 14.72 32.64 -3.29
C HIS D 67 14.96 34.07 -2.81
N SER D 68 16.02 34.69 -3.31
CA SER D 68 16.33 36.07 -3.01
C SER D 68 16.59 36.87 -4.29
N PHE D 69 16.45 38.19 -4.21
CA PHE D 69 16.58 39.06 -5.36
C PHE D 69 17.79 39.98 -5.23
N GLY D 70 18.55 40.08 -6.32
CA GLY D 70 19.79 40.83 -6.31
C GLY D 70 19.73 42.13 -7.07
N THR D 71 20.46 43.12 -6.57
CA THR D 71 20.67 44.39 -7.25
C THR D 71 22.19 44.53 -7.39
N GLU D 72 22.64 45.10 -8.50
CA GLU D 72 24.07 45.22 -8.80
C GLU D 72 24.45 46.62 -9.25
N VAL D 73 25.70 46.97 -8.98
CA VAL D 73 26.32 48.14 -9.58
C VAL D 73 27.46 47.65 -10.47
N ALA D 74 27.37 47.96 -11.77
CA ALA D 74 28.37 47.50 -12.74
C ALA D 74 29.12 48.61 -13.49
N ALA D 75 30.43 48.41 -13.64
CA ALA D 75 31.28 49.21 -14.52
C ALA D 75 31.93 48.28 -15.54
N GLU D 76 32.40 48.85 -16.67
CA GLU D 76 33.05 48.05 -17.72
C GLU D 76 34.30 47.37 -17.20
N SER D 77 35.15 48.15 -16.52
CA SER D 77 36.34 47.64 -15.86
C SER D 77 36.46 48.29 -14.47
N ALA D 78 37.27 47.68 -13.61
CA ALA D 78 37.56 48.22 -12.28
C ALA D 78 38.24 49.59 -12.39
N PRO D 79 38.06 50.47 -11.38
CA PRO D 79 38.66 51.80 -11.42
C PRO D 79 40.21 51.74 -11.45
N GLY D 80 40.81 52.64 -12.24
CA GLY D 80 42.26 52.66 -12.43
C GLY D 80 42.99 53.30 -11.27
N ARG D 81 44.09 53.99 -11.58
CA ARG D 81 44.88 54.69 -10.58
C ARG D 81 44.19 55.98 -10.10
N ARG D 82 43.39 56.57 -10.98
CA ARG D 82 42.74 57.86 -10.71
C ARG D 82 41.47 57.72 -9.87
N GLY D 83 41.02 56.49 -9.66
CA GLY D 83 39.74 56.21 -9.02
C GLY D 83 38.58 56.50 -9.96
N GLU D 84 38.84 56.34 -11.26
CA GLU D 84 37.91 56.75 -12.30
C GLU D 84 37.24 55.60 -13.04
N VAL D 85 35.93 55.78 -13.25
CA VAL D 85 35.09 54.86 -13.99
C VAL D 85 34.38 55.72 -15.04
N GLN D 86 34.11 55.15 -16.22
CA GLN D 86 33.37 55.87 -17.26
C GLN D 86 31.87 55.89 -16.90
N ASP D 87 31.09 54.96 -17.46
CA ASP D 87 29.67 54.90 -17.16
C ASP D 87 29.40 53.97 -15.97
N LEU D 88 28.28 54.19 -15.29
CA LEU D 88 27.91 53.35 -14.16
C LEU D 88 26.47 52.88 -14.35
N TYR D 89 26.24 51.61 -14.03
CA TYR D 89 24.92 51.03 -14.16
C TYR D 89 24.43 50.50 -12.84
N LEU D 90 23.19 50.86 -12.50
CA LEU D 90 22.51 50.30 -11.37
C LEU D 90 21.52 49.31 -11.98
N VAL D 91 21.73 48.03 -11.69
CA VAL D 91 20.98 46.93 -12.32
C VAL D 91 20.03 46.28 -11.32
N GLY D 92 18.73 46.42 -11.58
CA GLY D 92 17.71 45.82 -10.75
C GLY D 92 17.24 44.51 -11.32
N ARG D 93 17.18 43.47 -10.48
CA ARG D 93 16.63 42.19 -10.90
C ARG D 93 15.45 41.70 -10.05
N GLY D 94 14.50 42.61 -9.83
CA GLY D 94 13.20 42.26 -9.27
C GLY D 94 13.10 42.26 -7.76
N ASP D 95 13.93 43.06 -7.10
CA ASP D 95 13.85 43.21 -5.65
C ASP D 95 12.67 44.11 -5.27
N PRO D 96 11.66 43.54 -4.58
CA PRO D 96 10.50 44.33 -4.19
C PRO D 96 10.64 44.99 -2.82
N THR D 97 11.84 44.92 -2.24
CA THR D 97 12.12 45.38 -0.88
C THR D 97 13.40 46.23 -0.80
N LEU D 98 13.84 46.70 -1.96
CA LEU D 98 15.07 47.48 -2.07
C LEU D 98 14.87 48.88 -1.51
N SER D 99 15.54 49.19 -0.40
CA SER D 99 15.38 50.49 0.27
C SER D 99 16.42 51.54 -0.17
N ALA D 100 16.19 52.78 0.26
CA ALA D 100 17.17 53.86 0.05
C ALA D 100 18.42 53.70 0.94
N GLU D 101 18.24 53.08 2.09
CA GLU D 101 19.37 52.62 2.93
C GLU D 101 20.15 51.52 2.23
N ASP D 102 19.45 50.60 1.56
CA ASP D 102 20.06 49.58 0.72
C ASP D 102 20.86 50.19 -0.42
N LEU D 103 20.33 51.25 -1.02
CA LEU D 103 21.05 52.02 -2.04
C LEU D 103 22.27 52.73 -1.45
N ASP D 104 22.16 53.15 -0.19
CA ASP D 104 23.25 53.84 0.49
C ASP D 104 24.43 52.91 0.78
N ALA D 105 24.10 51.67 1.14
CA ALA D 105 25.11 50.67 1.44
C ALA D 105 25.86 50.22 0.19
N MET D 106 25.16 50.15 -0.94
CA MET D 106 25.78 49.89 -2.23
C MET D 106 26.60 51.08 -2.75
N ALA D 107 26.28 52.29 -2.32
CA ALA D 107 27.05 53.47 -2.68
C ALA D 107 28.37 53.51 -1.91
N ALA D 108 28.30 53.17 -0.62
CA ALA D 108 29.49 53.04 0.22
C ALA D 108 30.38 51.89 -0.27
N GLU D 109 29.75 50.85 -0.79
CA GLU D 109 30.45 49.70 -1.40
C GLU D 109 31.21 50.08 -2.68
N VAL D 110 30.68 51.05 -3.41
CA VAL D 110 31.30 51.56 -4.63
C VAL D 110 32.53 52.37 -4.24
N ALA D 111 32.39 53.14 -3.16
CA ALA D 111 33.49 53.94 -2.62
C ALA D 111 34.62 53.06 -2.08
N ALA D 112 34.25 51.99 -1.37
CA ALA D 112 35.21 51.05 -0.77
C ALA D 112 35.90 50.17 -1.81
N SER D 113 35.40 50.20 -3.05
CA SER D 113 36.05 49.48 -4.16
C SER D 113 36.97 50.39 -4.97
N GLY D 114 37.12 51.63 -4.52
CA GLY D 114 38.10 52.54 -5.12
C GLY D 114 37.57 53.66 -5.99
N VAL D 115 36.28 53.62 -6.30
CA VAL D 115 35.67 54.63 -7.16
C VAL D 115 35.42 55.92 -6.37
N ARG D 116 36.05 57.01 -6.81
CA ARG D 116 35.76 58.34 -6.25
C ARG D 116 35.12 59.27 -7.29
N THR D 117 35.30 58.95 -8.57
CA THR D 117 34.70 59.72 -9.66
C THR D 117 34.14 58.80 -10.75
N VAL D 118 32.87 59.01 -11.10
CA VAL D 118 32.31 58.49 -12.34
C VAL D 118 32.33 59.58 -13.43
N ARG D 119 33.22 59.39 -14.40
CA ARG D 119 33.47 60.33 -15.49
C ARG D 119 32.30 60.41 -16.47
N GLY D 120 31.59 59.29 -16.64
CA GLY D 120 30.48 59.20 -17.57
C GLY D 120 29.13 59.27 -16.90
N ASP D 121 28.13 58.61 -17.50
CA ASP D 121 26.74 58.70 -17.06
C ASP D 121 26.35 57.59 -16.07
N LEU D 122 25.39 57.89 -15.21
CA LEU D 122 24.78 56.88 -14.35
C LEU D 122 23.50 56.37 -15.02
N TYR D 123 23.40 55.06 -15.17
CA TYR D 123 22.22 54.47 -15.79
C TYR D 123 21.47 53.60 -14.80
N ALA D 124 20.15 53.61 -14.95
CA ALA D 124 19.27 52.74 -14.19
C ALA D 124 18.79 51.67 -15.14
N ASP D 125 19.16 50.43 -14.85
CA ASP D 125 18.86 49.28 -15.71
C ASP D 125 17.74 48.46 -15.10
N ASP D 126 16.55 48.52 -15.72
CA ASP D 126 15.43 47.69 -15.27
C ASP D 126 14.96 46.69 -16.33
N THR D 127 15.88 46.31 -17.23
CA THR D 127 15.59 45.50 -18.40
C THR D 127 15.31 44.05 -18.07
N TRP D 128 15.59 43.67 -16.82
CA TRP D 128 15.27 42.32 -16.33
C TRP D 128 13.77 42.05 -16.48
N PHE D 129 12.95 43.09 -16.38
CA PHE D 129 11.53 43.04 -16.75
C PHE D 129 11.33 43.91 -17.98
N ASP D 130 10.20 43.71 -18.68
CA ASP D 130 9.80 44.65 -19.74
C ASP D 130 9.46 46.01 -19.13
N SER D 131 9.10 46.98 -19.98
CA SER D 131 8.81 48.31 -19.50
C SER D 131 7.31 48.61 -19.50
N GLU D 132 6.49 47.56 -19.47
CA GLU D 132 5.05 47.75 -19.35
C GLU D 132 4.75 48.01 -17.89
N ARG D 133 4.41 49.26 -17.59
CA ARG D 133 4.33 49.77 -16.22
C ARG D 133 3.03 49.40 -15.52
N LEU D 134 1.96 49.28 -16.29
CA LEU D 134 0.64 49.04 -15.75
C LEU D 134 -0.09 48.00 -16.60
N VAL D 135 -1.06 47.32 -15.98
CA VAL D 135 -1.94 46.40 -16.68
C VAL D 135 -2.95 47.22 -17.50
N ASP D 136 -3.19 46.81 -18.75
CA ASP D 136 -4.12 47.51 -19.64
C ASP D 136 -5.45 47.93 -18.98
N ASP D 137 -6.10 47.02 -18.25
CA ASP D 137 -7.44 47.32 -17.71
C ASP D 137 -7.46 47.95 -16.31
N TRP D 138 -6.29 48.28 -15.79
CA TRP D 138 -6.18 49.10 -14.60
C TRP D 138 -6.69 50.50 -14.94
N TRP D 139 -7.25 51.20 -13.95
CA TRP D 139 -7.93 52.47 -14.14
C TRP D 139 -6.99 53.66 -13.94
N PRO D 140 -6.84 54.52 -14.98
CA PRO D 140 -5.92 55.69 -14.89
C PRO D 140 -6.13 56.53 -13.65
N GLU D 141 -7.35 56.50 -13.10
CA GLU D 141 -7.72 57.25 -11.90
C GLU D 141 -6.96 56.83 -10.64
N ASP D 142 -6.52 55.58 -10.60
CA ASP D 142 -5.85 55.05 -9.40
C ASP D 142 -4.36 55.30 -9.39
N GLU D 143 -3.82 55.73 -10.52
CA GLU D 143 -2.37 55.85 -10.75
C GLU D 143 -1.54 56.68 -9.75
N PRO D 144 -2.09 57.78 -9.18
CA PRO D 144 -1.35 58.49 -8.13
C PRO D 144 -1.13 57.67 -6.83
N TYR D 145 -1.92 56.64 -6.60
CA TYR D 145 -1.93 55.97 -5.30
C TYR D 145 -1.05 54.76 -5.26
N ALA D 146 -0.48 54.51 -4.08
CA ALA D 146 0.59 53.52 -3.88
C ALA D 146 0.26 52.15 -4.45
N TYR D 147 -1.01 51.77 -4.36
CA TYR D 147 -1.48 50.46 -4.81
C TYR D 147 -1.51 50.30 -6.34
N SER D 148 -1.37 51.40 -7.08
CA SER D 148 -1.31 51.36 -8.53
C SER D 148 0.07 51.78 -9.06
N ALA D 149 1.08 51.72 -8.21
CA ALA D 149 2.46 52.02 -8.58
C ALA D 149 2.92 51.26 -9.84
N GLN D 150 3.79 51.93 -10.61
CA GLN D 150 4.34 51.41 -11.86
C GLN D 150 5.31 50.26 -11.60
N ILE D 151 5.28 49.27 -12.50
CA ILE D 151 6.02 48.02 -12.29
C ILE D 151 7.37 48.05 -12.99
N SER D 152 8.43 47.86 -12.21
CA SER D 152 9.79 47.88 -12.71
C SER D 152 10.66 46.85 -12.01
N ALA D 153 11.66 46.36 -12.71
CA ALA D 153 12.67 45.49 -12.12
C ALA D 153 13.55 46.28 -11.14
N LEU D 154 13.69 47.58 -11.40
CA LEU D 154 14.44 48.47 -10.52
C LEU D 154 13.49 49.49 -9.89
N THR D 155 13.22 49.31 -8.59
CA THR D 155 12.29 50.17 -7.88
C THR D 155 12.70 50.27 -6.42
N VAL D 156 12.56 51.46 -5.85
CA VAL D 156 12.88 51.69 -4.45
C VAL D 156 11.64 51.51 -3.58
N ALA D 157 11.77 50.69 -2.54
CA ALA D 157 10.67 50.38 -1.62
C ALA D 157 10.72 51.28 -0.39
N HIS D 158 9.58 51.88 -0.05
CA HIS D 158 9.53 52.80 1.09
C HIS D 158 9.02 52.14 2.35
N GLY D 159 9.74 52.39 3.45
CA GLY D 159 9.35 51.95 4.78
C GLY D 159 9.52 50.47 5.01
N GLU D 160 9.20 50.03 6.22
CA GLU D 160 9.27 48.62 6.62
C GLU D 160 8.16 47.77 6.01
N ARG D 161 7.14 48.42 5.45
CA ARG D 161 6.08 47.72 4.73
C ARG D 161 6.49 47.49 3.26
N PHE D 162 7.49 48.24 2.80
CA PHE D 162 8.15 48.06 1.49
C PHE D 162 7.31 48.50 0.29
N ASP D 163 6.60 49.60 0.45
CA ASP D 163 5.78 50.16 -0.61
C ASP D 163 6.64 50.64 -1.77
N THR D 164 6.53 49.96 -2.92
CA THR D 164 7.40 50.20 -4.08
C THR D 164 6.91 51.34 -4.97
N GLY D 165 7.87 52.04 -5.59
CA GLY D 165 7.59 52.99 -6.68
C GLY D 165 6.88 54.27 -6.26
N VAL D 166 6.95 54.58 -4.97
CA VAL D 166 6.31 55.76 -4.41
C VAL D 166 7.29 56.67 -3.66
N THR D 167 6.81 57.87 -3.35
CA THR D 167 7.53 58.80 -2.52
C THR D 167 6.61 59.20 -1.38
N GLU D 168 7.16 59.56 -0.23
CA GLU D 168 6.34 60.09 0.84
C GLU D 168 6.23 61.62 0.76
N VAL D 169 5.00 62.11 0.63
CA VAL D 169 4.72 63.54 0.56
C VAL D 169 4.30 64.03 1.94
N SER D 170 4.97 65.07 2.43
CA SER D 170 4.62 65.65 3.73
C SER D 170 4.11 67.07 3.52
N VAL D 171 2.88 67.31 3.96
CA VAL D 171 2.30 68.64 3.91
C VAL D 171 2.17 69.16 5.34
N THR D 172 2.80 70.31 5.58
CA THR D 172 2.92 70.88 6.92
C THR D 172 2.32 72.29 6.92
N PRO D 173 1.40 72.55 7.87
CA PRO D 173 0.75 73.86 7.90
C PRO D 173 1.77 74.96 8.16
N ALA D 174 1.54 76.12 7.57
CA ALA D 174 2.34 77.30 7.88
C ALA D 174 1.48 78.19 8.75
N ALA D 175 1.52 79.50 8.50
CA ALA D 175 0.63 80.42 9.14
C ALA D 175 -0.66 80.55 8.34
N GLU D 176 -1.74 80.90 9.03
CA GLU D 176 -3.04 81.18 8.41
C GLU D 176 -2.91 82.19 7.27
N GLY D 177 -3.39 81.80 6.09
CA GLY D 177 -3.25 82.61 4.89
C GLY D 177 -2.03 82.21 4.07
N GLU D 178 -0.94 81.87 4.76
CA GLU D 178 0.30 81.42 4.10
C GLU D 178 0.07 80.08 3.41
N PRO D 179 0.75 79.85 2.27
CA PRO D 179 0.75 78.51 1.66
C PRO D 179 1.33 77.45 2.59
N ALA D 180 0.80 76.23 2.50
CA ALA D 180 1.33 75.09 3.25
C ALA D 180 2.71 74.70 2.73
N ASP D 181 3.55 74.15 3.62
CA ASP D 181 4.86 73.65 3.22
C ASP D 181 4.78 72.17 2.83
N VAL D 182 5.22 71.88 1.60
CA VAL D 182 5.13 70.55 1.01
C VAL D 182 6.53 69.99 0.81
N ASP D 183 6.74 68.77 1.32
CA ASP D 183 7.96 68.03 1.10
C ASP D 183 7.63 66.79 0.25
N LEU D 184 8.38 66.59 -0.83
CA LEU D 184 8.16 65.47 -1.75
C LEU D 184 8.84 64.18 -1.31
N GLY D 185 9.72 64.26 -0.31
CA GLY D 185 10.44 63.08 0.19
C GLY D 185 11.51 62.63 -0.79
N ALA D 186 11.64 61.32 -0.95
CA ALA D 186 12.67 60.75 -1.85
C ALA D 186 12.66 61.40 -3.24
N ALA D 187 11.47 61.75 -3.73
CA ALA D 187 11.30 62.33 -5.07
C ALA D 187 11.56 63.85 -5.15
N GLU D 188 11.96 64.47 -4.05
CA GLU D 188 12.36 65.88 -4.07
C GLU D 188 13.50 66.03 -5.07
N GLY D 189 13.28 66.85 -6.11
CA GLY D 189 14.28 67.06 -7.16
C GLY D 189 14.25 66.04 -8.30
N TYR D 190 13.22 65.19 -8.32
CA TYR D 190 12.98 64.27 -9.42
C TYR D 190 11.59 64.52 -10.03
N ALA D 191 10.58 64.47 -9.17
CA ALA D 191 9.22 64.85 -9.54
C ALA D 191 9.05 66.36 -9.40
N GLU D 192 8.13 66.92 -10.17
CA GLU D 192 7.82 68.34 -10.08
C GLU D 192 6.78 68.59 -9.00
N LEU D 193 6.87 69.77 -8.37
CA LEU D 193 5.93 70.17 -7.35
C LEU D 193 5.02 71.27 -7.89
N ASP D 194 3.72 71.10 -7.69
CA ASP D 194 2.75 72.16 -7.98
C ASP D 194 1.89 72.34 -6.73
N ASN D 195 2.34 73.24 -5.87
CA ASN D 195 1.68 73.47 -4.60
C ASN D 195 0.71 74.64 -4.63
N ARG D 196 -0.58 74.33 -4.56
CA ARG D 196 -1.64 75.33 -4.57
C ARG D 196 -2.33 75.38 -3.22
N ALA D 197 -1.77 74.62 -2.27
CA ALA D 197 -2.36 74.44 -0.96
C ALA D 197 -2.02 75.59 -0.02
N VAL D 198 -3.00 75.96 0.79
CA VAL D 198 -2.88 77.06 1.74
C VAL D 198 -3.13 76.58 3.17
N THR D 199 -2.63 77.32 4.15
CA THR D 199 -2.95 77.07 5.55
C THR D 199 -4.24 77.81 5.90
N GLY D 200 -5.20 77.08 6.47
CA GLY D 200 -6.44 77.68 6.91
C GLY D 200 -6.33 78.09 8.36
N ALA D 201 -7.41 78.67 8.89
CA ALA D 201 -7.47 79.09 10.29
C ALA D 201 -7.43 77.86 11.17
N ALA D 202 -6.97 78.03 12.41
CA ALA D 202 -6.95 76.94 13.38
C ALA D 202 -8.37 76.38 13.53
N GLY D 203 -8.49 75.06 13.45
CA GLY D 203 -9.78 74.39 13.61
C GLY D 203 -10.53 74.15 12.31
N SER D 204 -10.35 75.05 11.34
CA SER D 204 -10.96 74.95 10.01
C SER D 204 -10.81 73.58 9.36
N ALA D 205 -11.73 73.28 8.43
CA ALA D 205 -11.82 71.96 7.81
C ALA D 205 -10.63 71.63 6.92
N ASN D 206 -10.08 70.43 7.10
CA ASN D 206 -9.03 69.93 6.23
C ASN D 206 -9.65 69.53 4.89
N THR D 207 -9.26 70.24 3.83
CA THR D 207 -9.77 69.97 2.48
C THR D 207 -8.62 69.63 1.51
N LEU D 208 -7.50 69.23 2.10
CA LEU D 208 -6.27 68.95 1.36
C LEU D 208 -6.41 67.77 0.42
N VAL D 209 -5.91 67.95 -0.80
CA VAL D 209 -5.88 66.88 -1.82
C VAL D 209 -4.49 66.83 -2.42
N ILE D 210 -3.92 65.63 -2.48
CA ILE D 210 -2.60 65.41 -3.06
C ILE D 210 -2.74 64.44 -4.24
N ASP D 211 -2.28 64.88 -5.41
CA ASP D 211 -2.58 64.21 -6.66
C ASP D 211 -1.35 64.16 -7.55
N ARG D 212 -1.33 63.21 -8.48
CA ARG D 212 -0.43 63.23 -9.63
C ARG D 212 -1.27 63.10 -10.90
N PRO D 213 -1.53 64.23 -11.60
CA PRO D 213 -2.36 64.20 -12.82
C PRO D 213 -1.85 63.18 -13.84
N VAL D 214 -2.76 62.48 -14.53
CA VAL D 214 -2.37 61.40 -15.46
C VAL D 214 -1.30 61.79 -16.48
N GLY D 215 -0.28 60.95 -16.57
CA GLY D 215 0.78 61.11 -17.56
C GLY D 215 1.73 62.26 -17.25
N THR D 216 1.82 62.64 -15.97
CA THR D 216 2.77 63.64 -15.54
C THR D 216 3.64 63.07 -14.45
N ASN D 217 4.78 63.70 -14.18
CA ASN D 217 5.57 63.41 -12.99
C ASN D 217 5.50 64.61 -12.04
N THR D 218 4.29 65.14 -11.87
CA THR D 218 4.06 66.31 -11.02
C THR D 218 3.16 65.93 -9.85
N ILE D 219 3.60 66.24 -8.64
CA ILE D 219 2.74 66.13 -7.45
C ILE D 219 1.99 67.45 -7.29
N ALA D 220 0.66 67.40 -7.42
CA ALA D 220 -0.19 68.58 -7.36
C ALA D 220 -0.98 68.63 -6.05
N VAL D 221 -0.68 69.63 -5.22
CA VAL D 221 -1.35 69.80 -3.92
C VAL D 221 -2.35 70.95 -3.99
N THR D 222 -3.61 70.65 -3.65
CA THR D 222 -4.67 71.65 -3.58
C THR D 222 -5.40 71.55 -2.24
N GLY D 223 -6.23 72.54 -1.94
CA GLY D 223 -7.04 72.52 -0.73
C GLY D 223 -6.43 73.24 0.45
N SER D 224 -6.96 72.96 1.63
CA SER D 224 -6.66 73.74 2.83
C SER D 224 -6.38 72.87 4.04
N LEU D 225 -5.41 73.32 4.84
CA LEU D 225 -5.00 72.61 6.04
C LEU D 225 -5.07 73.61 7.21
N PRO D 226 -5.73 73.23 8.32
CA PRO D 226 -5.81 74.15 9.46
C PRO D 226 -4.45 74.42 10.11
N ALA D 227 -4.26 75.63 10.63
CA ALA D 227 -3.00 76.06 11.22
C ALA D 227 -2.48 75.11 12.31
N ASP D 228 -3.42 74.47 13.01
CA ASP D 228 -3.09 73.59 14.14
C ASP D 228 -3.05 72.10 13.80
N ALA D 229 -3.14 71.79 12.50
CA ALA D 229 -3.13 70.41 12.03
C ALA D 229 -1.79 69.71 12.28
N ALA D 230 -1.86 68.41 12.50
CA ALA D 230 -0.68 67.56 12.50
C ALA D 230 -0.28 67.34 11.04
N PRO D 231 1.03 67.33 10.75
CA PRO D 231 1.46 67.10 9.37
C PRO D 231 0.72 65.94 8.72
N VAL D 232 0.28 66.16 7.48
CA VAL D 232 -0.46 65.16 6.71
C VAL D 232 0.51 64.48 5.75
N THR D 233 0.77 63.19 5.97
CA THR D 233 1.64 62.43 5.08
C THR D 233 0.83 61.52 4.16
N ALA D 234 1.36 61.30 2.96
CA ALA D 234 0.70 60.48 1.95
C ALA D 234 1.72 59.86 1.00
N LEU D 235 1.49 58.61 0.64
CA LEU D 235 2.35 57.95 -0.33
C LEU D 235 1.75 58.13 -1.71
N ARG D 236 2.56 58.70 -2.60
CA ARG D 236 2.15 58.94 -3.98
C ARG D 236 3.18 58.39 -4.95
N THR D 237 2.68 57.83 -6.05
CA THR D 237 3.52 57.24 -7.07
C THR D 237 4.29 58.31 -7.86
N VAL D 238 5.36 57.88 -8.50
CA VAL D 238 6.07 58.71 -9.44
C VAL D 238 6.12 57.98 -10.78
N ASP D 239 6.33 58.73 -11.86
CA ASP D 239 6.62 58.15 -13.17
C ASP D 239 8.03 57.57 -13.18
N GLU D 240 8.17 56.37 -13.75
CA GLU D 240 9.46 55.65 -13.89
C GLU D 240 10.22 55.41 -12.59
N PRO D 241 9.81 54.39 -11.81
CA PRO D 241 10.48 54.01 -10.57
C PRO D 241 12.02 53.88 -10.66
N ALA D 242 12.52 53.40 -11.80
CA ALA D 242 13.94 53.16 -11.98
C ALA D 242 14.73 54.46 -12.12
N ALA D 243 14.15 55.43 -12.79
CA ALA D 243 14.75 56.76 -12.90
C ALA D 243 14.83 57.42 -11.54
N LEU D 244 13.83 57.18 -10.69
CA LEU D 244 13.89 57.66 -9.30
C LEU D 244 15.00 56.94 -8.55
N ALA D 245 15.15 55.64 -8.80
CA ALA D 245 16.19 54.84 -8.16
C ALA D 245 17.56 55.38 -8.52
N GLY D 246 17.75 55.66 -9.80
CA GLY D 246 18.97 56.31 -10.29
C GLY D 246 19.19 57.66 -9.64
N HIS D 247 18.10 58.42 -9.47
CA HIS D 247 18.15 59.69 -8.74
C HIS D 247 18.66 59.51 -7.30
N LEU D 248 18.08 58.55 -6.59
CA LEU D 248 18.49 58.31 -5.20
C LEU D 248 19.88 57.70 -5.08
N PHE D 249 20.29 56.92 -6.09
CA PHE D 249 21.62 56.31 -6.07
C PHE D 249 22.72 57.32 -6.42
N GLU D 250 22.38 58.35 -7.20
CA GLU D 250 23.30 59.43 -7.53
C GLU D 250 23.60 60.26 -6.28
N GLU D 251 22.56 60.57 -5.51
CA GLU D 251 22.69 61.34 -4.28
C GLU D 251 23.36 60.51 -3.19
N ALA D 252 23.16 59.20 -3.24
CA ALA D 252 23.83 58.27 -2.32
C ALA D 252 25.31 58.15 -2.67
N LEU D 253 25.63 58.12 -3.96
CA LEU D 253 27.03 58.16 -4.41
C LEU D 253 27.69 59.49 -4.04
N GLU D 254 27.06 60.59 -4.45
CA GLU D 254 27.49 61.94 -4.14
C GLU D 254 27.13 62.27 -2.69
N SER D 255 27.71 61.50 -1.77
CA SER D 255 27.36 61.49 -0.35
C SER D 255 28.30 60.51 0.32
N ASN D 256 28.66 59.47 -0.43
CA ASN D 256 29.69 58.52 -0.03
C ASN D 256 31.02 58.85 -0.71
N GLY D 257 31.12 60.08 -1.21
CA GLY D 257 32.36 60.61 -1.81
C GLY D 257 32.55 60.29 -3.28
N VAL D 258 31.47 59.88 -3.96
CA VAL D 258 31.53 59.55 -5.38
C VAL D 258 30.84 60.62 -6.23
N THR D 259 31.62 61.23 -7.13
CA THR D 259 31.12 62.32 -7.97
C THR D 259 30.65 61.78 -9.32
N VAL D 260 29.41 62.07 -9.67
CA VAL D 260 28.85 61.73 -10.98
C VAL D 260 28.98 62.94 -11.90
N LYS D 261 29.77 62.80 -12.97
CA LYS D 261 30.03 63.90 -13.88
C LYS D 261 28.96 64.05 -14.95
N GLY D 262 28.51 62.92 -15.49
CA GLY D 262 27.53 62.91 -16.58
C GLY D 262 26.08 62.99 -16.14
N ASP D 263 25.20 62.36 -16.93
CA ASP D 263 23.76 62.42 -16.71
C ASP D 263 23.21 61.20 -15.95
N VAL D 264 21.97 61.31 -15.50
CA VAL D 264 21.26 60.16 -14.93
C VAL D 264 20.09 59.82 -15.84
N GLY D 265 20.04 58.56 -16.29
CA GLY D 265 18.95 58.09 -17.13
C GLY D 265 18.73 56.59 -17.09
N LEU D 266 17.84 56.12 -17.96
CA LEU D 266 17.58 54.70 -18.11
C LEU D 266 18.42 54.12 -19.24
N GLY D 267 19.05 52.98 -18.98
CA GLY D 267 19.80 52.25 -19.99
C GLY D 267 20.14 50.85 -19.53
N GLY D 268 20.22 49.92 -20.48
CA GLY D 268 20.67 48.56 -20.21
C GLY D 268 22.18 48.42 -20.40
N VAL D 269 22.82 47.71 -19.47
CA VAL D 269 24.24 47.36 -19.57
C VAL D 269 24.55 46.88 -20.99
N PRO D 270 25.56 47.49 -21.64
CA PRO D 270 25.91 47.13 -23.02
C PRO D 270 26.23 45.64 -23.16
N ALA D 271 25.77 45.04 -24.26
CA ALA D 271 26.00 43.62 -24.52
C ALA D 271 27.47 43.30 -24.80
N ASP D 272 28.22 44.28 -25.29
CA ASP D 272 29.64 44.08 -25.67
C ASP D 272 30.61 43.99 -24.47
N TRP D 273 30.11 44.30 -23.27
CA TRP D 273 30.89 44.16 -22.05
C TRP D 273 31.03 42.68 -21.69
N GLN D 274 32.07 42.04 -22.23
CA GLN D 274 32.38 40.64 -21.93
C GLN D 274 32.86 40.54 -20.48
N ASP D 275 33.90 41.31 -20.16
CA ASP D 275 34.36 41.50 -18.79
C ASP D 275 33.62 42.68 -18.20
N ALA D 276 33.17 42.52 -16.95
CA ALA D 276 32.34 43.53 -16.27
C ALA D 276 32.54 43.44 -14.76
N GLU D 277 32.74 44.60 -14.13
CA GLU D 277 33.06 44.66 -12.71
C GLU D 277 31.86 44.94 -11.80
N VAL D 278 31.54 43.99 -10.92
CA VAL D 278 30.53 44.21 -9.89
C VAL D 278 31.21 44.92 -8.71
N LEU D 279 30.90 46.21 -8.58
CA LEU D 279 31.51 47.08 -7.59
C LEU D 279 30.70 47.11 -6.30
N ALA D 280 29.42 46.78 -6.42
CA ALA D 280 28.50 46.66 -5.28
C ALA D 280 27.36 45.74 -5.66
N ASP D 281 26.84 45.01 -4.67
CA ASP D 281 25.58 44.31 -4.80
C ASP D 281 24.77 44.32 -3.51
N HIS D 282 23.47 44.10 -3.67
CA HIS D 282 22.60 43.86 -2.54
C HIS D 282 21.88 42.54 -2.78
N THR D 283 21.49 41.88 -1.69
CA THR D 283 20.67 40.68 -1.75
C THR D 283 19.51 40.88 -0.80
N SER D 284 18.30 40.77 -1.31
CA SER D 284 17.09 40.83 -0.49
C SER D 284 17.04 39.69 0.54
N ALA D 285 16.12 39.83 1.51
CA ALA D 285 15.70 38.71 2.33
C ALA D 285 14.98 37.68 1.46
N GLU D 286 14.97 36.43 1.90
CA GLU D 286 14.37 35.33 1.14
C GLU D 286 12.86 35.52 0.96
N LEU D 287 12.30 34.89 -0.08
CA LEU D 287 10.90 35.10 -0.45
C LEU D 287 9.94 34.90 0.71
N SER D 288 10.26 33.95 1.59
CA SER D 288 9.42 33.64 2.74
C SER D 288 9.31 34.84 3.69
N GLU D 289 10.40 35.61 3.78
CA GLU D 289 10.41 36.82 4.58
C GLU D 289 9.61 37.89 3.86
N ILE D 290 9.83 38.02 2.55
CA ILE D 290 9.13 39.00 1.71
C ILE D 290 7.61 38.77 1.67
N LEU D 291 7.18 37.51 1.70
CA LEU D 291 5.75 37.16 1.68
C LEU D 291 4.93 37.83 2.79
N VAL D 292 5.58 38.10 3.92
CA VAL D 292 4.94 38.73 5.09
C VAL D 292 4.38 40.15 4.78
N PRO D 293 5.25 41.15 4.48
CA PRO D 293 4.66 42.46 4.15
C PRO D 293 3.79 42.41 2.89
N PHE D 294 4.09 41.47 1.99
CA PHE D 294 3.31 41.29 0.77
C PHE D 294 1.87 40.90 1.09
N MET D 295 1.71 39.84 1.89
CA MET D 295 0.38 39.29 2.15
C MET D 295 -0.38 39.93 3.32
N LYS D 296 0.34 40.37 4.35
CA LYS D 296 -0.30 41.04 5.50
C LYS D 296 -0.96 42.36 5.09
N PHE D 297 -0.26 43.14 4.26
CA PHE D 297 -0.73 44.48 3.91
C PHE D 297 -1.35 44.57 2.52
N SER D 298 -1.24 43.50 1.74
CA SER D 298 -1.85 43.38 0.41
C SER D 298 -1.12 44.27 -0.60
N ASN D 299 0.16 43.98 -0.80
CA ASN D 299 1.04 44.82 -1.60
C ASN D 299 0.98 44.45 -3.09
N ASN D 300 0.33 45.30 -3.89
CA ASN D 300 0.13 45.06 -5.32
C ASN D 300 1.41 45.03 -6.17
N GLY D 301 2.36 45.90 -5.83
CA GLY D 301 3.64 45.97 -6.52
C GLY D 301 4.40 44.67 -6.38
N HIS D 302 4.45 44.14 -5.15
CA HIS D 302 5.09 42.84 -4.89
C HIS D 302 4.52 41.77 -5.78
N ALA D 303 3.19 41.69 -5.80
CA ALA D 303 2.45 40.68 -6.58
C ALA D 303 2.83 40.65 -8.05
N GLU D 304 2.83 41.82 -8.68
CA GLU D 304 3.16 41.98 -10.09
C GLU D 304 4.64 41.76 -10.39
N MET D 305 5.51 42.26 -9.52
CA MET D 305 6.95 41.98 -9.63
C MET D 305 7.23 40.47 -9.50
N LEU D 306 6.54 39.81 -8.57
CA LEU D 306 6.66 38.35 -8.42
C LEU D 306 6.23 37.58 -9.67
N VAL D 307 5.17 38.05 -10.32
CA VAL D 307 4.65 37.46 -11.55
C VAL D 307 5.68 37.56 -12.67
N LYS D 308 6.22 38.76 -12.89
CA LYS D 308 7.23 39.00 -13.90
C LYS D 308 8.54 38.22 -13.61
N SER D 309 8.83 38.01 -12.33
CA SER D 309 9.94 37.15 -11.92
C SER D 309 9.68 35.69 -12.27
N ILE D 310 8.42 35.25 -12.10
CA ILE D 310 8.00 33.90 -12.51
C ILE D 310 8.15 33.74 -14.02
N GLY D 311 7.89 34.81 -14.77
CA GLY D 311 8.04 34.79 -16.22
C GLY D 311 9.48 34.66 -16.65
N GLN D 312 10.39 35.20 -15.84
CA GLN D 312 11.83 35.07 -16.09
C GLN D 312 12.28 33.63 -15.80
N GLU D 313 11.90 33.10 -14.65
CA GLU D 313 12.29 31.75 -14.26
C GLU D 313 11.74 30.66 -15.19
N THR D 314 10.60 30.93 -15.82
CA THR D 314 9.96 29.91 -16.67
C THR D 314 10.13 30.13 -18.17
N ALA D 315 10.31 31.38 -18.58
CA ALA D 315 10.31 31.72 -19.99
C ALA D 315 11.34 32.79 -20.39
N GLY D 316 12.14 33.22 -19.41
CA GLY D 316 13.22 34.18 -19.67
C GLY D 316 12.71 35.53 -20.16
N ALA D 317 11.55 35.94 -19.64
CA ALA D 317 10.94 37.21 -20.00
C ALA D 317 10.18 37.77 -18.83
N GLY D 318 10.59 38.96 -18.39
CA GLY D 318 9.93 39.64 -17.28
C GLY D 318 8.69 40.35 -17.77
N THR D 319 7.65 39.57 -18.06
CA THR D 319 6.39 40.09 -18.60
C THR D 319 5.18 39.47 -17.90
N TRP D 320 4.03 40.15 -17.97
CA TRP D 320 2.77 39.60 -17.44
C TRP D 320 2.32 38.38 -18.24
N ASP D 321 2.40 38.45 -19.56
CA ASP D 321 2.02 37.34 -20.45
C ASP D 321 2.73 36.03 -20.09
N ALA D 322 4.05 36.11 -19.88
CA ALA D 322 4.84 34.96 -19.48
C ALA D 322 4.59 34.58 -18.02
N GLY D 323 4.70 35.55 -17.12
CA GLY D 323 4.41 35.34 -15.70
C GLY D 323 3.12 34.62 -15.42
N LEU D 324 2.03 35.12 -16.01
CA LEU D 324 0.69 34.55 -15.81
C LEU D 324 0.55 33.12 -16.33
N VAL D 325 1.19 32.80 -17.45
CA VAL D 325 1.26 31.41 -17.93
C VAL D 325 2.01 30.54 -16.90
N GLY D 326 3.13 31.04 -16.38
CA GLY D 326 3.88 30.36 -15.33
C GLY D 326 3.09 30.15 -14.04
N VAL D 327 2.25 31.12 -13.69
CA VAL D 327 1.38 31.02 -12.51
C VAL D 327 0.40 29.86 -12.67
N GLU D 328 -0.39 29.89 -13.75
CA GLU D 328 -1.36 28.83 -14.03
C GLU D 328 -0.72 27.43 -14.03
N GLU D 329 0.45 27.31 -14.65
CA GLU D 329 1.15 26.02 -14.72
C GLU D 329 1.66 25.54 -13.36
N ALA D 330 2.14 26.48 -12.56
CA ALA D 330 2.64 26.20 -11.21
C ALA D 330 1.51 25.69 -10.35
N LEU D 331 0.31 26.23 -10.57
CA LEU D 331 -0.88 25.87 -9.82
C LEU D 331 -1.39 24.49 -10.21
N SER D 332 -1.32 24.18 -11.50
CA SER D 332 -1.65 22.84 -11.99
C SER D 332 -0.70 21.77 -11.44
N GLY D 333 0.59 22.09 -11.36
CA GLY D 333 1.58 21.18 -10.81
C GLY D 333 1.43 20.98 -9.31
N LEU D 334 0.73 21.92 -8.67
CA LEU D 334 0.40 21.85 -7.25
C LEU D 334 -0.86 21.01 -7.01
N GLY D 335 -1.56 20.68 -8.09
CA GLY D 335 -2.79 19.88 -8.01
C GLY D 335 -4.06 20.73 -7.98
N VAL D 336 -3.91 22.05 -8.17
CA VAL D 336 -5.05 22.95 -8.23
C VAL D 336 -5.70 22.89 -9.62
N ASP D 337 -7.02 22.66 -9.63
CA ASP D 337 -7.84 22.70 -10.83
C ASP D 337 -8.09 24.17 -11.23
N THR D 338 -7.52 24.56 -12.37
CA THR D 338 -7.51 25.98 -12.77
C THR D 338 -8.58 26.36 -13.80
N ALA D 339 -9.51 25.45 -14.06
CA ALA D 339 -10.60 25.68 -15.02
C ALA D 339 -11.39 26.98 -14.76
N GLY D 340 -11.76 27.24 -13.51
CA GLY D 340 -12.54 28.44 -13.17
C GLY D 340 -11.76 29.75 -13.05
N LEU D 341 -10.43 29.66 -13.10
CA LEU D 341 -9.56 30.82 -12.97
C LEU D 341 -9.42 31.60 -14.26
N VAL D 342 -9.53 32.93 -14.15
CA VAL D 342 -9.03 33.82 -15.21
C VAL D 342 -7.98 34.77 -14.61
N LEU D 343 -6.78 34.71 -15.18
CA LEU D 343 -5.64 35.44 -14.65
C LEU D 343 -5.35 36.65 -15.54
N ASN D 344 -5.49 37.85 -14.98
CA ASN D 344 -5.14 39.08 -15.71
C ASN D 344 -4.03 39.89 -15.04
N ASP D 345 -3.84 39.68 -13.74
CA ASP D 345 -2.65 40.14 -13.05
C ASP D 345 -2.38 39.25 -11.84
N GLY D 346 -1.31 39.55 -11.12
CA GLY D 346 -0.95 38.83 -9.90
C GLY D 346 -1.50 39.43 -8.62
N SER D 347 -1.75 40.74 -8.64
CA SER D 347 -2.25 41.48 -7.48
C SER D 347 -3.76 41.39 -7.20
N GLY D 348 -4.57 41.29 -8.25
CA GLY D 348 -6.02 41.35 -8.10
C GLY D 348 -6.65 42.73 -8.31
N LEU D 349 -5.83 43.74 -8.55
CA LEU D 349 -6.32 45.08 -8.88
C LEU D 349 -7.21 45.00 -10.12
N SER D 350 -6.76 44.25 -11.12
CA SER D 350 -7.49 44.10 -12.37
C SER D 350 -8.88 43.49 -12.20
N ARG D 351 -9.87 44.17 -12.76
CA ARG D 351 -11.23 43.64 -12.86
C ARG D 351 -11.38 42.55 -13.92
N GLY D 352 -10.26 42.18 -14.55
CA GLY D 352 -10.26 41.15 -15.58
C GLY D 352 -9.96 39.79 -14.98
N ASN D 353 -9.83 39.75 -13.65
CA ASN D 353 -9.54 38.52 -12.92
C ASN D 353 -10.83 37.81 -12.58
N LEU D 354 -10.80 36.48 -12.59
CA LEU D 354 -11.92 35.66 -12.12
C LEU D 354 -11.42 34.48 -11.30
N VAL D 355 -12.14 34.17 -10.22
CA VAL D 355 -11.94 32.94 -9.46
C VAL D 355 -13.31 32.38 -9.12
N THR D 356 -13.32 31.17 -8.59
CA THR D 356 -14.50 30.62 -7.94
C THR D 356 -14.12 30.36 -6.49
N ALA D 357 -15.13 30.32 -5.62
CA ALA D 357 -14.94 29.93 -4.23
C ALA D 357 -14.31 28.54 -4.10
N ASP D 358 -14.72 27.62 -4.97
CA ASP D 358 -14.17 26.26 -5.00
C ASP D 358 -12.68 26.22 -5.33
N THR D 359 -12.24 27.07 -6.25
CA THR D 359 -10.82 27.14 -6.66
C THR D 359 -9.93 27.70 -5.54
N VAL D 360 -10.43 28.71 -4.84
CA VAL D 360 -9.72 29.26 -3.68
C VAL D 360 -9.55 28.18 -2.62
N VAL D 361 -10.65 27.48 -2.31
CA VAL D 361 -10.64 26.39 -1.34
C VAL D 361 -9.75 25.23 -1.80
N ASP D 362 -9.79 24.92 -3.10
CA ASP D 362 -8.91 23.91 -3.69
C ASP D 362 -7.46 24.27 -3.38
N LEU D 363 -7.09 25.53 -3.61
CA LEU D 363 -5.75 26.05 -3.36
C LEU D 363 -5.34 25.99 -1.89
N LEU D 364 -6.23 26.45 -1.01
CA LEU D 364 -5.98 26.45 0.43
C LEU D 364 -5.68 25.05 0.94
N GLY D 365 -6.38 24.07 0.37
CA GLY D 365 -6.16 22.65 0.69
C GLY D 365 -4.81 22.12 0.22
N GLN D 366 -4.40 22.48 -0.99
CA GLN D 366 -3.11 22.06 -1.55
C GLN D 366 -1.93 22.74 -0.89
N ALA D 367 -2.09 24.04 -0.61
CA ALA D 367 -1.04 24.83 0.03
C ALA D 367 -0.71 24.33 1.42
N GLY D 368 -1.73 23.90 2.15
CA GLY D 368 -1.55 23.35 3.49
C GLY D 368 -0.77 22.04 3.53
N SER D 369 -0.71 21.36 2.39
CA SER D 369 0.01 20.09 2.25
C SER D 369 1.37 20.28 1.59
N ALA D 370 1.54 21.41 0.91
CA ALA D 370 2.80 21.80 0.26
C ALA D 370 3.96 21.87 1.26
N PRO D 371 5.21 21.62 0.79
CA PRO D 371 6.33 21.71 1.74
C PRO D 371 6.51 23.08 2.38
N TRP D 372 6.11 24.14 1.67
CA TRP D 372 6.22 25.51 2.18
C TRP D 372 4.99 26.01 2.97
N ALA D 373 4.20 25.08 3.52
CA ALA D 373 2.92 25.42 4.17
C ALA D 373 3.08 26.35 5.37
N GLN D 374 4.28 26.35 5.95
CA GLN D 374 4.55 27.12 7.15
C GLN D 374 4.74 28.58 6.78
N THR D 375 5.65 28.83 5.85
CA THR D 375 5.95 30.20 5.42
C THR D 375 4.79 30.84 4.67
N TRP D 376 3.88 30.00 4.17
CA TRP D 376 2.65 30.46 3.52
C TRP D 376 1.62 30.93 4.57
N SER D 377 1.38 30.10 5.57
CA SER D 377 0.49 30.44 6.69
C SER D 377 0.98 31.66 7.45
N ALA D 378 2.30 31.80 7.53
CA ALA D 378 2.97 32.87 8.24
C ALA D 378 2.62 34.25 7.68
N SER D 379 2.31 34.29 6.39
CA SER D 379 2.10 35.52 5.65
C SER D 379 0.66 36.00 5.73
N LEU D 380 -0.24 35.11 6.10
CA LEU D 380 -1.66 35.44 6.16
C LEU D 380 -2.03 36.25 7.40
N PRO D 381 -2.81 37.35 7.21
CA PRO D 381 -3.34 38.13 8.32
C PRO D 381 -4.06 37.28 9.39
N VAL D 382 -3.83 37.61 10.65
CA VAL D 382 -4.46 36.91 11.77
C VAL D 382 -5.57 37.81 12.36
N ALA D 383 -6.80 37.28 12.37
CA ALA D 383 -7.97 38.02 12.81
C ALA D 383 -7.76 38.62 14.20
N GLY D 384 -7.94 39.94 14.30
CA GLY D 384 -8.02 40.62 15.60
C GLY D 384 -6.73 41.02 16.27
N GLU D 385 -5.61 40.87 15.56
CA GLU D 385 -4.30 41.18 16.12
C GLU D 385 -3.94 42.65 15.94
N SER D 386 -3.62 43.33 17.05
CA SER D 386 -3.36 44.77 17.04
C SER D 386 -2.11 45.18 16.26
N ASP D 387 -1.09 44.31 16.27
CA ASP D 387 0.15 44.56 15.55
C ASP D 387 -0.13 44.47 14.05
N PRO D 388 0.07 45.60 13.30
CA PRO D 388 -0.11 45.65 11.85
C PRO D 388 0.57 44.49 11.13
N PHE D 389 1.80 44.16 11.52
CA PHE D 389 2.55 43.06 10.89
C PHE D 389 2.08 41.64 11.24
N VAL D 390 1.14 41.52 12.18
CA VAL D 390 0.55 40.23 12.52
C VAL D 390 -0.88 40.16 11.97
N GLY D 391 -1.71 41.13 12.37
CA GLY D 391 -3.11 41.17 11.95
C GLY D 391 -3.31 41.67 10.53
N GLY D 392 -2.33 42.42 10.02
CA GLY D 392 -2.36 42.94 8.66
C GLY D 392 -3.63 43.70 8.36
N THR D 393 -4.34 43.28 7.31
CA THR D 393 -5.60 43.91 6.91
C THR D 393 -6.78 43.47 7.76
N LEU D 394 -6.53 42.57 8.71
CA LEU D 394 -7.52 42.11 9.68
C LEU D 394 -7.23 42.58 11.11
N ALA D 395 -6.22 43.45 11.27
CA ALA D 395 -5.78 43.99 12.56
C ALA D 395 -6.91 44.53 13.44
N ASN D 396 -7.81 45.30 12.81
CA ASN D 396 -8.93 45.89 13.52
C ASN D 396 -10.24 45.17 13.21
N ARG D 397 -10.14 43.87 12.96
CA ARG D 397 -11.32 43.05 12.65
C ARG D 397 -11.41 41.83 13.54
N MET D 398 -12.63 41.48 13.93
CA MET D 398 -12.88 40.28 14.73
C MET D 398 -12.19 40.25 16.11
N ARG D 399 -11.85 41.43 16.64
CA ARG D 399 -11.32 41.54 18.00
C ARG D 399 -12.36 41.13 19.04
N GLY D 400 -11.90 40.50 20.11
CA GLY D 400 -12.76 40.06 21.20
C GLY D 400 -13.71 38.93 20.85
N THR D 401 -13.34 38.13 19.84
CA THR D 401 -14.17 37.00 19.40
C THR D 401 -13.41 35.69 19.41
N ALA D 402 -14.15 34.59 19.21
CA ALA D 402 -13.59 33.24 19.06
C ALA D 402 -12.59 33.16 17.91
N ALA D 403 -12.63 34.15 17.02
CA ALA D 403 -11.75 34.20 15.86
C ALA D 403 -10.43 34.95 16.11
N GLU D 404 -10.35 35.67 17.23
CA GLU D 404 -9.17 36.49 17.52
C GLU D 404 -7.91 35.65 17.71
N GLY D 405 -6.92 35.89 16.87
CA GLY D 405 -5.65 35.17 16.92
C GLY D 405 -5.71 33.77 16.34
N VAL D 406 -6.89 33.38 15.88
CA VAL D 406 -7.13 32.02 15.34
C VAL D 406 -7.18 32.05 13.81
N VAL D 407 -8.14 32.80 13.27
CA VAL D 407 -8.40 32.84 11.83
C VAL D 407 -7.25 33.49 11.07
N GLU D 408 -6.72 32.76 10.10
CA GLU D 408 -5.72 33.25 9.16
C GLU D 408 -6.41 33.37 7.83
N ALA D 409 -6.45 34.58 7.28
CA ALA D 409 -7.24 34.82 6.07
C ALA D 409 -6.78 36.02 5.28
N LYS D 410 -6.77 35.85 3.96
CA LYS D 410 -6.48 36.92 3.03
C LYS D 410 -7.77 37.65 2.63
N THR D 411 -7.73 38.97 2.70
CA THR D 411 -8.83 39.84 2.34
C THR D 411 -8.84 40.17 0.86
N GLY D 412 -10.00 40.56 0.35
CA GLY D 412 -10.13 41.11 -1.00
C GLY D 412 -10.99 42.34 -0.93
N THR D 413 -10.49 43.46 -1.44
CA THR D 413 -11.18 44.76 -1.30
C THR D 413 -11.12 45.60 -2.56
N MET D 414 -12.30 45.96 -3.07
CA MET D 414 -12.48 46.86 -4.21
C MET D 414 -13.91 47.36 -4.20
N SER D 415 -14.23 48.29 -5.09
CA SER D 415 -15.61 48.78 -5.25
C SER D 415 -16.55 47.65 -5.69
N GLY D 416 -17.49 47.29 -4.83
CA GLY D 416 -18.43 46.21 -5.13
C GLY D 416 -17.79 44.84 -5.20
N VAL D 417 -16.65 44.70 -4.53
CA VAL D 417 -15.94 43.41 -4.42
C VAL D 417 -15.36 43.28 -3.03
N SER D 418 -15.70 42.19 -2.35
CA SER D 418 -15.13 41.87 -1.06
C SER D 418 -14.93 40.37 -0.91
N ALA D 419 -13.86 39.99 -0.23
CA ALA D 419 -13.51 38.59 -0.08
C ALA D 419 -12.78 38.32 1.21
N LEU D 420 -13.01 37.13 1.77
CA LEU D 420 -12.27 36.63 2.92
C LEU D 420 -12.05 35.13 2.78
N SER D 421 -10.78 34.72 2.72
CA SER D 421 -10.44 33.33 2.44
C SER D 421 -9.22 32.86 3.22
N GLY D 422 -9.31 31.65 3.78
CA GLY D 422 -8.20 31.12 4.55
C GLY D 422 -8.53 29.93 5.43
N TYR D 423 -7.93 29.92 6.61
CA TYR D 423 -7.98 28.77 7.50
C TYR D 423 -8.61 29.08 8.84
N VAL D 424 -9.34 28.11 9.37
CA VAL D 424 -9.73 28.09 10.77
C VAL D 424 -9.03 26.88 11.42
N PRO D 425 -7.81 27.09 11.94
CA PRO D 425 -7.03 26.02 12.57
C PRO D 425 -7.56 25.68 13.97
N GLY D 426 -7.14 24.53 14.48
CA GLY D 426 -7.50 24.12 15.84
C GLY D 426 -6.90 22.78 16.22
N PRO D 427 -7.03 22.39 17.50
CA PRO D 427 -6.58 21.06 17.93
C PRO D 427 -7.32 19.94 17.21
N GLU D 428 -8.57 20.21 16.80
CA GLU D 428 -9.40 19.23 16.09
C GLU D 428 -8.73 18.84 14.77
N GLY D 429 -8.52 19.85 13.92
CA GLY D 429 -7.86 19.67 12.63
C GLY D 429 -7.61 21.04 12.01
N GLU D 430 -8.17 21.26 10.82
CA GLU D 430 -8.10 22.56 10.16
C GLU D 430 -9.25 22.73 9.18
N LEU D 431 -9.86 23.91 9.21
CA LEU D 431 -10.90 24.24 8.24
C LEU D 431 -10.35 25.20 7.20
N ALA D 432 -10.95 25.18 6.01
CA ALA D 432 -10.57 26.05 4.91
C ALA D 432 -11.84 26.66 4.32
N PHE D 433 -11.84 27.97 4.15
CA PHE D 433 -13.05 28.66 3.69
C PHE D 433 -12.75 29.74 2.65
N SER D 434 -13.74 30.05 1.84
CA SER D 434 -13.68 31.16 0.91
C SER D 434 -15.04 31.85 0.85
N ILE D 435 -15.00 33.17 1.03
CA ILE D 435 -16.17 34.02 0.99
C ILE D 435 -15.88 35.11 -0.02
N VAL D 436 -16.55 35.06 -1.16
CA VAL D 436 -16.33 36.06 -2.19
C VAL D 436 -17.66 36.73 -2.50
N ASN D 437 -17.69 38.04 -2.28
CA ASN D 437 -18.87 38.85 -2.52
C ASN D 437 -18.64 39.82 -3.68
N ASN D 438 -19.64 39.91 -4.55
CA ASN D 438 -19.59 40.76 -5.72
C ASN D 438 -20.91 41.51 -5.86
N GLY D 439 -20.87 42.73 -6.37
CA GLY D 439 -22.10 43.41 -6.78
C GLY D 439 -22.94 44.04 -5.70
N HIS D 440 -22.51 43.90 -4.44
CA HIS D 440 -23.12 44.65 -3.32
C HIS D 440 -22.96 46.15 -3.55
N SER D 441 -23.99 46.91 -3.21
CA SER D 441 -24.09 48.32 -3.57
C SER D 441 -24.04 49.28 -2.39
N GLY D 442 -23.77 48.75 -1.20
CA GLY D 442 -23.60 49.59 -0.01
C GLY D 442 -22.22 49.38 0.56
N PRO D 443 -22.10 49.33 1.91
CA PRO D 443 -20.84 49.05 2.58
C PRO D 443 -20.35 47.65 2.26
N ALA D 444 -19.04 47.45 2.33
CA ALA D 444 -18.49 46.11 2.20
C ALA D 444 -19.18 45.23 3.24
N PRO D 445 -19.54 43.99 2.85
CA PRO D 445 -20.13 43.07 3.82
C PRO D 445 -19.07 42.47 4.74
N LEU D 446 -18.35 43.34 5.45
CA LEU D 446 -17.31 42.86 6.39
C LEU D 446 -17.95 42.16 7.57
N ALA D 447 -19.12 42.66 8.00
CA ALA D 447 -19.88 42.04 9.09
C ALA D 447 -20.32 40.62 8.76
N VAL D 448 -20.77 40.40 7.52
CA VAL D 448 -21.19 39.08 7.05
C VAL D 448 -20.00 38.11 7.05
N GLN D 449 -18.84 38.64 6.70
CA GLN D 449 -17.61 37.84 6.67
C GLN D 449 -17.10 37.54 8.07
N ASP D 450 -16.98 38.58 8.88
CA ASP D 450 -16.58 38.41 10.28
C ASP D 450 -17.48 37.41 11.00
N ALA D 451 -18.79 37.50 10.76
CA ALA D 451 -19.78 36.61 11.39
C ALA D 451 -19.68 35.14 10.94
N ILE D 452 -19.29 34.93 9.68
CA ILE D 452 -19.08 33.57 9.18
C ILE D 452 -17.78 32.99 9.72
N ALA D 453 -16.72 33.80 9.70
CA ALA D 453 -15.41 33.41 10.23
C ALA D 453 -15.46 33.08 11.72
N VAL D 454 -16.20 33.89 12.48
CA VAL D 454 -16.36 33.71 13.92
C VAL D 454 -17.12 32.42 14.22
N ARG D 455 -18.26 32.26 13.56
CA ARG D 455 -19.10 31.06 13.70
C ARG D 455 -18.31 29.79 13.35
N LEU D 456 -17.41 29.91 12.37
CA LEU D 456 -16.54 28.80 11.98
C LEU D 456 -15.49 28.48 13.04
N ALA D 457 -14.95 29.52 13.68
CA ALA D 457 -14.04 29.36 14.81
C ALA D 457 -14.75 28.72 16.00
N GLU D 458 -16.02 29.08 16.17
CA GLU D 458 -16.86 28.56 17.24
C GLU D 458 -17.22 27.09 17.01
N TYR D 459 -17.35 26.73 15.74
CA TYR D 459 -17.56 25.34 15.33
C TYR D 459 -16.32 24.49 15.59
N ALA D 460 -15.15 25.10 15.46
CA ALA D 460 -13.87 24.44 15.74
C ALA D 460 -13.57 24.36 17.24
N GLY D 461 -14.43 24.95 18.05
CA GLY D 461 -14.34 24.84 19.51
C GLY D 461 -13.42 25.87 20.14
N HIS D 462 -13.37 27.07 19.55
CA HIS D 462 -12.61 28.18 20.09
C HIS D 462 -13.52 29.09 20.90
N GLN D 463 -13.04 29.54 22.06
CA GLN D 463 -13.77 30.48 22.91
C GLN D 463 -13.29 31.92 22.71
N ALA D 464 -14.24 32.86 22.69
CA ALA D 464 -13.91 34.29 22.64
C ALA D 464 -13.17 34.71 23.90
N PRO D 465 -12.01 35.37 23.73
CA PRO D 465 -11.16 35.69 24.88
C PRO D 465 -11.59 36.98 25.57
N GLU D 466 -12.31 36.85 26.67
CA GLU D 466 -12.74 38.01 27.47
C GLU D 466 -11.68 38.40 28.50
N GLY D 467 -11.59 39.56 28.91
#